data_9K2O
#
_entry.id   9K2O
#
_cell.length_a   1.00
_cell.length_b   1.00
_cell.length_c   1.00
_cell.angle_alpha   90.00
_cell.angle_beta   90.00
_cell.angle_gamma   90.00
#
_symmetry.space_group_name_H-M   'P 1'
#
_entity_poly.entity_id   1
_entity_poly.type   'polypeptide(L)'
_entity_poly.pdbx_seq_one_letter_code
;MSPILGYWKIKGLVQPTRLLLEYLEEKYEEHLYERDEGDKWRNKKFELGLEFPNLPYYIDGDVKLTQSMAIIRYIADKHN
MLGGCPKERAEISMLEGAVLDIRYGVSRIAYSKDFETLKVDFLSKLPEMLKMFEDRLCHKTYLNGDHVTHPDFMLYDALD
VVLYMDPMCLDAFPKLVCFKKRIEAIPQIDKYLKSSKYIAWPLQGWQATFGGGDHPPKSDLEVLFQGPLGSMALVPVGMA
PRQMRVNRCIFASIVSFDACITYKSPCSPDAYHDDGWFICNNHLIKRFKMSKMVLPIFDEDDNQFKMTIARHLVGNKERG
IKRILIPSATNYQDVFNLNSMMQAEQLIFHLIYNNENAVNTICDNLKYTEGFTSNTQRVIHSVYATTKSILDTTNPNTFC
SRVSADELRFFDVTNARALRGGAGDQLFNNYSGFLQNLIRRAVAPEYLQIDTEELRFRNCATCIIDETGLVASVPDGPEL
YNPIRSSDIMRSQPNRLQIRNVLKFEGDTRELDRTLSGYEEYPTYVPLFLGYQIINSENNFLRNDFIPRANPNATLGGGA
VAGPAPGVAGEAGGGIAVGGGGSGGGGSHHHHHHGGSGSSGGGGSSAHIVMVDAYKPTK
;
_entity_poly.pdbx_strand_id   A,B,C,D,E,F,G,H
#
# COMPACT_ATOMS: atom_id res chain seq x y z
N ARG A 245 -44.42 31.81 29.46
CA ARG A 245 -45.77 32.30 29.59
C ARG A 245 -45.81 33.71 30.18
N VAL A 246 -44.76 34.04 30.93
CA VAL A 246 -44.63 35.35 31.56
C VAL A 246 -43.39 36.04 31.00
N ASN A 247 -43.53 37.30 30.63
CA ASN A 247 -42.41 38.04 30.06
C ASN A 247 -41.38 38.35 31.14
N ARG A 248 -40.10 38.19 30.77
CA ARG A 248 -38.99 38.42 31.69
C ARG A 248 -38.07 39.53 31.20
N CYS A 249 -38.57 40.37 30.30
CA CYS A 249 -37.79 41.48 29.77
C CYS A 249 -38.09 42.74 30.56
N ILE A 250 -37.04 43.46 30.96
CA ILE A 250 -37.23 44.69 31.71
C ILE A 250 -37.87 45.76 30.83
N PHE A 251 -37.62 45.73 29.52
CA PHE A 251 -38.22 46.67 28.60
C PHE A 251 -39.56 46.21 28.06
N ALA A 252 -40.05 45.05 28.50
CA ALA A 252 -41.37 44.61 28.08
C ALA A 252 -42.48 45.37 28.79
N SER A 253 -42.20 45.92 29.97
CA SER A 253 -43.18 46.70 30.71
C SER A 253 -43.12 48.17 30.32
N ILE A 254 -43.24 48.45 29.03
CA ILE A 254 -43.21 49.81 28.49
C ILE A 254 -44.63 50.17 28.09
N VAL A 255 -45.19 51.17 28.77
CA VAL A 255 -46.53 51.66 28.49
C VAL A 255 -46.49 53.18 28.46
N SER A 256 -47.17 53.77 27.48
CA SER A 256 -47.27 55.22 27.39
C SER A 256 -48.46 55.66 28.21
N PHE A 257 -48.20 55.99 29.49
CA PHE A 257 -49.29 56.37 30.38
C PHE A 257 -49.67 57.83 30.21
N ASP A 258 -49.90 58.24 28.96
CA ASP A 258 -50.45 59.56 28.65
C ASP A 258 -51.95 59.50 28.45
N ALA A 259 -52.54 58.30 28.56
CA ALA A 259 -53.96 58.00 28.58
C ALA A 259 -54.64 58.12 27.21
N CYS A 260 -53.93 58.62 26.20
CA CYS A 260 -54.53 58.69 24.87
C CYS A 260 -53.59 58.17 23.79
N ILE A 261 -52.28 58.21 24.05
CA ILE A 261 -51.30 57.69 23.11
C ILE A 261 -51.01 56.23 23.46
N THR A 262 -50.72 55.44 22.44
CA THR A 262 -50.52 54.01 22.60
C THR A 262 -49.05 53.68 22.83
N TYR A 263 -48.77 52.38 22.95
CA TYR A 263 -47.42 51.88 23.16
C TYR A 263 -47.25 50.62 22.32
N LYS A 264 -46.14 49.91 22.53
CA LYS A 264 -45.87 48.69 21.79
C LYS A 264 -45.20 47.68 22.70
N SER A 265 -45.30 46.41 22.31
CA SER A 265 -44.63 45.29 22.98
C SER A 265 -43.89 44.49 21.92
N PRO A 266 -42.78 45.02 21.39
CA PRO A 266 -42.13 44.36 20.26
C PRO A 266 -41.14 43.28 20.67
N CYS A 267 -41.21 42.83 21.92
CA CYS A 267 -40.29 41.79 22.38
C CYS A 267 -40.47 40.51 21.57
N SER A 268 -39.33 39.89 21.24
CA SER A 268 -39.35 38.60 20.57
C SER A 268 -39.80 37.52 21.53
N PRO A 269 -40.27 36.37 21.02
CA PRO A 269 -40.75 35.31 21.91
C PRO A 269 -39.70 34.77 22.88
N ASP A 270 -38.42 35.05 22.63
CA ASP A 270 -37.37 34.59 23.56
C ASP A 270 -37.45 35.29 24.90
N ALA A 271 -38.22 36.36 25.03
CA ALA A 271 -38.35 37.04 26.32
C ALA A 271 -38.98 36.14 27.36
N TYR A 272 -39.97 35.34 26.95
CA TYR A 272 -40.62 34.44 27.89
C TYR A 272 -39.68 33.37 28.42
N HIS A 273 -38.71 32.97 27.61
CA HIS A 273 -37.75 31.94 28.03
C HIS A 273 -36.87 32.47 29.16
N ASP A 274 -36.61 31.60 30.14
CA ASP A 274 -35.73 31.95 31.26
C ASP A 274 -34.27 31.65 30.89
N ASP A 275 -33.81 32.35 29.85
CA ASP A 275 -32.45 32.15 29.35
C ASP A 275 -31.40 32.81 30.22
N GLY A 276 -31.79 33.68 31.15
CA GLY A 276 -30.84 34.41 31.96
C GLY A 276 -30.82 35.88 31.61
N TRP A 277 -30.98 36.20 30.33
CA TRP A 277 -31.10 37.59 29.91
C TRP A 277 -32.45 38.13 30.35
N PHE A 278 -32.44 39.20 31.13
CA PHE A 278 -33.69 39.86 31.52
C PHE A 278 -34.03 40.99 30.55
N ILE A 279 -34.00 40.66 29.26
CA ILE A 279 -34.31 41.61 28.20
C ILE A 279 -34.56 40.82 26.93
N CYS A 280 -35.57 41.23 26.17
CA CYS A 280 -35.86 40.55 24.92
C CYS A 280 -34.85 40.96 23.85
N ASN A 281 -34.71 40.10 22.84
CA ASN A 281 -33.72 40.35 21.80
C ASN A 281 -34.02 41.62 21.03
N ASN A 282 -35.29 41.94 20.80
CA ASN A 282 -35.64 43.13 20.04
C ASN A 282 -35.18 44.39 20.75
N HIS A 283 -35.46 44.50 22.05
CA HIS A 283 -34.96 45.65 22.80
C HIS A 283 -33.46 45.58 22.99
N LEU A 284 -32.89 44.39 23.14
CA LEU A 284 -31.43 44.27 23.25
C LEU A 284 -30.75 44.78 21.98
N ILE A 285 -31.43 44.69 20.83
CA ILE A 285 -30.84 45.17 19.59
C ILE A 285 -31.12 46.65 19.40
N LYS A 286 -32.35 47.09 19.69
CA LYS A 286 -32.71 48.47 19.40
C LYS A 286 -32.11 49.45 20.39
N ARG A 287 -31.80 49.00 21.61
CA ARG A 287 -31.21 49.93 22.58
C ARG A 287 -29.69 49.81 22.64
N PHE A 288 -29.19 48.61 22.93
CA PHE A 288 -27.76 48.35 22.88
C PHE A 288 -27.39 47.78 21.52
N LYS A 289 -26.14 47.99 21.11
CA LYS A 289 -25.64 47.40 19.87
C LYS A 289 -25.27 45.94 20.11
N MET A 290 -26.26 45.18 20.55
CA MET A 290 -26.05 43.85 21.09
C MET A 290 -27.10 42.88 20.56
N SER A 291 -26.66 41.68 20.23
CA SER A 291 -27.58 40.61 19.83
C SER A 291 -27.19 39.34 20.59
N LYS A 292 -28.10 38.39 20.65
CA LYS A 292 -27.92 37.19 21.45
C LYS A 292 -27.38 36.05 20.59
N MET A 293 -26.54 35.22 21.21
CA MET A 293 -26.11 33.95 20.64
C MET A 293 -25.91 32.95 21.76
N VAL A 294 -26.01 31.69 21.40
CA VAL A 294 -25.68 30.59 22.30
C VAL A 294 -24.31 30.08 21.91
N LEU A 295 -23.61 29.48 22.86
CA LEU A 295 -22.26 28.96 22.62
C LEU A 295 -22.13 27.56 23.22
N PRO A 296 -21.75 26.57 22.43
CA PRO A 296 -21.64 25.21 22.93
C PRO A 296 -20.24 24.88 23.46
N ILE A 297 -20.21 24.01 24.46
CA ILE A 297 -18.98 23.54 25.06
C ILE A 297 -19.03 22.02 25.08
N PHE A 298 -18.28 21.39 24.18
CA PHE A 298 -18.19 19.93 24.14
C PHE A 298 -16.98 19.48 24.97
N ASP A 299 -17.15 19.62 26.29
CA ASP A 299 -16.08 19.30 27.23
C ASP A 299 -16.03 17.80 27.48
N GLU A 300 -15.25 17.39 28.47
CA GLU A 300 -15.10 15.96 28.78
C GLU A 300 -16.40 15.34 29.26
N ASP A 301 -17.32 16.14 29.81
CA ASP A 301 -18.60 15.61 30.26
C ASP A 301 -19.47 15.14 29.11
N ASP A 302 -19.16 15.54 27.88
CA ASP A 302 -19.92 15.17 26.68
C ASP A 302 -21.37 15.64 26.78
N ASN A 303 -21.65 16.60 27.64
CA ASN A 303 -22.99 17.14 27.80
C ASN A 303 -23.20 18.34 26.90
N GLN A 304 -24.46 18.68 26.67
CA GLN A 304 -24.82 19.78 25.78
C GLN A 304 -24.79 21.09 26.55
N PHE A 305 -23.59 21.43 27.03
CA PHE A 305 -23.41 22.60 27.88
C PHE A 305 -23.43 23.86 27.01
N LYS A 306 -24.43 24.71 27.23
CA LYS A 306 -24.61 25.93 26.46
C LYS A 306 -24.47 27.15 27.35
N MET A 307 -23.65 28.09 26.93
CA MET A 307 -23.54 29.39 27.59
C MET A 307 -24.07 30.47 26.65
N THR A 308 -24.09 31.71 27.13
CA THR A 308 -24.64 32.83 26.40
C THR A 308 -23.54 33.79 26.01
N ILE A 309 -23.56 34.23 24.74
CA ILE A 309 -22.60 35.20 24.23
C ILE A 309 -23.37 36.25 23.45
N ALA A 310 -22.71 37.37 23.16
CA ALA A 310 -23.34 38.50 22.53
C ALA A 310 -22.71 38.81 21.18
N ARG A 311 -23.33 39.74 20.47
CA ARG A 311 -22.97 40.13 19.11
C ARG A 311 -22.99 41.64 18.96
N HIS A 312 -21.95 42.18 18.34
CA HIS A 312 -21.91 43.60 17.98
C HIS A 312 -22.97 43.91 16.92
N LEU A 313 -23.46 45.15 16.97
CA LEU A 313 -24.27 45.68 15.88
C LEU A 313 -23.62 46.94 15.28
N VAL A 314 -22.32 47.12 15.52
CA VAL A 314 -21.59 48.30 15.05
C VAL A 314 -20.53 47.86 14.05
N GLY A 315 -20.38 48.62 12.98
CA GLY A 315 -19.44 48.31 11.93
C GLY A 315 -18.06 48.93 12.15
N ASN A 316 -17.61 49.73 11.20
CA ASN A 316 -16.29 50.35 11.29
C ASN A 316 -16.37 51.86 11.12
N LYS A 317 -17.38 52.33 10.38
CA LYS A 317 -17.48 53.75 10.08
C LYS A 317 -17.74 54.57 11.34
N GLU A 318 -18.63 54.10 12.20
CA GLU A 318 -18.96 54.82 13.41
C GLU A 318 -17.83 54.70 14.42
N ARG A 319 -17.41 55.84 14.97
CA ARG A 319 -16.31 55.91 15.93
C ARG A 319 -16.80 56.56 17.22
N GLY A 320 -15.95 56.48 18.25
CA GLY A 320 -16.21 57.19 19.48
C GLY A 320 -17.40 56.63 20.23
N ILE A 321 -18.27 57.53 20.70
CA ILE A 321 -19.40 57.14 21.54
C ILE A 321 -20.37 56.24 20.78
N LYS A 322 -20.39 56.33 19.45
CA LYS A 322 -21.23 55.44 18.66
C LYS A 322 -20.83 53.98 18.80
N ARG A 323 -19.59 53.71 19.19
CA ARG A 323 -19.13 52.34 19.32
C ARG A 323 -19.46 51.72 20.67
N ILE A 324 -20.03 52.49 21.60
CA ILE A 324 -20.32 51.96 22.92
C ILE A 324 -21.46 50.94 22.82
N LEU A 325 -21.43 49.97 23.73
CA LEU A 325 -22.48 48.96 23.84
C LEU A 325 -23.29 49.10 25.11
N ILE A 326 -22.62 49.18 26.26
CA ILE A 326 -23.30 49.44 27.52
C ILE A 326 -22.59 50.57 28.24
N PRO A 327 -23.14 51.78 28.23
CA PRO A 327 -22.48 52.90 28.92
C PRO A 327 -22.57 52.77 30.43
N SER A 328 -21.63 53.41 31.10
CA SER A 328 -21.65 53.45 32.55
C SER A 328 -22.66 54.50 33.02
N ALA A 329 -22.79 54.60 34.35
CA ALA A 329 -23.73 55.57 34.91
C ALA A 329 -23.28 57.01 34.69
N THR A 330 -22.01 57.23 34.37
CA THR A 330 -21.50 58.58 34.23
C THR A 330 -21.96 59.23 32.93
N ASN A 331 -21.97 58.47 31.83
CA ASN A 331 -22.11 59.03 30.50
C ASN A 331 -23.15 58.27 29.68
N TYR A 332 -24.32 58.02 30.26
CA TYR A 332 -25.39 57.41 29.46
C TYR A 332 -26.48 58.39 29.07
N GLN A 333 -26.55 59.57 29.70
CA GLN A 333 -27.51 60.59 29.29
C GLN A 333 -27.36 60.93 27.81
N ASP A 334 -26.13 61.20 27.38
CA ASP A 334 -25.91 61.65 26.02
C ASP A 334 -26.11 60.51 25.02
N VAL A 335 -25.58 59.32 25.32
CA VAL A 335 -25.65 58.23 24.36
C VAL A 335 -27.08 57.72 24.21
N PHE A 336 -27.82 57.60 25.30
CA PHE A 336 -29.16 57.04 25.20
C PHE A 336 -30.19 58.06 24.71
N ASN A 337 -29.90 59.35 24.80
CA ASN A 337 -30.84 60.40 24.40
C ASN A 337 -32.19 60.19 25.10
N LEU A 338 -32.14 60.30 26.42
CA LEU A 338 -33.26 59.91 27.27
C LEU A 338 -34.53 60.66 26.88
N ASN A 339 -34.42 61.94 26.49
CA ASN A 339 -35.59 62.74 26.19
C ASN A 339 -36.43 62.18 25.04
N SER A 340 -35.80 61.41 24.13
CA SER A 340 -36.55 60.81 23.03
C SER A 340 -37.52 59.75 23.52
N MET A 341 -37.24 59.15 24.66
CA MET A 341 -37.96 57.99 25.16
C MET A 341 -39.24 58.42 25.85
N MET A 342 -40.09 57.44 26.15
CA MET A 342 -41.25 57.70 27.00
C MET A 342 -40.86 57.57 28.48
N GLN A 343 -41.68 58.18 29.34
CA GLN A 343 -41.33 58.26 30.76
C GLN A 343 -41.22 56.89 31.40
N ALA A 344 -42.02 55.93 30.96
CA ALA A 344 -41.83 54.57 31.44
C ALA A 344 -40.41 54.10 31.16
N GLU A 345 -39.89 54.40 29.97
CA GLU A 345 -38.55 53.93 29.63
C GLU A 345 -37.46 54.76 30.29
N GLN A 346 -37.65 56.07 30.48
CA GLN A 346 -36.68 56.81 31.28
C GLN A 346 -36.63 56.28 32.70
N LEU A 347 -37.78 56.00 33.30
CA LEU A 347 -37.81 55.44 34.65
C LEU A 347 -37.11 54.10 34.70
N ILE A 348 -37.36 53.24 33.71
CA ILE A 348 -36.70 51.94 33.68
C ILE A 348 -35.18 52.12 33.59
N PHE A 349 -34.73 53.02 32.71
CA PHE A 349 -33.30 53.23 32.55
C PHE A 349 -32.65 53.79 33.81
N HIS A 350 -33.31 54.74 34.48
CA HIS A 350 -32.75 55.28 35.70
C HIS A 350 -32.72 54.23 36.81
N LEU A 351 -33.74 53.37 36.87
CA LEU A 351 -33.71 52.28 37.85
C LEU A 351 -32.59 51.31 37.55
N ILE A 352 -32.35 51.04 36.26
CA ILE A 352 -31.22 50.19 35.88
C ILE A 352 -29.91 50.83 36.30
N TYR A 353 -29.81 52.16 36.17
CA TYR A 353 -28.58 52.87 36.42
C TYR A 353 -28.52 53.49 37.81
N ASN A 354 -29.53 53.25 38.65
CA ASN A 354 -29.57 53.72 40.03
C ASN A 354 -29.41 55.25 40.10
N ASN A 355 -30.27 55.95 39.38
CA ASN A 355 -30.33 57.41 39.44
C ASN A 355 -31.52 57.79 40.31
N GLU A 356 -31.29 57.79 41.63
CA GLU A 356 -32.36 58.12 42.57
C GLU A 356 -32.86 59.54 42.37
N ASN A 357 -31.96 60.47 42.06
CA ASN A 357 -32.37 61.85 41.82
C ASN A 357 -33.28 61.95 40.61
N ALA A 358 -32.96 61.25 39.52
CA ALA A 358 -33.80 61.29 38.34
C ALA A 358 -35.18 60.70 38.60
N VAL A 359 -35.22 59.60 39.37
CA VAL A 359 -36.50 59.00 39.72
C VAL A 359 -37.31 59.97 40.58
N ASN A 360 -36.66 60.63 41.53
CA ASN A 360 -37.36 61.60 42.36
C ASN A 360 -37.93 62.73 41.51
N THR A 361 -37.15 63.24 40.57
CA THR A 361 -37.63 64.32 39.71
C THR A 361 -38.80 63.87 38.86
N ILE A 362 -38.72 62.68 38.26
CA ILE A 362 -39.81 62.23 37.40
C ILE A 362 -41.06 61.98 38.23
N CYS A 363 -40.90 61.50 39.47
CA CYS A 363 -42.06 61.25 40.32
C CYS A 363 -42.72 62.55 40.79
N ASP A 364 -41.92 63.54 41.20
CA ASP A 364 -42.54 64.74 41.76
C ASP A 364 -42.89 65.78 40.70
N ASN A 365 -42.50 65.56 39.44
CA ASN A 365 -43.05 66.39 38.37
C ASN A 365 -44.11 65.67 37.55
N LEU A 366 -44.21 64.35 37.65
CA LEU A 366 -45.29 63.62 36.99
C LEU A 366 -46.63 63.81 37.67
N LYS A 367 -46.63 64.08 38.99
CA LYS A 367 -47.88 64.30 39.71
C LYS A 367 -48.59 65.56 39.25
N TYR A 368 -47.89 66.47 38.57
CA TYR A 368 -48.51 67.70 38.10
C TYR A 368 -49.54 67.47 37.00
N THR A 369 -49.47 66.32 36.31
CA THR A 369 -50.39 66.08 35.21
C THR A 369 -51.80 65.80 35.72
N GLU A 370 -52.77 65.99 34.83
CA GLU A 370 -54.17 65.75 35.16
C GLU A 370 -54.52 64.28 34.97
N GLY A 371 -55.53 63.83 35.72
CA GLY A 371 -55.91 62.43 35.69
C GLY A 371 -54.88 61.51 36.29
N PHE A 372 -53.98 62.05 37.12
CA PHE A 372 -52.90 61.24 37.68
C PHE A 372 -53.44 60.14 38.60
N THR A 373 -54.26 60.52 39.57
CA THR A 373 -54.73 59.57 40.56
C THR A 373 -55.66 58.53 39.96
N SER A 374 -56.32 58.85 38.84
CA SER A 374 -57.28 57.93 38.24
C SER A 374 -56.61 56.61 37.87
N ASN A 375 -55.65 56.66 36.95
CA ASN A 375 -54.93 55.46 36.53
C ASN A 375 -53.42 55.63 36.40
N THR A 376 -52.92 56.87 36.38
CA THR A 376 -51.47 57.05 36.22
C THR A 376 -50.71 56.49 37.42
N GLN A 377 -51.23 56.72 38.63
CA GLN A 377 -50.58 56.16 39.81
C GLN A 377 -50.57 54.63 39.76
N ARG A 378 -51.70 54.03 39.38
CA ARG A 378 -51.75 52.57 39.34
C ARG A 378 -50.80 52.01 38.28
N VAL A 379 -50.74 52.64 37.11
CA VAL A 379 -49.89 52.10 36.05
C VAL A 379 -48.41 52.31 36.37
N ILE A 380 -48.06 53.45 36.97
CA ILE A 380 -46.67 53.65 37.35
C ILE A 380 -46.30 52.71 38.49
N HIS A 381 -47.26 52.42 39.38
CA HIS A 381 -47.05 51.41 40.40
C HIS A 381 -46.75 50.05 39.79
N SER A 382 -47.55 49.66 38.79
CA SER A 382 -47.33 48.36 38.15
C SER A 382 -45.96 48.30 37.47
N VAL A 383 -45.61 49.34 36.72
CA VAL A 383 -44.35 49.31 35.98
C VAL A 383 -43.16 49.34 36.93
N TYR A 384 -43.23 50.18 37.97
CA TYR A 384 -42.12 50.24 38.92
C TYR A 384 -41.98 48.93 39.68
N ALA A 385 -43.10 48.31 40.05
CA ALA A 385 -43.05 47.04 40.76
C ALA A 385 -42.43 45.95 39.90
N THR A 386 -42.85 45.84 38.64
CA THR A 386 -42.29 44.78 37.81
C THR A 386 -40.82 45.06 37.47
N THR A 387 -40.46 46.35 37.32
CA THR A 387 -39.06 46.67 37.07
C THR A 387 -38.20 46.31 38.27
N LYS A 388 -38.67 46.60 39.48
CA LYS A 388 -37.89 46.22 40.67
C LYS A 388 -37.86 44.71 40.85
N SER A 389 -38.93 44.02 40.47
CA SER A 389 -38.92 42.56 40.50
C SER A 389 -37.85 42.01 39.57
N ILE A 390 -37.72 42.58 38.38
CA ILE A 390 -36.69 42.15 37.44
C ILE A 390 -35.31 42.52 37.97
N LEU A 391 -35.18 43.69 38.60
CA LEU A 391 -33.87 44.18 39.02
C LEU A 391 -33.33 43.43 40.24
N ASP A 392 -34.19 43.16 41.22
CA ASP A 392 -33.72 42.59 42.49
C ASP A 392 -33.27 41.15 42.33
N THR A 393 -33.89 40.38 41.44
CA THR A 393 -33.46 39.00 41.23
C THR A 393 -32.08 38.91 40.59
N THR A 394 -31.56 40.03 40.07
CA THR A 394 -30.21 40.08 39.51
C THR A 394 -29.24 40.84 40.40
N ASN A 395 -29.64 41.16 41.62
CA ASN A 395 -28.83 42.01 42.51
C ASN A 395 -27.48 41.34 42.77
N PRO A 396 -26.37 42.08 42.71
CA PRO A 396 -25.05 41.42 42.82
C PRO A 396 -24.70 40.95 44.22
N ASN A 397 -25.61 41.08 45.19
CA ASN A 397 -25.38 40.51 46.51
C ASN A 397 -25.32 38.99 46.46
N THR A 398 -24.15 38.43 46.74
CA THR A 398 -23.86 37.03 46.46
C THR A 398 -24.98 36.12 46.97
N PHE A 399 -25.29 35.10 46.18
CA PHE A 399 -26.44 34.26 46.46
C PHE A 399 -26.23 33.48 47.76
N CYS A 400 -27.26 33.47 48.60
CA CYS A 400 -27.27 32.80 49.90
C CYS A 400 -25.95 32.94 50.66
N GLU A 407 -18.45 29.65 40.25
CA GLU A 407 -18.43 30.72 39.26
C GLU A 407 -17.63 31.92 39.76
N LEU A 408 -16.59 32.28 39.02
CA LEU A 408 -15.77 33.44 39.34
C LEU A 408 -15.39 34.12 38.03
N ARG A 409 -15.84 35.36 37.84
CA ARG A 409 -15.69 36.06 36.58
C ARG A 409 -14.71 37.22 36.73
N PHE A 410 -13.80 37.33 35.76
CA PHE A 410 -12.86 38.44 35.69
C PHE A 410 -12.90 39.03 34.29
N PHE A 411 -12.53 40.30 34.19
CA PHE A 411 -12.55 41.02 32.92
C PHE A 411 -11.17 41.52 32.51
N ASP A 412 -10.12 41.07 33.19
CA ASP A 412 -8.76 41.46 32.85
C ASP A 412 -7.84 40.28 33.14
N VAL A 413 -6.72 40.24 32.43
CA VAL A 413 -5.75 39.16 32.58
C VAL A 413 -4.63 39.67 33.49
N THR A 414 -4.83 39.51 34.79
CA THR A 414 -3.85 39.88 35.80
C THR A 414 -3.87 38.80 36.88
N ASN A 415 -2.81 37.99 36.93
CA ASN A 415 -2.71 36.87 37.86
C ASN A 415 -3.93 35.94 37.69
N ALA A 416 -3.98 35.31 36.51
CA ALA A 416 -5.13 34.47 36.15
C ALA A 416 -5.39 33.39 37.18
N ARG A 417 -4.34 32.77 37.70
CA ARG A 417 -4.49 31.74 38.74
C ARG A 417 -4.55 32.37 40.13
N ALA A 418 -5.44 33.36 40.28
CA ALA A 418 -5.62 34.07 41.54
C ALA A 418 -6.90 34.90 41.42
N LEU A 419 -7.21 35.64 42.48
CA LEU A 419 -8.37 36.51 42.50
C LEU A 419 -8.06 37.93 42.03
N ARG A 420 -6.82 38.19 41.61
CA ARG A 420 -6.45 39.52 41.17
C ARG A 420 -7.19 39.90 39.89
N GLY A 421 -7.62 41.16 39.82
CA GLY A 421 -8.29 41.66 38.65
C GLY A 421 -7.89 43.09 38.37
N GLY A 422 -8.07 43.49 37.11
CA GLY A 422 -7.71 44.83 36.69
C GLY A 422 -8.74 45.86 37.09
N ALA A 423 -8.49 47.09 36.64
CA ALA A 423 -9.43 48.18 36.92
C ALA A 423 -10.78 47.92 36.27
N GLY A 424 -10.81 47.17 35.17
CA GLY A 424 -12.07 46.84 34.53
C GLY A 424 -13.01 46.08 35.45
N ASP A 425 -12.47 45.10 36.18
CA ASP A 425 -13.31 44.34 37.11
C ASP A 425 -13.86 45.21 38.22
N GLN A 426 -13.03 46.07 38.81
CA GLN A 426 -13.48 46.88 39.92
C GLN A 426 -14.47 47.94 39.48
N LEU A 427 -14.35 48.45 38.26
CA LEU A 427 -15.37 49.37 37.76
C LEU A 427 -16.63 48.63 37.34
N PHE A 428 -16.49 47.39 36.86
CA PHE A 428 -17.66 46.59 36.51
C PHE A 428 -18.47 46.22 37.73
N ASN A 429 -17.82 46.05 38.88
CA ASN A 429 -18.57 45.81 40.11
C ASN A 429 -19.46 47.00 40.46
N ASN A 430 -19.20 48.18 39.91
CA ASN A 430 -19.99 49.36 40.23
C ASN A 430 -21.34 49.41 39.53
N TYR A 431 -21.54 48.63 38.46
CA TYR A 431 -22.85 48.63 37.81
C TYR A 431 -23.87 47.91 38.67
N SER A 432 -25.14 48.21 38.40
CA SER A 432 -26.24 47.63 39.16
C SER A 432 -26.39 46.14 38.82
N GLY A 433 -27.37 45.52 39.47
CA GLY A 433 -27.56 44.09 39.30
C GLY A 433 -27.93 43.71 37.87
N PHE A 434 -28.89 44.43 37.29
CA PHE A 434 -29.29 44.12 35.93
C PHE A 434 -28.17 44.36 34.94
N LEU A 435 -27.43 45.46 35.11
CA LEU A 435 -26.32 45.75 34.22
C LEU A 435 -25.24 44.69 34.33
N GLN A 436 -24.91 44.29 35.56
CA GLN A 436 -23.90 43.24 35.75
C GLN A 436 -24.35 41.92 35.14
N ASN A 437 -25.61 41.56 35.34
CA ASN A 437 -26.12 40.32 34.76
C ASN A 437 -26.09 40.36 33.24
N LEU A 438 -26.51 41.49 32.66
CA LEU A 438 -26.49 41.61 31.20
C LEU A 438 -25.08 41.52 30.66
N ILE A 439 -24.13 42.19 31.32
CA ILE A 439 -22.74 42.12 30.88
C ILE A 439 -22.20 40.70 30.99
N ARG A 440 -22.47 40.03 32.12
CA ARG A 440 -21.97 38.69 32.32
C ARG A 440 -22.54 37.72 31.29
N ARG A 441 -23.83 37.82 31.00
CA ARG A 441 -24.43 36.97 29.97
C ARG A 441 -23.99 37.37 28.57
N ALA A 442 -23.54 38.62 28.38
CA ALA A 442 -23.22 39.10 27.05
C ALA A 442 -21.82 38.68 26.62
N VAL A 443 -20.80 39.12 27.34
CA VAL A 443 -19.43 38.84 26.96
C VAL A 443 -19.03 37.46 27.47
N ALA A 444 -18.55 36.62 26.56
CA ALA A 444 -18.06 35.32 27.04
C ALA A 444 -16.57 35.40 27.30
N PRO A 445 -16.07 34.70 28.32
CA PRO A 445 -14.64 34.79 28.64
C PRO A 445 -13.81 34.06 27.59
N GLU A 446 -12.79 34.75 27.07
CA GLU A 446 -11.89 34.13 26.11
C GLU A 446 -11.06 33.02 26.74
N TYR A 447 -10.97 32.98 28.06
CA TYR A 447 -10.33 31.87 28.78
C TYR A 447 -11.33 31.31 29.79
N LEU A 448 -11.58 30.01 29.71
CA LEU A 448 -12.48 29.31 30.61
C LEU A 448 -11.73 28.23 31.36
N GLN A 449 -12.00 28.11 32.66
CA GLN A 449 -11.40 27.09 33.50
C GLN A 449 -12.51 26.16 33.98
N ILE A 450 -12.52 24.93 33.46
CA ILE A 450 -13.48 23.92 33.86
C ILE A 450 -12.74 22.89 34.69
N ASP A 451 -13.18 22.69 35.92
CA ASP A 451 -12.52 21.79 36.88
C ASP A 451 -11.07 22.23 37.07
N THR A 452 -10.15 21.62 36.32
CA THR A 452 -8.74 21.99 36.42
C THR A 452 -8.09 22.15 35.04
N GLU A 453 -8.88 22.27 33.98
CA GLU A 453 -8.38 22.40 32.62
C GLU A 453 -8.89 23.71 32.02
N GLU A 454 -8.22 24.12 30.93
CA GLU A 454 -8.42 25.44 30.35
C GLU A 454 -8.83 25.34 28.89
N LEU A 455 -9.81 26.15 28.50
CA LEU A 455 -10.27 26.26 27.12
C LEU A 455 -10.18 27.71 26.67
N ARG A 456 -9.58 27.93 25.50
CA ARG A 456 -9.45 29.27 24.93
C ARG A 456 -10.33 29.35 23.69
N PHE A 457 -11.44 30.08 23.80
CA PHE A 457 -12.37 30.18 22.67
C PHE A 457 -11.92 31.22 21.65
N ARG A 458 -11.38 32.34 22.12
CA ARG A 458 -10.95 33.43 21.26
C ARG A 458 -9.47 33.71 21.47
N ASN A 459 -8.77 33.96 20.36
CA ASN A 459 -7.33 34.22 20.44
C ASN A 459 -7.05 35.44 21.30
N CYS A 460 -7.80 36.51 21.09
CA CYS A 460 -7.56 37.76 21.80
C CYS A 460 -8.85 38.57 21.84
N ALA A 461 -8.97 39.40 22.89
CA ALA A 461 -10.25 40.00 23.25
C ALA A 461 -10.78 40.91 22.15
N THR A 462 -12.11 40.93 22.01
CA THR A 462 -12.77 41.72 20.98
C THR A 462 -13.20 43.09 21.51
N CYS A 463 -14.06 43.11 22.52
CA CYS A 463 -14.54 44.35 23.12
C CYS A 463 -13.56 44.82 24.19
N ILE A 464 -13.86 45.96 24.81
CA ILE A 464 -13.09 46.44 25.94
C ILE A 464 -14.02 47.04 26.99
N ILE A 465 -13.53 47.03 28.23
CA ILE A 465 -14.21 47.64 29.37
C ILE A 465 -13.41 48.86 29.79
N ASP A 466 -14.05 50.02 29.81
CA ASP A 466 -13.43 51.25 30.27
C ASP A 466 -14.37 51.92 31.26
N GLU A 467 -13.95 53.08 31.77
CA GLU A 467 -14.83 53.87 32.62
C GLU A 467 -16.07 54.31 31.86
N THR A 468 -15.97 54.41 30.53
CA THR A 468 -17.14 54.72 29.72
C THR A 468 -18.12 53.55 29.67
N GLY A 469 -17.63 52.32 29.87
CA GLY A 469 -18.48 51.16 29.93
C GLY A 469 -17.96 50.05 29.06
N LEU A 470 -18.87 49.15 28.68
CA LEU A 470 -18.61 48.14 27.66
C LEU A 470 -18.65 48.82 26.30
N VAL A 471 -17.49 48.95 25.66
CA VAL A 471 -17.41 49.58 24.35
C VAL A 471 -16.71 48.63 23.39
N ALA A 472 -17.26 48.53 22.18
CA ALA A 472 -16.75 47.62 21.17
C ALA A 472 -15.57 48.23 20.42
N SER A 473 -14.58 48.71 21.15
CA SER A 473 -13.35 49.25 20.58
C SER A 473 -12.30 48.15 20.68
N VAL A 474 -11.95 47.58 19.54
CA VAL A 474 -11.00 46.46 19.53
C VAL A 474 -9.65 46.95 20.05
N PRO A 475 -8.97 46.21 20.92
CA PRO A 475 -7.65 46.65 21.38
C PRO A 475 -6.63 46.66 20.25
N ASP A 476 -5.67 47.58 20.38
CA ASP A 476 -4.46 47.73 19.56
C ASP A 476 -4.64 47.31 18.10
N GLY A 477 -5.58 47.95 17.40
CA GLY A 477 -5.77 47.70 16.00
C GLY A 477 -6.98 48.40 15.42
N PRO A 478 -7.10 48.39 14.10
CA PRO A 478 -8.29 48.96 13.46
C PRO A 478 -9.53 48.15 13.79
N GLU A 479 -10.68 48.82 13.72
CA GLU A 479 -11.93 48.21 14.14
C GLU A 479 -12.28 47.00 13.30
N LEU A 480 -12.79 45.97 13.96
CA LEU A 480 -13.14 44.72 13.27
C LEU A 480 -14.27 44.93 12.29
N TYR A 481 -14.17 44.26 11.14
CA TYR A 481 -15.22 44.36 10.13
C TYR A 481 -16.50 43.71 10.61
N ASN A 482 -17.62 44.38 10.35
CA ASN A 482 -18.92 43.87 10.75
C ASN A 482 -19.94 44.18 9.67
N PRO A 483 -20.47 43.15 8.99
CA PRO A 483 -21.41 43.41 7.88
C PRO A 483 -22.77 43.93 8.33
N ILE A 484 -23.07 43.90 9.63
CA ILE A 484 -24.34 44.38 10.18
C ILE A 484 -25.50 43.57 9.59
N ARG A 485 -25.73 43.73 8.29
CA ARG A 485 -26.77 43.00 7.55
C ARG A 485 -28.12 43.38 8.16
N SER A 486 -29.00 42.43 8.46
CA SER A 486 -30.30 42.74 9.03
C SER A 486 -30.19 43.06 10.51
N LEU A 516 -19.66 27.32 -4.76
CA LEU A 516 -19.17 27.66 -3.43
C LEU A 516 -20.31 27.59 -2.41
N SER A 517 -21.54 27.48 -2.91
CA SER A 517 -22.70 27.41 -2.03
C SER A 517 -22.78 26.10 -1.27
N GLY A 518 -22.04 25.07 -1.71
CA GLY A 518 -22.08 23.80 -1.01
C GLY A 518 -21.52 23.89 0.40
N TYR A 519 -20.42 24.61 0.58
CA TYR A 519 -19.83 24.76 1.90
C TYR A 519 -20.73 25.60 2.79
N GLU A 520 -20.71 25.29 4.09
CA GLU A 520 -21.50 26.06 5.04
C GLU A 520 -20.99 27.50 5.12
N GLU A 521 -21.91 28.41 5.46
CA GLU A 521 -21.65 29.83 5.31
C GLU A 521 -20.51 30.30 6.20
N TYR A 522 -20.45 29.81 7.44
CA TYR A 522 -19.56 30.33 8.46
C TYR A 522 -19.76 31.84 8.57
N PRO A 523 -20.85 32.28 9.19
CA PRO A 523 -21.11 33.73 9.27
C PRO A 523 -19.98 34.46 9.98
N THR A 524 -19.69 35.66 9.49
CA THR A 524 -18.59 36.48 9.98
C THR A 524 -19.01 37.45 11.08
N TYR A 525 -20.04 37.11 11.83
CA TYR A 525 -20.48 37.98 12.91
C TYR A 525 -19.41 38.05 13.99
N VAL A 526 -19.17 39.24 14.51
CA VAL A 526 -18.14 39.47 15.52
C VAL A 526 -18.79 39.31 16.90
N PRO A 527 -18.29 38.43 17.76
CA PRO A 527 -18.91 38.22 19.07
C PRO A 527 -18.33 39.10 20.16
N LEU A 528 -18.82 38.91 21.38
CA LEU A 528 -18.31 39.62 22.56
C LEU A 528 -17.47 38.63 23.37
N PHE A 529 -16.16 38.69 23.18
CA PHE A 529 -15.23 37.81 23.88
C PHE A 529 -14.29 38.65 24.72
N LEU A 530 -14.33 38.45 26.03
CA LEU A 530 -13.47 39.20 26.94
C LEU A 530 -13.48 38.53 28.31
N GLY A 531 -12.32 38.50 28.96
CA GLY A 531 -12.27 38.13 30.36
C GLY A 531 -11.70 36.76 30.67
N TYR A 532 -12.14 36.21 31.79
CA TYR A 532 -11.63 34.96 32.34
C TYR A 532 -12.70 34.39 33.25
N GLN A 533 -12.81 33.07 33.29
CA GLN A 533 -13.82 32.44 34.14
C GLN A 533 -13.23 31.24 34.87
N ILE A 534 -13.62 31.09 36.13
CA ILE A 534 -13.27 29.96 36.96
C ILE A 534 -14.57 29.23 37.28
N ILE A 535 -14.66 27.96 36.90
CA ILE A 535 -15.87 27.17 37.08
C ILE A 535 -15.52 25.93 37.87
N ASN A 536 -16.32 25.65 38.90
CA ASN A 536 -16.15 24.46 39.73
C ASN A 536 -17.31 23.49 39.52
N SER A 537 -17.01 22.20 39.59
CA SER A 537 -17.99 21.14 39.41
C SER A 537 -18.71 21.25 38.07
N ARG B 245 -18.03 18.02 -13.62
CA ARG B 245 -18.07 16.77 -14.36
C ARG B 245 -16.71 16.09 -14.37
N VAL B 246 -15.65 16.89 -14.21
CA VAL B 246 -14.28 16.40 -14.19
C VAL B 246 -13.67 16.71 -12.84
N ASN B 247 -13.02 15.72 -12.24
CA ASN B 247 -12.43 15.91 -10.92
C ASN B 247 -11.20 16.82 -11.02
N ARG B 248 -11.08 17.73 -10.04
CA ARG B 248 -10.00 18.70 -10.01
C ARG B 248 -9.16 18.54 -8.75
N CYS B 249 -9.23 17.37 -8.10
CA CYS B 249 -8.47 17.10 -6.90
C CYS B 249 -7.18 16.37 -7.26
N ILE B 250 -6.06 16.83 -6.71
CA ILE B 250 -4.79 16.19 -6.99
C ILE B 250 -4.74 14.80 -6.38
N PHE B 251 -5.45 14.58 -5.27
CA PHE B 251 -5.51 13.27 -4.64
C PHE B 251 -6.62 12.40 -5.18
N ALA B 252 -7.39 12.89 -6.16
CA ALA B 252 -8.42 12.06 -6.77
C ALA B 252 -7.82 11.01 -7.70
N SER B 253 -6.64 11.28 -8.25
CA SER B 253 -5.96 10.32 -9.13
C SER B 253 -5.10 9.35 -8.33
N ILE B 254 -5.71 8.68 -7.36
CA ILE B 254 -5.01 7.71 -6.53
C ILE B 254 -5.47 6.32 -6.94
N VAL B 255 -4.54 5.53 -7.47
CA VAL B 255 -4.81 4.16 -7.89
C VAL B 255 -3.70 3.27 -7.38
N SER B 256 -4.08 2.10 -6.85
CA SER B 256 -3.11 1.12 -6.39
C SER B 256 -2.72 0.25 -7.57
N PHE B 257 -1.64 0.64 -8.25
CA PHE B 257 -1.21 -0.08 -9.45
C PHE B 257 -0.37 -1.30 -9.07
N ASP B 258 -0.89 -2.11 -8.16
CA ASP B 258 -0.31 -3.40 -7.84
C ASP B 258 -0.98 -4.54 -8.60
N ALA B 259 -2.00 -4.20 -9.40
CA ALA B 259 -2.71 -5.05 -10.35
C ALA B 259 -3.65 -6.06 -9.69
N CYS B 260 -3.63 -6.18 -8.36
CA CYS B 260 -4.57 -7.08 -7.70
C CYS B 260 -5.26 -6.42 -6.51
N ILE B 261 -4.63 -5.41 -5.92
CA ILE B 261 -5.21 -4.68 -4.80
C ILE B 261 -5.97 -3.48 -5.35
N THR B 262 -7.05 -3.11 -4.67
CA THR B 262 -7.94 -2.06 -5.13
C THR B 262 -7.53 -0.71 -4.54
N TYR B 263 -8.31 0.32 -4.87
CA TYR B 263 -8.08 1.67 -4.37
C TYR B 263 -9.44 2.29 -4.05
N LYS B 264 -9.45 3.58 -3.78
CA LYS B 264 -10.67 4.29 -3.45
C LYS B 264 -10.65 5.68 -4.06
N SER B 265 -11.85 6.25 -4.23
CA SER B 265 -12.03 7.62 -4.67
C SER B 265 -12.99 8.30 -3.71
N PRO B 266 -12.53 8.63 -2.50
CA PRO B 266 -13.45 9.13 -1.48
C PRO B 266 -13.65 10.64 -1.54
N CYS B 267 -13.28 11.27 -2.65
CA CYS B 267 -13.44 12.72 -2.78
C CYS B 267 -14.92 13.10 -2.68
N SER B 268 -15.17 14.19 -1.97
CA SER B 268 -16.51 14.74 -1.88
C SER B 268 -16.90 15.38 -3.21
N PRO B 269 -18.20 15.57 -3.46
CA PRO B 269 -18.62 16.15 -4.75
C PRO B 269 -18.09 17.54 -5.01
N ASP B 270 -17.58 18.25 -3.99
CA ASP B 270 -17.00 19.57 -4.20
C ASP B 270 -15.73 19.53 -5.03
N ALA B 271 -15.13 18.35 -5.24
CA ALA B 271 -13.93 18.26 -6.06
C ALA B 271 -14.21 18.68 -7.50
N TYR B 272 -15.37 18.32 -8.03
CA TYR B 272 -15.70 18.68 -9.39
C TYR B 272 -15.85 20.19 -9.55
N HIS B 273 -16.28 20.89 -8.51
CA HIS B 273 -16.45 22.34 -8.59
C HIS B 273 -15.10 23.02 -8.75
N ASP B 274 -15.07 24.05 -9.59
CA ASP B 274 -13.86 24.84 -9.79
C ASP B 274 -13.78 25.96 -8.76
N ASP B 275 -13.72 25.55 -7.49
CA ASP B 275 -13.68 26.49 -6.38
C ASP B 275 -12.33 27.14 -6.20
N GLY B 276 -11.28 26.63 -6.84
CA GLY B 276 -9.94 27.15 -6.65
C GLY B 276 -9.06 26.15 -5.92
N TRP B 277 -9.64 25.43 -4.97
CA TRP B 277 -8.91 24.37 -4.28
C TRP B 277 -8.72 23.20 -5.24
N PHE B 278 -7.47 22.82 -5.48
CA PHE B 278 -7.20 21.63 -6.29
C PHE B 278 -7.07 20.39 -5.42
N ILE B 279 -8.05 20.20 -4.53
CA ILE B 279 -8.09 19.06 -3.64
C ILE B 279 -9.50 18.95 -3.09
N CYS B 280 -9.99 17.71 -3.00
CA CYS B 280 -11.32 17.51 -2.45
C CYS B 280 -11.30 17.66 -0.93
N ASN B 281 -12.46 17.94 -0.36
CA ASN B 281 -12.56 18.19 1.06
C ASN B 281 -12.17 16.95 1.88
N ASN B 282 -12.53 15.76 1.39
CA ASN B 282 -12.22 14.54 2.13
C ASN B 282 -10.71 14.34 2.27
N HIS B 283 -9.98 14.50 1.17
CA HIS B 283 -8.52 14.40 1.26
C HIS B 283 -7.93 15.60 1.99
N LEU B 284 -8.52 16.78 1.84
CA LEU B 284 -8.04 17.95 2.58
C LEU B 284 -8.17 17.74 4.09
N ILE B 285 -9.14 16.92 4.50
CA ILE B 285 -9.33 16.66 5.92
C ILE B 285 -8.44 15.49 6.37
N LYS B 286 -8.38 14.43 5.57
CA LYS B 286 -7.66 13.24 6.02
C LYS B 286 -6.15 13.41 5.94
N ARG B 287 -5.66 14.30 5.08
CA ARG B 287 -4.21 14.47 4.99
C ARG B 287 -3.74 15.68 5.80
N PHE B 288 -4.27 16.86 5.51
CA PHE B 288 -3.99 18.04 6.30
C PHE B 288 -5.08 18.22 7.36
N LYS B 289 -4.73 18.87 8.46
CA LYS B 289 -5.70 19.20 9.49
C LYS B 289 -6.51 20.43 9.07
N MET B 290 -7.16 20.30 7.92
CA MET B 290 -7.74 21.43 7.23
C MET B 290 -9.12 21.07 6.70
N SER B 291 -10.04 22.01 6.82
CA SER B 291 -11.37 21.87 6.24
C SER B 291 -11.72 23.16 5.51
N LYS B 292 -12.70 23.08 4.62
CA LYS B 292 -13.06 24.21 3.76
C LYS B 292 -14.20 25.02 4.35
N MET B 293 -14.15 26.34 4.12
CA MET B 293 -15.26 27.22 4.40
C MET B 293 -15.27 28.34 3.37
N VAL B 294 -16.44 28.91 3.19
CA VAL B 294 -16.60 30.11 2.37
C VAL B 294 -16.73 31.30 3.31
N LEU B 295 -16.37 32.47 2.82
CA LEU B 295 -16.42 33.68 3.63
C LEU B 295 -17.04 34.81 2.82
N PRO B 296 -18.11 35.44 3.32
CA PRO B 296 -18.76 36.51 2.57
C PRO B 296 -18.21 37.88 2.91
N ILE B 297 -18.25 38.76 1.91
CA ILE B 297 -17.80 40.14 2.05
C ILE B 297 -18.93 41.02 1.53
N PHE B 298 -19.65 41.66 2.44
CA PHE B 298 -20.71 42.60 2.06
C PHE B 298 -20.14 44.01 2.00
N ASP B 299 -19.32 44.24 0.98
CA ASP B 299 -18.63 45.50 0.80
C ASP B 299 -19.57 46.53 0.18
N GLU B 300 -19.01 47.67 -0.23
CA GLU B 300 -19.82 48.73 -0.82
C GLU B 300 -20.44 48.33 -2.15
N ASP B 301 -19.86 47.35 -2.84
CA ASP B 301 -20.42 46.88 -4.11
C ASP B 301 -21.76 46.16 -3.91
N ASP B 302 -22.07 45.75 -2.69
CA ASP B 302 -23.30 45.03 -2.35
C ASP B 302 -23.42 43.72 -3.14
N ASN B 303 -22.30 43.21 -3.65
CA ASN B 303 -22.29 41.97 -4.38
C ASN B 303 -22.01 40.80 -3.45
N GLN B 304 -22.33 39.60 -3.92
CA GLN B 304 -22.18 38.38 -3.12
C GLN B 304 -20.75 37.86 -3.27
N PHE B 305 -19.81 38.69 -2.81
CA PHE B 305 -18.39 38.38 -2.97
C PHE B 305 -17.98 37.33 -1.93
N LYS B 306 -17.57 36.16 -2.42
CA LYS B 306 -17.20 35.04 -1.56
C LYS B 306 -15.74 34.69 -1.77
N MET B 307 -15.00 34.58 -0.67
CA MET B 307 -13.64 34.09 -0.68
C MET B 307 -13.58 32.75 0.05
N THR B 308 -12.40 32.15 0.06
CA THR B 308 -12.21 30.83 0.63
C THR B 308 -11.34 30.92 1.88
N ILE B 309 -11.77 30.23 2.95
CA ILE B 309 -11.02 30.18 4.20
C ILE B 309 -10.98 28.73 4.66
N ALA B 310 -10.11 28.45 5.61
CA ALA B 310 -9.86 27.10 6.07
C ALA B 310 -10.20 26.95 7.55
N ARG B 311 -10.14 25.70 8.00
CA ARG B 311 -10.55 25.29 9.34
C ARG B 311 -9.53 24.31 9.92
N HIS B 312 -9.13 24.55 11.17
CA HIS B 312 -8.30 23.60 11.89
C HIS B 312 -9.06 22.30 12.16
N LEU B 313 -8.31 21.20 12.22
CA LEU B 313 -8.83 19.94 12.74
C LEU B 313 -8.03 19.47 13.95
N VAL B 314 -7.31 20.37 14.61
CA VAL B 314 -6.47 20.05 15.75
C VAL B 314 -7.01 20.77 16.97
N GLY B 315 -7.02 20.06 18.11
CA GLY B 315 -7.53 20.61 19.34
C GLY B 315 -6.48 21.30 20.18
N ASN B 316 -6.29 20.84 21.41
CA ASN B 316 -5.32 21.46 22.31
C ASN B 316 -4.34 20.43 22.87
N LYS B 317 -4.79 19.18 22.98
CA LYS B 317 -3.96 18.16 23.59
C LYS B 317 -2.72 17.87 22.76
N GLU B 318 -2.87 17.78 21.44
CA GLU B 318 -1.73 17.49 20.57
C GLU B 318 -0.84 18.72 20.45
N ARG B 319 0.46 18.51 20.64
CA ARG B 319 1.46 19.58 20.60
C ARG B 319 2.52 19.25 19.56
N GLY B 320 3.35 20.25 19.28
CA GLY B 320 4.51 20.01 18.43
C GLY B 320 4.12 19.73 16.99
N ILE B 321 4.76 18.70 16.41
CA ILE B 321 4.57 18.39 15.00
C ILE B 321 3.13 17.98 14.71
N LYS B 322 2.41 17.48 15.71
CA LYS B 322 1.00 17.15 15.53
C LYS B 322 0.15 18.37 15.20
N ARG B 323 0.61 19.57 15.56
CA ARG B 323 -0.16 20.77 15.30
C ARG B 323 0.07 21.34 13.91
N ILE B 324 0.98 20.77 13.12
CA ILE B 324 1.26 21.29 11.80
C ILE B 324 0.07 21.05 10.89
N LEU B 325 -0.10 21.95 9.91
CA LEU B 325 -1.14 21.83 8.90
C LEU B 325 -0.58 21.56 7.52
N ILE B 326 0.38 22.37 7.08
CA ILE B 326 1.08 22.13 5.83
C ILE B 326 2.58 22.19 6.07
N PRO B 327 3.27 21.06 6.14
CA PRO B 327 4.72 21.09 6.37
C PRO B 327 5.48 21.58 5.15
N SER B 328 6.66 22.11 5.40
CA SER B 328 7.54 22.53 4.33
C SER B 328 8.23 21.31 3.70
N ALA B 329 9.04 21.57 2.67
CA ALA B 329 9.75 20.49 2.01
C ALA B 329 10.83 19.87 2.89
N THR B 330 11.25 20.57 3.95
CA THR B 330 12.33 20.07 4.77
C THR B 330 11.87 18.93 5.67
N ASN B 331 10.68 19.02 6.24
CA ASN B 331 10.26 18.15 7.34
C ASN B 331 8.86 17.59 7.09
N TYR B 332 8.61 17.08 5.89
CA TYR B 332 7.33 16.41 5.65
C TYR B 332 7.43 14.89 5.62
N GLN B 333 8.65 14.34 5.48
CA GLN B 333 8.81 12.88 5.54
C GLN B 333 8.25 12.31 6.83
N ASP B 334 8.62 12.92 7.96
CA ASP B 334 8.23 12.37 9.25
C ASP B 334 6.75 12.59 9.52
N VAL B 335 6.23 13.78 9.23
CA VAL B 335 4.84 14.08 9.57
C VAL B 335 3.88 13.30 8.67
N PHE B 336 4.18 13.18 7.38
CA PHE B 336 3.25 12.51 6.49
C PHE B 336 3.34 11.00 6.57
N ASN B 337 4.44 10.44 7.08
CA ASN B 337 4.66 9.00 7.15
C ASN B 337 4.43 8.37 5.77
N LEU B 338 5.31 8.77 4.85
CA LEU B 338 5.13 8.45 3.44
C LEU B 338 5.00 6.94 3.21
N ASN B 339 5.75 6.14 3.97
CA ASN B 339 5.75 4.70 3.75
C ASN B 339 4.38 4.06 3.95
N SER B 340 3.50 4.69 4.74
CA SER B 340 2.17 4.15 4.94
C SER B 340 1.33 4.25 3.67
N MET B 341 1.66 5.18 2.79
CA MET B 341 0.85 5.52 1.64
C MET B 341 1.12 4.54 0.49
N MET B 342 0.29 4.61 -0.54
CA MET B 342 0.57 3.89 -1.77
C MET B 342 1.48 4.72 -2.68
N GLN B 343 2.14 4.04 -3.61
CA GLN B 343 3.16 4.69 -4.44
C GLN B 343 2.57 5.81 -5.28
N ALA B 344 1.32 5.67 -5.73
CA ALA B 344 0.67 6.79 -6.40
C ALA B 344 0.67 8.01 -5.51
N GLU B 345 0.38 7.83 -4.22
CA GLU B 345 0.29 8.97 -3.32
C GLU B 345 1.67 9.49 -2.91
N GLN B 346 2.67 8.62 -2.75
CA GLN B 346 4.02 9.13 -2.54
C GLN B 346 4.50 9.95 -3.73
N LEU B 347 4.22 9.47 -4.95
CA LEU B 347 4.61 10.21 -6.14
C LEU B 347 3.90 11.56 -6.19
N ILE B 348 2.60 11.58 -5.87
CA ILE B 348 1.87 12.84 -5.87
C ILE B 348 2.46 13.80 -4.85
N PHE B 349 2.77 13.30 -3.64
CA PHE B 349 3.33 14.17 -2.61
C PHE B 349 4.69 14.71 -2.99
N HIS B 350 5.55 13.86 -3.57
CA HIS B 350 6.86 14.35 -3.99
C HIS B 350 6.76 15.36 -5.13
N LEU B 351 5.81 15.15 -6.04
CA LEU B 351 5.59 16.14 -7.10
C LEU B 351 5.10 17.45 -6.52
N ILE B 352 4.22 17.38 -5.50
CA ILE B 352 3.78 18.60 -4.83
C ILE B 352 4.94 19.29 -4.16
N TYR B 353 5.87 18.52 -3.60
CA TYR B 353 6.97 19.07 -2.82
C TYR B 353 8.26 19.19 -3.63
N ASN B 354 8.22 18.86 -4.93
CA ASN B 354 9.37 19.00 -5.82
C ASN B 354 10.58 18.22 -5.31
N ASN B 355 10.37 16.93 -5.05
CA ASN B 355 11.45 16.02 -4.68
C ASN B 355 11.83 15.21 -5.91
N GLU B 356 12.69 15.79 -6.74
CA GLU B 356 13.10 15.12 -7.98
C GLU B 356 13.85 13.84 -7.67
N ASN B 357 14.66 13.83 -6.62
CA ASN B 357 15.39 12.62 -6.24
C ASN B 357 14.44 11.50 -5.86
N ALA B 358 13.40 11.81 -5.07
CA ALA B 358 12.44 10.79 -4.67
C ALA B 358 11.68 10.24 -5.87
N VAL B 359 11.30 11.11 -6.81
CA VAL B 359 10.64 10.65 -8.02
C VAL B 359 11.56 9.76 -8.83
N ASN B 360 12.83 10.15 -8.94
CA ASN B 360 13.78 9.30 -9.67
C ASN B 360 13.92 7.93 -9.02
N THR B 361 14.01 7.89 -7.69
CA THR B 361 14.13 6.62 -7.00
C THR B 361 12.89 5.75 -7.20
N ILE B 362 11.70 6.34 -7.08
CA ILE B 362 10.48 5.54 -7.23
C ILE B 362 10.35 5.05 -8.67
N CYS B 363 10.78 5.86 -9.63
CA CYS B 363 10.70 5.43 -11.03
C CYS B 363 11.70 4.32 -11.36
N ASP B 364 12.94 4.43 -10.89
CA ASP B 364 13.93 3.44 -11.29
C ASP B 364 13.93 2.22 -10.38
N ASN B 365 13.18 2.23 -9.27
CA ASN B 365 12.97 0.98 -8.54
C ASN B 365 11.59 0.37 -8.80
N LEU B 366 10.65 1.14 -9.34
CA LEU B 366 9.35 0.58 -9.70
C LEU B 366 9.44 -0.30 -10.95
N LYS B 367 10.39 -0.03 -11.84
CA LYS B 367 10.54 -0.84 -13.05
C LYS B 367 10.96 -2.27 -12.73
N TYR B 368 11.46 -2.53 -11.51
CA TYR B 368 11.87 -3.88 -11.15
C TYR B 368 10.70 -4.84 -11.01
N THR B 369 9.48 -4.33 -10.82
CA THR B 369 8.33 -5.20 -10.62
C THR B 369 7.93 -5.89 -11.92
N GLU B 370 7.22 -7.00 -11.77
CA GLU B 370 6.75 -7.77 -12.91
C GLU B 370 5.45 -7.20 -13.45
N GLY B 371 5.21 -7.42 -14.74
CA GLY B 371 4.03 -6.87 -15.38
C GLY B 371 4.07 -5.36 -15.51
N PHE B 372 5.25 -4.76 -15.44
CA PHE B 372 5.37 -3.30 -15.46
C PHE B 372 4.92 -2.74 -16.80
N THR B 373 5.48 -3.26 -17.90
CA THR B 373 5.20 -2.70 -19.22
C THR B 373 3.76 -2.94 -19.65
N SER B 374 3.11 -3.98 -19.11
CA SER B 374 1.76 -4.31 -19.51
C SER B 374 0.80 -3.16 -19.26
N ASN B 375 0.64 -2.77 -17.99
CA ASN B 375 -0.24 -1.66 -17.63
C ASN B 375 0.33 -0.72 -16.60
N THR B 376 1.41 -1.10 -15.88
CA THR B 376 1.94 -0.21 -14.86
C THR B 376 2.50 1.07 -15.47
N GLN B 377 3.20 0.95 -16.60
CA GLN B 377 3.70 2.13 -17.29
C GLN B 377 2.57 3.05 -17.72
N ARG B 378 1.50 2.48 -18.30
CA ARG B 378 0.40 3.30 -18.75
C ARG B 378 -0.30 4.00 -17.59
N VAL B 379 -0.52 3.28 -16.48
CA VAL B 379 -1.22 3.88 -15.36
C VAL B 379 -0.37 4.94 -14.66
N ILE B 380 0.94 4.69 -14.54
CA ILE B 380 1.80 5.72 -13.94
C ILE B 380 1.90 6.91 -14.87
N HIS B 381 1.87 6.67 -16.19
CA HIS B 381 1.81 7.78 -17.13
C HIS B 381 0.56 8.61 -16.93
N SER B 382 -0.59 7.96 -16.79
CA SER B 382 -1.84 8.68 -16.58
C SER B 382 -1.80 9.50 -15.29
N VAL B 383 -1.37 8.89 -14.20
CA VAL B 383 -1.38 9.58 -12.91
C VAL B 383 -0.39 10.73 -12.91
N TYR B 384 0.80 10.52 -13.46
CA TYR B 384 1.79 11.60 -13.50
C TYR B 384 1.32 12.74 -14.39
N ALA B 385 0.70 12.41 -15.52
CA ALA B 385 0.20 13.44 -16.43
C ALA B 385 -0.88 14.28 -15.76
N THR B 386 -1.85 13.64 -15.11
CA THR B 386 -2.91 14.42 -14.49
C THR B 386 -2.38 15.21 -13.29
N THR B 387 -1.42 14.64 -12.55
CA THR B 387 -0.83 15.39 -11.45
C THR B 387 -0.09 16.62 -11.94
N LYS B 388 0.66 16.50 -13.03
CA LYS B 388 1.35 17.66 -13.57
C LYS B 388 0.36 18.66 -14.16
N SER B 389 -0.74 18.18 -14.73
CA SER B 389 -1.78 19.09 -15.20
C SER B 389 -2.36 19.90 -14.05
N ILE B 390 -2.60 19.25 -12.91
CA ILE B 390 -3.10 19.97 -11.75
C ILE B 390 -2.03 20.93 -11.21
N LEU B 391 -0.78 20.51 -11.23
CA LEU B 391 0.29 21.31 -10.62
C LEU B 391 0.64 22.54 -11.44
N ASP B 392 0.72 22.40 -12.77
CA ASP B 392 1.21 23.49 -13.60
C ASP B 392 0.22 24.65 -13.68
N THR B 393 -1.08 24.37 -13.62
CA THR B 393 -2.06 25.45 -13.64
C THR B 393 -2.01 26.29 -12.39
N THR B 394 -1.33 25.84 -11.34
CA THR B 394 -1.15 26.60 -10.11
C THR B 394 0.27 27.14 -9.96
N ASN B 395 1.09 27.05 -11.01
CA ASN B 395 2.50 27.41 -10.92
C ASN B 395 2.64 28.88 -10.53
N PRO B 396 3.53 29.24 -9.60
CA PRO B 396 3.57 30.62 -9.11
C PRO B 396 4.16 31.61 -10.10
N ASN B 397 4.52 31.19 -11.31
CA ASN B 397 4.95 32.11 -12.34
C ASN B 397 3.83 33.06 -12.74
N THR B 398 3.99 34.36 -12.44
CA THR B 398 2.90 35.32 -12.50
C THR B 398 2.15 35.21 -13.83
N PHE B 399 0.83 35.36 -13.74
CA PHE B 399 -0.02 35.11 -14.90
C PHE B 399 0.24 36.15 -15.98
N CYS B 400 0.37 35.67 -17.21
CA CYS B 400 0.64 36.49 -18.40
C CYS B 400 1.64 37.62 -18.14
N GLU B 407 -4.25 41.73 -7.01
CA GLU B 407 -4.05 40.78 -5.93
C GLU B 407 -2.60 40.79 -5.45
N LEU B 408 -2.40 41.09 -4.17
CA LEU B 408 -1.07 41.09 -3.56
C LEU B 408 -1.21 40.53 -2.15
N ARG B 409 -0.57 39.40 -1.89
CA ARG B 409 -0.75 38.68 -0.63
C ARG B 409 0.52 38.74 0.20
N PHE B 410 0.36 39.02 1.49
CA PHE B 410 1.46 39.01 2.45
C PHE B 410 1.06 38.18 3.65
N PHE B 411 2.06 37.64 4.34
CA PHE B 411 1.82 36.79 5.50
C PHE B 411 2.43 37.36 6.77
N ASP B 412 2.88 38.62 6.75
CA ASP B 412 3.43 39.26 7.92
C ASP B 412 3.06 40.74 7.88
N VAL B 413 2.99 41.36 9.05
CA VAL B 413 2.63 42.76 9.18
C VAL B 413 3.93 43.55 9.32
N THR B 414 4.50 43.93 8.18
CA THR B 414 5.71 44.75 8.12
C THR B 414 5.54 45.73 6.97
N ASN B 415 5.35 47.01 7.30
CA ASN B 415 5.10 48.05 6.31
C ASN B 415 3.91 47.69 5.44
N ALA B 416 2.73 47.64 6.08
CA ALA B 416 1.52 47.20 5.41
C ALA B 416 1.24 47.99 4.14
N ARG B 417 1.45 49.30 4.18
CA ARG B 417 1.26 50.14 3.01
C ARG B 417 2.51 50.16 2.13
N ALA B 418 3.01 48.97 1.80
CA ALA B 418 4.20 48.81 0.99
C ALA B 418 4.29 47.34 0.58
N LEU B 419 5.34 47.01 -0.16
CA LEU B 419 5.60 45.64 -0.59
C LEU B 419 6.46 44.86 0.39
N ARG B 420 6.84 45.47 1.51
CA ARG B 420 7.69 44.80 2.49
C ARG B 420 6.96 43.62 3.12
N GLY B 421 7.69 42.52 3.32
CA GLY B 421 7.13 41.34 3.95
C GLY B 421 8.16 40.69 4.85
N GLY B 422 7.65 39.91 5.80
CA GLY B 422 8.49 39.23 6.75
C GLY B 422 9.13 37.98 6.18
N ALA B 423 9.86 37.27 7.04
CA ALA B 423 10.50 36.03 6.62
C ALA B 423 9.46 34.98 6.22
N GLY B 424 8.26 35.07 6.78
CA GLY B 424 7.20 34.14 6.41
C GLY B 424 6.85 34.21 4.94
N ASP B 425 6.75 35.43 4.40
CA ASP B 425 6.44 35.58 2.98
C ASP B 425 7.55 35.00 2.11
N GLN B 426 8.81 35.29 2.43
CA GLN B 426 9.90 34.83 1.58
C GLN B 426 10.07 33.31 1.66
N LEU B 427 9.77 32.70 2.81
CA LEU B 427 9.80 31.24 2.87
C LEU B 427 8.57 30.63 2.20
N PHE B 428 7.43 31.33 2.24
CA PHE B 428 6.22 30.85 1.57
C PHE B 428 6.39 30.87 0.06
N ASN B 429 7.16 31.83 -0.45
CA ASN B 429 7.45 31.82 -1.89
C ASN B 429 8.21 30.57 -2.31
N ASN B 430 8.85 29.87 -1.36
CA ASN B 430 9.62 28.68 -1.71
C ASN B 430 8.77 27.44 -1.95
N TYR B 431 7.52 27.42 -1.52
CA TYR B 431 6.68 26.26 -1.81
C TYR B 431 6.29 26.22 -3.28
N SER B 432 5.91 25.03 -3.74
CA SER B 432 5.55 24.82 -5.13
C SER B 432 4.23 25.51 -5.44
N GLY B 433 3.80 25.37 -6.70
CA GLY B 433 2.59 26.05 -7.13
C GLY B 433 1.35 25.55 -6.41
N PHE B 434 1.19 24.23 -6.31
CA PHE B 434 0.02 23.67 -5.64
C PHE B 434 0.03 24.04 -4.16
N LEU B 435 1.18 23.96 -3.51
CA LEU B 435 1.26 24.31 -2.09
C LEU B 435 0.92 25.78 -1.88
N GLN B 436 1.45 26.66 -2.72
CA GLN B 436 1.17 28.08 -2.60
C GLN B 436 -0.31 28.35 -2.83
N ASN B 437 -0.91 27.72 -3.84
CA ASN B 437 -2.33 27.92 -4.10
C ASN B 437 -3.18 27.42 -2.94
N LEU B 438 -2.84 26.25 -2.39
CA LEU B 438 -3.60 25.72 -1.27
C LEU B 438 -3.49 26.63 -0.04
N ILE B 439 -2.29 27.14 0.23
CA ILE B 439 -2.10 28.04 1.36
C ILE B 439 -2.90 29.32 1.14
N ARG B 440 -2.82 29.89 -0.07
CA ARG B 440 -3.51 31.14 -0.35
C ARG B 440 -5.02 30.98 -0.22
N ARG B 441 -5.57 29.88 -0.73
CA ARG B 441 -7.00 29.63 -0.59
C ARG B 441 -7.37 29.26 0.84
N ALA B 442 -6.42 28.76 1.63
CA ALA B 442 -6.74 28.29 2.97
C ALA B 442 -6.80 29.42 3.98
N VAL B 443 -5.70 30.13 4.18
CA VAL B 443 -5.66 31.18 5.19
C VAL B 443 -6.23 32.46 4.61
N ALA B 444 -7.21 33.03 5.30
CA ALA B 444 -7.70 34.32 4.82
C ALA B 444 -6.98 35.45 5.54
N PRO B 445 -6.72 36.56 4.86
CA PRO B 445 -5.97 37.65 5.49
C PRO B 445 -6.82 38.36 6.53
N GLU B 446 -6.27 38.52 7.72
CA GLU B 446 -6.98 39.25 8.77
C GLU B 446 -7.13 40.72 8.45
N TYR B 447 -6.36 41.24 7.51
CA TYR B 447 -6.52 42.60 7.00
C TYR B 447 -6.69 42.53 5.49
N LEU B 448 -7.77 43.12 4.99
CA LEU B 448 -8.07 43.16 3.57
C LEU B 448 -8.16 44.62 3.11
N GLN B 449 -7.58 44.90 1.95
CA GLN B 449 -7.64 46.24 1.36
C GLN B 449 -8.42 46.14 0.05
N ILE B 450 -9.62 46.70 0.05
CA ILE B 450 -10.47 46.74 -1.14
C ILE B 450 -10.47 48.18 -1.64
N ASP B 451 -10.05 48.37 -2.89
CA ASP B 451 -9.92 49.70 -3.48
C ASP B 451 -8.98 50.56 -2.63
N THR B 452 -9.54 51.36 -1.73
CA THR B 452 -8.72 52.19 -0.85
C THR B 452 -9.19 52.12 0.60
N GLU B 453 -10.00 51.13 0.96
CA GLU B 453 -10.52 50.98 2.31
C GLU B 453 -10.10 49.63 2.87
N GLU B 454 -10.20 49.51 4.20
CA GLU B 454 -9.64 48.38 4.93
C GLU B 454 -10.72 47.68 5.75
N LEU B 455 -10.69 46.35 5.72
CA LEU B 455 -11.58 45.50 6.51
C LEU B 455 -10.75 44.55 7.35
N ARG B 456 -11.06 44.47 8.64
CA ARG B 456 -10.37 43.58 9.56
C ARG B 456 -11.36 42.49 9.99
N PHE B 457 -11.15 41.27 9.49
CA PHE B 457 -12.05 40.17 9.81
C PHE B 457 -11.72 39.55 11.16
N ARG B 458 -10.45 39.42 11.49
CA ARG B 458 -10.01 38.78 12.72
C ARG B 458 -9.17 39.77 13.53
N ASN B 459 -9.38 39.77 14.84
CA ASN B 459 -8.65 40.68 15.72
C ASN B 459 -7.15 40.43 15.63
N CYS B 460 -6.75 39.16 15.68
CA CYS B 460 -5.34 38.81 15.68
C CYS B 460 -5.16 37.40 15.14
N ALA B 461 -3.99 37.15 14.56
CA ALA B 461 -3.79 35.97 13.73
C ALA B 461 -3.96 34.68 14.52
N THR B 462 -4.48 33.65 13.84
CA THR B 462 -4.73 32.36 14.47
C THR B 462 -3.57 31.39 14.25
N CYS B 463 -3.27 31.08 12.99
CA CYS B 463 -2.17 30.17 12.66
C CYS B 463 -0.86 30.95 12.60
N ILE B 464 0.23 30.23 12.32
CA ILE B 464 1.51 30.88 12.07
C ILE B 464 2.24 30.18 10.94
N ILE B 465 3.14 30.93 10.30
CA ILE B 465 4.01 30.43 9.25
C ILE B 465 5.43 30.42 9.79
N ASP B 466 6.06 29.25 9.77
CA ASP B 466 7.46 29.10 10.17
C ASP B 466 8.20 28.33 9.10
N GLU B 467 9.50 28.12 9.33
CA GLU B 467 10.26 27.26 8.43
C GLU B 467 9.70 25.86 8.40
N THR B 468 9.03 25.43 9.47
CA THR B 468 8.38 24.13 9.48
C THR B 468 7.15 24.11 8.58
N GLY B 469 6.53 25.26 8.34
CA GLY B 469 5.44 25.38 7.41
C GLY B 469 4.28 26.15 8.03
N LEU B 470 3.09 25.90 7.48
CA LEU B 470 1.84 26.37 8.08
C LEU B 470 1.53 25.50 9.28
N VAL B 471 1.66 26.05 10.49
CA VAL B 471 1.38 25.32 11.71
C VAL B 471 0.35 26.09 12.53
N ALA B 472 -0.62 25.36 13.07
CA ALA B 472 -1.70 25.95 13.84
C ALA B 472 -1.28 26.20 15.28
N SER B 473 -0.14 26.87 15.47
CA SER B 473 0.34 27.26 16.80
C SER B 473 -0.04 28.71 17.00
N VAL B 474 -1.02 28.95 17.87
CA VAL B 474 -1.50 30.32 18.08
C VAL B 474 -0.36 31.17 18.66
N PRO B 475 -0.17 32.40 18.16
CA PRO B 475 0.89 33.25 18.75
C PRO B 475 0.58 33.61 20.19
N ASP B 476 1.67 33.80 20.95
CA ASP B 476 1.72 34.33 22.32
C ASP B 476 0.50 33.98 23.16
N GLY B 477 0.23 32.69 23.33
CA GLY B 477 -0.84 32.25 24.18
C GLY B 477 -1.10 30.76 24.12
N PRO B 478 -1.92 30.25 25.03
CA PRO B 478 -2.29 28.83 24.99
C PRO B 478 -3.11 28.52 23.74
N GLU B 479 -3.07 27.26 23.34
CA GLU B 479 -3.70 26.85 22.09
C GLU B 479 -5.20 27.07 22.14
N LEU B 480 -5.75 27.52 21.01
CA LEU B 480 -7.18 27.81 20.93
C LEU B 480 -8.01 26.53 21.06
N TYR B 481 -9.13 26.63 21.76
CA TYR B 481 -10.01 25.49 21.93
C TYR B 481 -10.65 25.10 20.61
N ASN B 482 -10.71 23.81 20.35
CA ASN B 482 -11.29 23.28 19.12
C ASN B 482 -12.07 22.01 19.43
N PRO B 483 -13.39 22.02 19.29
CA PRO B 483 -14.18 20.83 19.64
C PRO B 483 -14.00 19.67 18.68
N ILE B 484 -13.37 19.89 17.52
CA ILE B 484 -13.15 18.86 16.52
C ILE B 484 -14.48 18.31 16.02
N ARG B 485 -15.21 17.61 16.90
CA ARG B 485 -16.54 17.06 16.60
C ARG B 485 -16.37 16.05 15.47
N SER B 486 -17.19 16.08 14.43
CA SER B 486 -17.10 15.13 13.34
C SER B 486 -15.95 15.49 12.40
N LEU B 516 -32.75 27.77 25.01
CA LEU B 516 -31.56 28.34 24.40
C LEU B 516 -31.40 27.88 22.97
N SER B 517 -32.21 26.88 22.58
CA SER B 517 -32.14 26.36 21.22
C SER B 517 -32.69 27.35 20.19
N GLY B 518 -33.44 28.36 20.64
CA GLY B 518 -33.97 29.33 19.69
C GLY B 518 -32.90 30.14 18.99
N TYR B 519 -31.87 30.57 19.74
CA TYR B 519 -30.79 31.33 19.15
C TYR B 519 -29.96 30.45 18.22
N GLU B 520 -29.42 31.06 17.18
CA GLU B 520 -28.57 30.34 16.24
C GLU B 520 -27.29 29.86 16.93
N GLU B 521 -26.76 28.75 16.42
CA GLU B 521 -25.71 28.03 17.14
C GLU B 521 -24.45 28.87 17.30
N TYR B 522 -24.07 29.61 16.25
CA TYR B 522 -22.77 30.27 16.18
C TYR B 522 -21.68 29.24 16.46
N PRO B 523 -21.37 28.38 15.50
CA PRO B 523 -20.35 27.34 15.74
C PRO B 523 -19.01 27.95 16.10
N THR B 524 -18.31 27.28 17.01
CA THR B 524 -17.04 27.75 17.57
C THR B 524 -15.84 27.21 16.81
N TYR B 525 -16.00 26.90 15.53
CA TYR B 525 -14.89 26.41 14.74
C TYR B 525 -13.83 27.49 14.59
N VAL B 526 -12.56 27.11 14.72
CA VAL B 526 -11.46 28.05 14.65
C VAL B 526 -10.98 28.11 13.19
N PRO B 527 -10.95 29.29 12.58
CA PRO B 527 -10.56 29.38 11.17
C PRO B 527 -9.07 29.63 10.98
N LEU B 528 -8.66 29.78 9.72
CA LEU B 528 -7.28 30.10 9.37
C LEU B 528 -7.24 31.57 8.95
N PHE B 529 -6.85 32.43 9.88
CA PHE B 529 -6.75 33.87 9.63
C PHE B 529 -5.31 34.31 9.82
N LEU B 530 -4.70 34.84 8.76
CA LEU B 530 -3.33 35.30 8.82
C LEU B 530 -3.03 36.13 7.60
N GLY B 531 -2.26 37.21 7.79
CA GLY B 531 -1.69 37.92 6.66
C GLY B 531 -2.32 39.25 6.33
N TYR B 532 -2.21 39.63 5.06
CA TYR B 532 -2.63 40.93 4.57
C TYR B 532 -2.87 40.80 3.07
N GLN B 533 -3.87 41.53 2.57
CA GLN B 533 -4.18 41.44 1.14
C GLN B 533 -4.43 42.82 0.57
N ILE B 534 -3.93 43.04 -0.65
CA ILE B 534 -4.15 44.24 -1.42
C ILE B 534 -4.95 43.84 -2.66
N ILE B 535 -6.13 44.42 -2.82
CA ILE B 535 -7.03 44.08 -3.91
C ILE B 535 -7.35 45.34 -4.69
N ASN B 536 -7.23 45.27 -6.01
CA ASN B 536 -7.56 46.37 -6.90
C ASN B 536 -8.79 46.03 -7.74
N SER B 537 -9.59 47.06 -8.03
CA SER B 537 -10.82 46.92 -8.81
C SER B 537 -11.76 45.90 -8.19
N ARG C 245 -13.46 15.22 -28.80
CA ARG C 245 -14.53 16.09 -28.31
C ARG C 245 -13.97 17.43 -27.86
N VAL C 246 -12.70 17.44 -27.47
CA VAL C 246 -12.02 18.65 -27.01
C VAL C 246 -10.86 18.94 -27.94
N ASN C 247 -10.75 20.19 -28.37
CA ASN C 247 -9.69 20.58 -29.29
C ASN C 247 -8.33 20.56 -28.59
N ARG C 248 -7.33 20.04 -29.29
CA ARG C 248 -5.98 19.92 -28.77
C ARG C 248 -4.98 20.71 -29.59
N CYS C 249 -5.46 21.68 -30.36
CA CYS C 249 -4.59 22.52 -31.19
C CYS C 249 -4.27 23.80 -30.44
N ILE C 250 -2.99 24.17 -30.42
CA ILE C 250 -2.59 25.39 -29.74
C ILE C 250 -3.13 26.62 -30.48
N PHE C 251 -3.31 26.52 -31.79
CA PHE C 251 -3.86 27.62 -32.58
C PHE C 251 -5.38 27.58 -32.65
N ALA C 252 -6.02 26.60 -32.00
CA ALA C 252 -7.48 26.57 -31.98
C ALA C 252 -8.05 27.63 -31.04
N SER C 253 -7.28 28.04 -30.04
CA SER C 253 -7.73 29.08 -29.11
C SER C 253 -7.37 30.47 -29.62
N ILE C 254 -7.79 30.78 -30.83
CA ILE C 254 -7.55 32.08 -31.45
C ILE C 254 -8.86 32.86 -31.45
N VAL C 255 -8.89 33.96 -30.70
CA VAL C 255 -10.05 34.83 -30.63
C VAL C 255 -9.58 36.27 -30.78
N SER C 256 -10.33 37.05 -31.55
CA SER C 256 -10.04 38.47 -31.74
C SER C 256 -10.75 39.22 -30.62
N PHE C 257 -10.04 39.45 -29.52
CA PHE C 257 -10.65 40.11 -28.37
C PHE C 257 -10.63 41.64 -28.54
N ASP C 258 -11.09 42.11 -29.69
CA ASP C 258 -11.31 43.52 -29.93
C ASP C 258 -12.77 43.91 -29.67
N ALA C 259 -13.60 42.94 -29.30
CA ALA C 259 -14.99 43.07 -28.84
C ALA C 259 -15.96 43.40 -29.96
N CYS C 260 -15.50 43.69 -31.17
CA CYS C 260 -16.42 43.96 -32.27
C CYS C 260 -16.04 43.18 -33.53
N ILE C 261 -14.75 42.84 -33.67
CA ILE C 261 -14.30 42.07 -34.82
C ILE C 261 -14.34 40.59 -34.45
N THR C 262 -14.61 39.76 -35.46
CA THR C 262 -14.79 38.33 -35.24
C THR C 262 -13.48 37.57 -35.43
N TYR C 263 -13.55 36.26 -35.30
CA TYR C 263 -12.39 35.38 -35.46
C TYR C 263 -12.86 34.14 -36.21
N LYS C 264 -11.99 33.13 -36.29
CA LYS C 264 -12.30 31.89 -36.99
C LYS C 264 -11.71 30.71 -36.22
N SER C 265 -12.29 29.54 -36.47
CA SER C 265 -11.79 28.27 -35.94
C SER C 265 -11.66 27.29 -37.11
N PRO C 266 -10.67 27.47 -37.98
CA PRO C 266 -10.60 26.67 -39.20
C PRO C 266 -9.89 25.34 -39.01
N CYS C 267 -9.70 24.91 -37.77
CA CYS C 267 -9.02 23.64 -37.52
C CYS C 267 -9.79 22.47 -38.14
N SER C 268 -9.03 21.57 -38.74
CA SER C 268 -9.61 20.34 -39.28
C SER C 268 -10.05 19.43 -38.14
N PRO C 269 -10.95 18.47 -38.40
CA PRO C 269 -11.42 17.59 -37.33
C PRO C 269 -10.32 16.76 -36.68
N ASP C 270 -9.15 16.64 -37.30
CA ASP C 270 -8.06 15.89 -36.70
C ASP C 270 -7.51 16.56 -35.44
N ALA C 271 -7.87 17.82 -35.18
CA ALA C 271 -7.41 18.50 -33.97
C ALA C 271 -7.92 17.80 -32.72
N TYR C 272 -9.18 17.33 -32.76
CA TYR C 272 -9.74 16.65 -31.60
C TYR C 272 -9.03 15.34 -31.30
N HIS C 273 -8.50 14.68 -32.32
CA HIS C 273 -7.80 13.41 -32.12
C HIS C 273 -6.51 13.65 -31.33
N ASP C 274 -6.22 12.72 -30.42
CA ASP C 274 -4.98 12.78 -29.63
C ASP C 274 -3.85 12.07 -30.38
N ASP C 275 -3.55 12.61 -31.57
CA ASP C 275 -2.52 12.04 -32.43
C ASP C 275 -1.11 12.34 -31.96
N GLY C 276 -0.94 13.27 -31.03
CA GLY C 276 0.38 13.68 -30.59
C GLY C 276 0.71 15.08 -31.04
N TRP C 277 0.26 15.46 -32.24
CA TRP C 277 0.42 16.83 -32.71
C TRP C 277 -0.51 17.74 -31.93
N PHE C 278 0.04 18.74 -31.27
CA PHE C 278 -0.80 19.74 -30.59
C PHE C 278 -1.08 20.92 -31.50
N ILE C 279 -1.53 20.62 -32.72
CA ILE C 279 -1.87 21.63 -33.71
C ILE C 279 -2.70 20.97 -34.79
N CYS C 280 -3.74 21.67 -35.24
CA CYS C 280 -4.57 21.12 -36.30
C CYS C 280 -3.86 21.23 -37.64
N ASN C 281 -4.29 20.38 -38.58
CA ASN C 281 -3.63 20.34 -39.88
C ASN C 281 -3.77 21.65 -40.63
N ASN C 282 -4.91 22.33 -40.50
CA ASN C 282 -5.11 23.59 -41.22
C ASN C 282 -4.12 24.65 -40.76
N HIS C 283 -3.95 24.81 -39.45
CA HIS C 283 -2.94 25.75 -38.97
C HIS C 283 -1.53 25.25 -39.23
N LEU C 284 -1.32 23.94 -39.16
CA LEU C 284 0.00 23.40 -39.48
C LEU C 284 0.40 23.70 -40.92
N ILE C 285 -0.59 23.82 -41.80
CA ILE C 285 -0.31 24.13 -43.20
C ILE C 285 -0.20 25.63 -43.41
N LYS C 286 -1.11 26.41 -42.81
CA LYS C 286 -1.12 27.84 -43.09
C LYS C 286 0.00 28.59 -42.39
N ARG C 287 0.53 28.05 -41.29
CA ARG C 287 1.61 28.75 -40.60
C ARG C 287 2.98 28.18 -40.98
N PHE C 288 3.18 26.89 -40.77
CA PHE C 288 4.40 26.22 -41.21
C PHE C 288 4.16 25.59 -42.57
N LYS C 289 5.24 25.42 -43.34
CA LYS C 289 5.15 24.74 -44.63
C LYS C 289 5.14 23.23 -44.39
N MET C 290 4.15 22.78 -43.63
CA MET C 290 4.14 21.44 -43.08
C MET C 290 2.75 20.84 -43.20
N SER C 291 2.69 19.56 -43.55
CA SER C 291 1.45 18.81 -43.58
C SER C 291 1.67 17.48 -42.87
N LYS C 292 0.58 16.84 -42.47
CA LYS C 292 0.64 15.62 -41.68
C LYS C 292 0.56 14.38 -42.55
N MET C 293 1.28 13.33 -42.15
CA MET C 293 1.13 12.01 -42.72
C MET C 293 1.37 10.98 -41.64
N VAL C 294 0.81 9.81 -41.85
CA VAL C 294 1.07 8.65 -41.01
C VAL C 294 2.06 7.76 -41.75
N LEU C 295 2.82 6.96 -41.00
CA LEU C 295 3.81 6.08 -41.58
C LEU C 295 3.72 4.70 -40.95
N PRO C 296 3.53 3.65 -41.73
CA PRO C 296 3.41 2.30 -41.18
C PRO C 296 4.75 1.58 -41.06
N ILE C 297 4.83 0.71 -40.05
CA ILE C 297 6.00 -0.09 -39.80
C ILE C 297 5.53 -1.53 -39.66
N PHE C 298 5.76 -2.36 -40.69
CA PHE C 298 5.41 -3.77 -40.63
C PHE C 298 6.63 -4.56 -40.16
N ASP C 299 6.93 -4.40 -38.86
CA ASP C 299 8.08 -5.03 -38.26
C ASP C 299 7.77 -6.48 -37.92
N GLU C 300 8.68 -7.13 -37.17
CA GLU C 300 8.50 -8.52 -36.81
C GLU C 300 7.29 -8.75 -35.92
N ASP C 301 6.84 -7.71 -35.20
CA ASP C 301 5.66 -7.86 -34.35
C ASP C 301 4.38 -8.04 -35.15
N ASP C 302 4.41 -7.73 -36.45
CA ASP C 302 3.25 -7.84 -37.34
C ASP C 302 2.09 -6.97 -36.86
N ASN C 303 2.38 -5.98 -36.03
CA ASN C 303 1.36 -5.08 -35.52
C ASN C 303 1.24 -3.85 -36.42
N GLN C 304 0.12 -3.15 -36.29
CA GLN C 304 -0.17 -1.99 -37.13
C GLN C 304 0.47 -0.75 -36.49
N PHE C 305 1.80 -0.79 -36.42
CA PHE C 305 2.55 0.27 -35.75
C PHE C 305 2.63 1.49 -36.66
N LYS C 306 2.03 2.59 -36.22
CA LYS C 306 1.97 3.82 -37.01
C LYS C 306 2.71 4.94 -36.28
N MET C 307 3.61 5.60 -37.00
CA MET C 307 4.28 6.80 -36.51
C MET C 307 3.81 7.99 -37.33
N THR C 308 4.30 9.18 -36.96
CA THR C 308 3.89 10.42 -37.58
C THR C 308 5.05 11.03 -38.36
N ILE C 309 4.78 11.47 -39.58
CA ILE C 309 5.76 12.13 -40.43
C ILE C 309 5.12 13.37 -41.03
N ALA C 310 5.95 14.23 -41.58
CA ALA C 310 5.51 15.52 -42.09
C ALA C 310 5.78 15.65 -43.58
N ARG C 311 5.26 16.73 -44.14
CA ARG C 311 5.28 17.01 -45.58
C ARG C 311 5.65 18.46 -45.83
N HIS C 312 6.57 18.68 -46.77
CA HIS C 312 6.89 20.02 -47.22
C HIS C 312 5.70 20.66 -47.94
N LEU C 313 5.61 21.98 -47.86
CA LEU C 313 4.70 22.75 -48.71
C LEU C 313 5.47 23.77 -49.54
N VAL C 314 6.77 23.55 -49.73
CA VAL C 314 7.63 24.46 -50.47
C VAL C 314 8.17 23.74 -51.70
N GLY C 315 8.19 24.45 -52.83
CA GLY C 315 8.66 23.88 -54.08
C GLY C 315 10.14 24.07 -54.32
N ASN C 316 10.50 24.72 -55.42
CA ASN C 316 11.90 24.92 -55.77
C ASN C 316 12.20 26.39 -56.02
N LYS C 317 11.20 27.14 -56.48
CA LYS C 317 11.42 28.53 -56.84
C LYS C 317 11.79 29.38 -55.62
N GLU C 318 11.11 29.17 -54.50
CA GLU C 318 11.38 29.95 -53.31
C GLU C 318 12.69 29.49 -52.67
N ARG C 319 13.55 30.44 -52.34
CA ARG C 319 14.86 30.18 -51.77
C ARG C 319 15.00 30.92 -50.44
N GLY C 320 16.05 30.58 -49.71
CA GLY C 320 16.39 31.33 -48.51
C GLY C 320 15.36 31.13 -47.40
N ILE C 321 14.98 32.24 -46.78
CA ILE C 321 14.10 32.19 -45.61
C ILE C 321 12.73 31.62 -45.98
N LYS C 322 12.34 31.73 -47.25
CA LYS C 322 11.08 31.15 -47.69
C LYS C 322 11.07 29.63 -47.56
N ARG C 323 12.24 28.99 -47.54
CA ARG C 323 12.30 27.54 -47.43
C ARG C 323 12.24 27.04 -46.01
N ILE C 324 12.23 27.93 -45.02
CA ILE C 324 12.20 27.49 -43.63
C ILE C 324 10.85 26.84 -43.32
N LEU C 325 10.88 25.90 -42.37
CA LEU C 325 9.67 25.24 -41.90
C LEU C 325 9.36 25.60 -40.45
N ILE C 326 10.33 25.46 -39.56
CA ILE C 326 10.17 25.89 -38.17
C ILE C 326 11.35 26.76 -37.79
N PRO C 327 11.20 28.07 -37.72
CA PRO C 327 12.33 28.94 -37.35
C PRO C 327 12.66 28.82 -35.87
N SER C 328 13.91 29.14 -35.55
CA SER C 328 14.34 29.17 -34.17
C SER C 328 13.85 30.46 -33.50
N ALA C 329 14.16 30.59 -32.21
CA ALA C 329 13.75 31.78 -31.47
C ALA C 329 14.51 33.02 -31.93
N THR C 330 15.63 32.86 -32.61
CA THR C 330 16.43 34.01 -33.01
C THR C 330 15.80 34.78 -34.16
N ASN C 331 15.24 34.07 -35.14
CA ASN C 331 14.87 34.67 -36.42
C ASN C 331 13.47 34.27 -36.84
N TYR C 332 12.51 34.35 -35.92
CA TYR C 332 11.12 34.11 -36.32
C TYR C 332 10.29 35.37 -36.45
N GLN C 333 10.75 36.50 -35.92
CA GLN C 333 10.04 37.76 -36.11
C GLN C 333 9.82 38.06 -37.58
N ASP C 334 10.90 37.97 -38.38
CA ASP C 334 10.82 38.34 -39.79
C ASP C 334 10.00 37.34 -40.59
N VAL C 335 10.23 36.03 -40.36
CA VAL C 335 9.58 35.03 -41.18
C VAL C 335 8.08 34.96 -40.87
N PHE C 336 7.70 35.05 -39.59
CA PHE C 336 6.29 34.92 -39.25
C PHE C 336 5.49 36.19 -39.51
N ASN C 337 6.15 37.34 -39.60
CA ASN C 337 5.48 38.62 -39.77
C ASN C 337 4.40 38.81 -38.70
N LEU C 338 4.89 38.88 -37.46
CA LEU C 338 4.00 38.84 -36.31
C LEU C 338 2.93 39.93 -36.36
N ASN C 339 3.29 41.11 -36.85
CA ASN C 339 2.36 42.24 -36.86
C ASN C 339 1.10 41.95 -37.67
N SER C 340 1.17 41.05 -38.66
CA SER C 340 -0.01 40.72 -39.45
C SER C 340 -1.06 39.98 -38.62
N MET C 341 -0.62 39.31 -37.56
CA MET C 341 -1.45 38.40 -36.79
C MET C 341 -2.29 39.19 -35.79
N MET C 342 -3.25 38.50 -35.17
CA MET C 342 -3.97 39.07 -34.05
C MET C 342 -3.21 38.81 -32.75
N GLN C 343 -3.52 39.61 -31.73
CA GLN C 343 -2.76 39.58 -30.48
C GLN C 343 -2.84 38.22 -29.81
N ALA C 344 -3.98 37.55 -29.92
CA ALA C 344 -4.05 36.19 -29.41
C ALA C 344 -2.98 35.32 -30.05
N GLU C 345 -2.77 35.48 -31.36
CA GLU C 345 -1.80 34.63 -32.05
C GLU C 345 -0.36 35.09 -31.80
N GLN C 346 -0.09 36.40 -31.67
CA GLN C 346 1.25 36.82 -31.25
C GLN C 346 1.57 36.28 -29.86
N LEU C 347 0.60 36.33 -28.93
CA LEU C 347 0.83 35.80 -27.60
C LEU C 347 1.10 34.31 -27.64
N ILE C 348 0.33 33.57 -28.45
CA ILE C 348 0.56 32.14 -28.57
C ILE C 348 1.95 31.87 -29.12
N PHE C 349 2.36 32.60 -30.16
CA PHE C 349 3.67 32.39 -30.76
C PHE C 349 4.80 32.71 -29.78
N HIS C 350 4.67 33.81 -29.02
CA HIS C 350 5.71 34.14 -28.06
C HIS C 350 5.76 33.12 -26.93
N LEU C 351 4.62 32.60 -26.51
CA LEU C 351 4.62 31.53 -25.50
C LEU C 351 5.28 30.27 -26.05
N ILE C 352 5.04 29.96 -27.31
CA ILE C 352 5.71 28.82 -27.95
C ILE C 352 7.21 29.04 -27.98
N TYR C 353 7.63 30.28 -28.23
CA TYR C 353 9.04 30.59 -28.41
C TYR C 353 9.69 31.16 -27.15
N ASN C 354 8.95 31.21 -26.04
CA ASN C 354 9.48 31.67 -24.75
C ASN C 354 10.07 33.07 -24.83
N ASN C 355 9.26 34.00 -25.33
CA ASN C 355 9.64 35.41 -25.37
C ASN C 355 8.93 36.12 -24.22
N GLU C 356 9.53 36.04 -23.03
CA GLU C 356 8.94 36.65 -21.84
C GLU C 356 8.83 38.15 -22.00
N ASN C 357 9.82 38.78 -22.64
CA ASN C 357 9.77 40.22 -22.84
C ASN C 357 8.59 40.61 -23.73
N ALA C 358 8.36 39.86 -24.81
CA ALA C 358 7.25 40.16 -25.71
C ALA C 358 5.92 39.99 -24.99
N VAL C 359 5.79 38.94 -24.18
CA VAL C 359 4.57 38.74 -23.41
C VAL C 359 4.37 39.89 -22.43
N ASN C 360 5.43 40.33 -21.76
CA ASN C 360 5.32 41.45 -20.84
C ASN C 360 4.87 42.71 -21.57
N THR C 361 5.44 42.97 -22.75
CA THR C 361 5.05 44.16 -23.51
C THR C 361 3.59 44.09 -23.93
N ILE C 362 3.15 42.94 -24.45
CA ILE C 362 1.77 42.84 -24.91
C ILE C 362 0.81 42.95 -23.72
N CYS C 363 1.19 42.43 -22.56
CA CYS C 363 0.32 42.53 -21.39
C CYS C 363 0.24 43.94 -20.85
N ASP C 364 1.37 44.67 -20.77
CA ASP C 364 1.31 45.98 -20.14
C ASP C 364 0.96 47.09 -21.13
N ASN C 365 0.88 46.79 -22.43
CA ASN C 365 0.29 47.74 -23.36
C ASN C 365 -1.13 47.39 -23.77
N LEU C 366 -1.56 46.15 -23.54
CA LEU C 366 -2.94 45.78 -23.81
C LEU C 366 -3.90 46.36 -22.78
N LYS C 367 -3.43 46.58 -21.54
CA LYS C 367 -4.28 47.15 -20.51
C LYS C 367 -4.71 48.57 -20.83
N TYR C 368 -4.02 49.24 -21.76
CA TYR C 368 -4.38 50.62 -22.11
C TYR C 368 -5.72 50.70 -22.84
N THR C 369 -6.19 49.60 -23.43
CA THR C 369 -7.42 49.65 -24.20
C THR C 369 -8.63 49.80 -23.28
N GLU C 370 -9.73 50.28 -23.85
CA GLU C 370 -10.97 50.45 -23.11
C GLU C 370 -11.77 49.16 -23.07
N GLY C 371 -12.58 49.01 -22.03
CA GLY C 371 -13.33 47.79 -21.84
C GLY C 371 -12.48 46.60 -21.49
N PHE C 372 -11.26 46.83 -21.00
CA PHE C 372 -10.34 45.74 -20.73
C PHE C 372 -10.86 44.83 -19.62
N THR C 373 -11.21 45.42 -18.47
CA THR C 373 -11.61 44.63 -17.31
C THR C 373 -12.93 43.92 -17.54
N SER C 374 -13.77 44.44 -18.43
CA SER C 374 -15.09 43.85 -18.66
C SER C 374 -14.97 42.40 -19.11
N ASN C 375 -14.36 42.17 -20.27
CA ASN C 375 -14.18 40.83 -20.79
C ASN C 375 -12.79 40.55 -21.36
N THR C 376 -11.98 41.57 -21.63
CA THR C 376 -10.68 41.33 -22.22
C THR C 376 -9.78 40.56 -21.26
N GLN C 377 -9.81 40.91 -19.98
CA GLN C 377 -9.03 40.17 -18.99
C GLN C 377 -9.46 38.71 -18.92
N ARG C 378 -10.78 38.46 -18.91
CA ARG C 378 -11.26 37.08 -18.82
C ARG C 378 -10.87 36.29 -20.07
N VAL C 379 -11.00 36.88 -21.25
CA VAL C 379 -10.69 36.13 -22.47
C VAL C 379 -9.19 35.90 -22.60
N ILE C 380 -8.36 36.88 -22.23
CA ILE C 380 -6.92 36.65 -22.29
C ILE C 380 -6.51 35.63 -21.23
N HIS C 381 -7.20 35.62 -20.09
CA HIS C 381 -6.98 34.58 -19.10
C HIS C 381 -7.28 33.21 -19.66
N SER C 382 -8.42 33.07 -20.34
CA SER C 382 -8.78 31.79 -20.93
C SER C 382 -7.77 31.33 -21.96
N VAL C 383 -7.38 32.23 -22.88
CA VAL C 383 -6.47 31.85 -23.95
C VAL C 383 -5.09 31.51 -23.39
N TYR C 384 -4.59 32.31 -22.44
CA TYR C 384 -3.28 32.03 -21.86
C TYR C 384 -3.29 30.72 -21.08
N ALA C 385 -4.38 30.46 -20.35
CA ALA C 385 -4.48 29.23 -19.59
C ALA C 385 -4.48 28.01 -20.50
N THR C 386 -5.28 28.04 -21.58
CA THR C 386 -5.32 26.89 -22.46
C THR C 386 -4.01 26.73 -23.23
N THR C 387 -3.36 27.84 -23.58
CA THR C 387 -2.07 27.75 -24.25
C THR C 387 -1.03 27.14 -23.33
N LYS C 388 -1.00 27.53 -22.05
CA LYS C 388 -0.05 26.93 -21.12
C LYS C 388 -0.40 25.47 -20.85
N SER C 389 -1.68 25.13 -20.85
CA SER C 389 -2.07 23.73 -20.71
C SER C 389 -1.54 22.90 -21.86
N ILE C 390 -1.62 23.43 -23.08
CA ILE C 390 -1.08 22.72 -24.24
C ILE C 390 0.44 22.66 -24.16
N LEU C 391 1.07 23.74 -23.69
CA LEU C 391 2.53 23.82 -23.72
C LEU C 391 3.18 22.93 -22.65
N ASP C 392 2.62 22.90 -21.45
CA ASP C 392 3.27 22.20 -20.34
C ASP C 392 3.23 20.69 -20.51
N THR C 393 2.17 20.16 -21.11
CA THR C 393 2.11 18.72 -21.34
C THR C 393 3.14 18.24 -22.34
N THR C 394 3.78 19.16 -23.07
CA THR C 394 4.84 18.82 -24.01
C THR C 394 6.22 19.25 -23.50
N ASN C 395 6.32 19.66 -22.25
CA ASN C 395 7.55 20.21 -21.70
C ASN C 395 8.68 19.18 -21.80
N PRO C 396 9.89 19.55 -22.23
CA PRO C 396 10.92 18.54 -22.46
C PRO C 396 11.52 17.96 -21.20
N ASN C 397 11.04 18.34 -20.02
CA ASN C 397 11.47 17.72 -18.78
C ASN C 397 11.08 16.25 -18.73
N THR C 398 12.08 15.36 -18.76
CA THR C 398 11.86 13.93 -19.00
C THR C 398 10.73 13.40 -18.12
N PHE C 399 9.92 12.51 -18.71
CA PHE C 399 8.73 12.05 -18.04
C PHE C 399 9.08 11.23 -16.81
N CYS C 400 8.40 11.52 -15.71
CA CYS C 400 8.60 10.86 -14.41
C CYS C 400 10.06 10.59 -14.08
N GLU C 407 12.81 5.38 -25.94
CA GLU C 407 12.84 6.41 -26.98
C GLU C 407 14.05 7.32 -26.83
N LEU C 408 14.87 7.36 -27.87
CA LEU C 408 16.05 8.23 -27.90
C LEU C 408 16.20 8.79 -29.30
N ARG C 409 16.08 10.10 -29.44
CA ARG C 409 16.03 10.74 -30.74
C ARG C 409 17.30 11.56 -30.98
N PHE C 410 17.87 11.42 -32.17
CA PHE C 410 19.01 12.20 -32.61
C PHE C 410 18.72 12.80 -33.97
N PHE C 411 19.39 13.91 -34.27
CA PHE C 411 19.20 14.61 -35.53
C PHE C 411 20.47 14.69 -36.35
N ASP C 412 21.50 13.94 -35.99
CA ASP C 412 22.74 13.92 -36.74
C ASP C 412 23.34 12.52 -36.65
N VAL C 413 24.12 12.15 -37.65
CA VAL C 413 24.75 10.83 -37.71
C VAL C 413 26.19 11.00 -37.21
N THR C 414 26.35 10.87 -35.89
CA THR C 414 27.66 10.93 -35.24
C THR C 414 27.66 9.88 -34.13
N ASN C 415 28.41 8.80 -34.33
CA ASN C 415 28.44 7.69 -33.39
C ASN C 415 27.04 7.15 -33.12
N ALA C 416 26.45 6.58 -34.18
CA ALA C 416 25.06 6.14 -34.12
C ALA C 416 24.83 5.16 -32.98
N ARG C 417 25.75 4.25 -32.75
CA ARG C 417 25.65 3.30 -31.64
C ARG C 417 26.19 3.91 -30.34
N ALA C 418 25.70 5.10 -30.01
CA ALA C 418 26.12 5.82 -28.82
C ALA C 418 25.16 6.99 -28.61
N LEU C 419 25.41 7.77 -27.57
CA LEU C 419 24.61 8.95 -27.28
C LEU C 419 25.15 10.21 -27.92
N ARG C 420 26.22 10.10 -28.71
CA ARG C 420 26.82 11.27 -29.34
C ARG C 420 25.86 11.87 -30.37
N GLY C 421 25.81 13.20 -30.40
CA GLY C 421 24.98 13.89 -31.37
C GLY C 421 25.67 15.15 -31.86
N GLY C 422 25.23 15.60 -33.04
CA GLY C 422 25.81 16.78 -33.65
C GLY C 422 25.29 18.06 -33.05
N ALA C 423 25.73 19.18 -33.64
CA ALA C 423 25.28 20.48 -33.18
C ALA C 423 23.77 20.64 -33.39
N GLY C 424 23.21 19.94 -34.37
CA GLY C 424 21.77 20.01 -34.58
C GLY C 424 20.97 19.54 -33.38
N ASP C 425 21.40 18.44 -32.76
CA ASP C 425 20.71 17.94 -31.58
C ASP C 425 20.79 18.94 -30.42
N GLN C 426 21.98 19.49 -30.17
CA GLN C 426 22.13 20.39 -29.03
C GLN C 426 21.38 21.71 -29.24
N LEU C 427 21.28 22.17 -30.49
CA LEU C 427 20.46 23.36 -30.73
C LEU C 427 18.97 23.03 -30.70
N PHE C 428 18.61 21.81 -31.11
CA PHE C 428 17.21 21.39 -31.05
C PHE C 428 16.73 21.26 -29.61
N ASN C 429 17.63 20.88 -28.70
CA ASN C 429 17.26 20.87 -27.28
C ASN C 429 16.87 22.25 -26.77
N ASN C 430 17.28 23.31 -27.47
CA ASN C 430 17.00 24.67 -27.02
C ASN C 430 15.57 25.12 -27.31
N TYR C 431 14.85 24.46 -28.20
CA TYR C 431 13.47 24.84 -28.44
C TYR C 431 12.58 24.45 -27.26
N SER C 432 11.43 25.12 -27.18
CA SER C 432 10.49 24.87 -26.09
C SER C 432 9.84 23.50 -26.25
N GLY C 433 8.96 23.18 -25.30
CA GLY C 433 8.34 21.87 -25.29
C GLY C 433 7.46 21.64 -26.51
N PHE C 434 6.61 22.62 -26.84
CA PHE C 434 5.74 22.46 -28.00
C PHE C 434 6.54 22.37 -29.29
N LEU C 435 7.57 23.20 -29.42
CA LEU C 435 8.39 23.17 -30.63
C LEU C 435 9.11 21.83 -30.75
N GLN C 436 9.67 21.33 -29.65
CA GLN C 436 10.36 20.04 -29.69
C GLN C 436 9.38 18.92 -30.02
N ASN C 437 8.18 18.94 -29.45
CA ASN C 437 7.20 17.90 -29.75
C ASN C 437 6.78 17.95 -31.21
N LEU C 438 6.54 19.16 -31.74
CA LEU C 438 6.16 19.30 -33.13
C LEU C 438 7.26 18.81 -34.06
N ILE C 439 8.51 19.14 -33.76
CA ILE C 439 9.62 18.69 -34.58
C ILE C 439 9.73 17.17 -34.52
N ARG C 440 9.63 16.60 -33.32
CA ARG C 440 9.78 15.16 -33.17
C ARG C 440 8.67 14.41 -33.91
N ARG C 441 7.44 14.90 -33.82
CA ARG C 441 6.35 14.28 -34.56
C ARG C 441 6.43 14.55 -36.06
N ALA C 442 7.13 15.61 -36.45
CA ALA C 442 7.16 15.99 -37.86
C ALA C 442 8.19 15.18 -38.64
N VAL C 443 9.46 15.30 -38.29
CA VAL C 443 10.51 14.63 -39.04
C VAL C 443 10.63 13.19 -38.56
N ALA C 444 10.56 12.25 -39.50
CA ALA C 444 10.77 10.87 -39.09
C ALA C 444 12.24 10.50 -39.28
N PRO C 445 12.80 9.67 -38.40
CA PRO C 445 14.23 9.33 -38.53
C PRO C 445 14.46 8.41 -39.71
N GLU C 446 15.42 8.77 -40.55
CA GLU C 446 15.78 7.92 -41.68
C GLU C 446 16.40 6.61 -41.25
N TYR C 447 16.87 6.52 -40.01
CA TYR C 447 17.35 5.28 -39.42
C TYR C 447 16.60 5.02 -38.14
N LEU C 448 15.98 3.85 -38.03
CA LEU C 448 15.23 3.44 -36.85
C LEU C 448 15.83 2.17 -36.27
N GLN C 449 15.95 2.12 -34.96
CA GLN C 449 16.45 0.94 -34.26
C GLN C 449 15.33 0.38 -33.40
N ILE C 450 14.80 -0.78 -33.79
CA ILE C 450 13.77 -1.48 -33.05
C ILE C 450 14.41 -2.69 -32.40
N ASP C 451 14.31 -2.77 -31.07
CA ASP C 451 14.96 -3.82 -30.31
C ASP C 451 16.45 -3.83 -30.57
N THR C 452 16.90 -4.68 -31.50
CA THR C 452 18.31 -4.74 -31.86
C THR C 452 18.52 -4.76 -33.37
N GLU C 453 17.52 -4.40 -34.16
CA GLU C 453 17.61 -4.41 -35.61
C GLU C 453 17.34 -3.01 -36.14
N GLU C 454 17.72 -2.78 -37.39
CA GLU C 454 17.74 -1.45 -37.99
C GLU C 454 16.90 -1.42 -39.26
N LEU C 455 16.12 -0.34 -39.42
CA LEU C 455 15.32 -0.09 -40.61
C LEU C 455 15.67 1.27 -41.17
N ARG C 456 15.94 1.33 -42.47
CA ARG C 456 16.25 2.58 -43.15
C ARG C 456 15.10 2.93 -44.08
N PHE C 457 14.33 3.95 -43.72
CA PHE C 457 13.17 4.33 -44.53
C PHE C 457 13.58 5.22 -45.71
N ARG C 458 14.54 6.12 -45.50
CA ARG C 458 14.96 7.04 -46.54
C ARG C 458 16.45 6.87 -46.79
N ASN C 459 16.83 6.92 -48.07
CA ASN C 459 18.23 6.75 -48.44
C ASN C 459 19.10 7.82 -47.80
N CYS C 460 18.66 9.07 -47.85
CA CYS C 460 19.44 10.19 -47.34
C CYS C 460 18.51 11.34 -46.99
N ALA C 461 18.96 12.14 -46.02
CA ALA C 461 18.07 13.09 -45.35
C ALA C 461 17.51 14.13 -46.31
N THR C 462 16.27 14.54 -46.05
CA THR C 462 15.58 15.51 -46.90
C THR C 462 15.73 16.94 -46.38
N CYS C 463 15.26 17.19 -45.15
CA CYS C 463 15.37 18.51 -44.55
C CYS C 463 16.71 18.66 -43.86
N ILE C 464 16.95 19.83 -43.27
CA ILE C 464 18.13 20.04 -42.44
C ILE C 464 17.77 20.87 -41.21
N ILE C 465 18.59 20.72 -40.18
CA ILE C 465 18.50 21.47 -38.94
C ILE C 465 19.69 22.40 -38.87
N ASP C 466 19.45 23.69 -38.75
CA ASP C 466 20.49 24.68 -38.58
C ASP C 466 20.13 25.59 -37.41
N GLU C 467 21.01 26.56 -37.14
CA GLU C 467 20.68 27.57 -36.13
C GLU C 467 19.44 28.36 -36.53
N THR C 468 19.15 28.44 -37.83
CA THR C 468 17.93 29.10 -38.28
C THR C 468 16.71 28.27 -37.96
N GLY C 469 16.85 26.95 -37.83
CA GLY C 469 15.78 26.09 -37.42
C GLY C 469 15.67 24.88 -38.32
N LEU C 470 14.47 24.30 -38.35
CA LEU C 470 14.12 23.27 -39.32
C LEU C 470 13.86 23.95 -40.65
N VAL C 471 14.76 23.75 -41.62
CA VAL C 471 14.61 24.33 -42.94
C VAL C 471 14.68 23.24 -43.98
N ALA C 472 13.79 23.32 -44.97
CA ALA C 472 13.69 22.31 -46.01
C ALA C 472 14.71 22.56 -47.11
N SER C 473 15.97 22.71 -46.73
CA SER C 473 17.07 22.88 -47.69
C SER C 473 17.74 21.52 -47.82
N VAL C 474 17.56 20.88 -48.97
CA VAL C 474 18.10 19.54 -49.17
C VAL C 474 19.62 19.61 -49.10
N PRO C 475 20.30 18.68 -48.42
CA PRO C 475 21.76 18.70 -48.40
C PRO C 475 22.35 18.44 -49.77
N ASP C 476 23.52 19.03 -50.01
CA ASP C 476 24.42 18.83 -51.15
C ASP C 476 23.69 18.50 -52.45
N GLY C 477 22.81 19.39 -52.89
CA GLY C 477 22.14 19.23 -54.16
C GLY C 477 21.06 20.26 -54.41
N PRO C 478 20.56 20.31 -55.64
CA PRO C 478 19.44 21.21 -55.94
C PRO C 478 18.19 20.80 -55.19
N GLU C 479 17.31 21.77 -54.99
CA GLU C 479 16.13 21.56 -54.16
C GLU C 479 15.21 20.51 -54.77
N LEU C 480 14.64 19.67 -53.91
CA LEU C 480 13.77 18.59 -54.37
C LEU C 480 12.50 19.13 -55.00
N TYR C 481 12.05 18.49 -56.06
CA TYR C 481 10.83 18.89 -56.73
C TYR C 481 9.62 18.64 -55.85
N ASN C 482 8.71 19.62 -55.82
CA ASN C 482 7.50 19.50 -55.02
C ASN C 482 6.32 20.11 -55.78
N PRO C 483 5.35 19.30 -56.18
CA PRO C 483 4.24 19.83 -56.98
C PRO C 483 3.29 20.73 -56.20
N ILE C 484 3.39 20.77 -54.87
CA ILE C 484 2.54 21.59 -54.02
C ILE C 484 1.09 21.17 -54.18
N ARG C 485 0.52 21.41 -55.36
CA ARG C 485 -0.85 21.03 -55.71
C ARG C 485 -1.79 21.78 -54.75
N SER C 486 -2.77 21.12 -54.14
CA SER C 486 -3.70 21.80 -53.24
C SER C 486 -3.04 22.05 -51.88
N LEU C 516 -2.56 4.11 -68.32
CA LEU C 516 -1.62 4.28 -67.21
C LEU C 516 -2.36 4.54 -65.91
N SER C 517 -3.67 4.80 -66.01
CA SER C 517 -4.48 5.06 -64.83
C SER C 517 -4.69 3.82 -63.99
N GLY C 518 -4.44 2.63 -64.54
CA GLY C 518 -4.63 1.41 -63.77
C GLY C 518 -3.67 1.31 -62.60
N TYR C 519 -2.41 1.68 -62.80
CA TYR C 519 -1.43 1.63 -61.73
C TYR C 519 -1.74 2.69 -60.67
N GLU C 520 -1.42 2.37 -59.42
CA GLU C 520 -1.62 3.32 -58.34
C GLU C 520 -0.74 4.54 -58.52
N GLU C 521 -1.21 5.68 -58.00
CA GLU C 521 -0.62 6.97 -58.33
C GLU C 521 0.83 7.06 -57.85
N TYR C 522 1.11 6.55 -56.65
CA TYR C 522 2.38 6.79 -55.97
C TYR C 522 2.66 8.28 -55.93
N PRO C 523 1.98 9.02 -55.05
CA PRO C 523 2.18 10.48 -55.01
C PRO C 523 3.63 10.84 -54.72
N THR C 524 4.08 11.90 -55.36
CA THR C 524 5.47 12.35 -55.28
C THR C 524 5.69 13.39 -54.19
N TYR C 525 4.88 13.37 -53.14
CA TYR C 525 5.06 14.31 -52.05
C TYR C 525 6.38 14.04 -51.34
N VAL C 526 7.09 15.11 -51.00
CA VAL C 526 8.39 15.01 -50.35
C VAL C 526 8.20 15.03 -48.84
N PRO C 527 8.66 14.02 -48.11
CA PRO C 527 8.42 13.99 -46.66
C PRO C 527 9.53 14.65 -45.86
N LEU C 528 9.40 14.60 -44.53
CA LEU C 528 10.42 15.11 -43.62
C LEU C 528 11.15 13.91 -43.02
N PHE C 529 12.30 13.58 -43.59
CA PHE C 529 13.10 12.45 -43.11
C PHE C 529 14.46 12.97 -42.66
N LEU C 530 14.76 12.77 -41.38
CA LEU C 530 16.03 13.22 -40.82
C LEU C 530 16.24 12.57 -39.46
N GLY C 531 17.48 12.19 -39.18
CA GLY C 531 17.85 11.80 -37.84
C GLY C 531 18.06 10.32 -37.60
N TYR C 532 17.86 9.91 -36.36
CA TYR C 532 18.12 8.56 -35.89
C TYR C 532 17.28 8.31 -34.66
N GLN C 533 16.80 7.08 -34.49
CA GLN C 533 15.97 6.76 -33.34
C GLN C 533 16.38 5.44 -32.73
N ILE C 534 16.37 5.40 -31.40
CA ILE C 534 16.61 4.19 -30.63
C ILE C 534 15.32 3.89 -29.88
N ILE C 535 14.77 2.69 -30.12
CA ILE C 535 13.49 2.29 -29.54
C ILE C 535 13.70 0.99 -28.79
N ASN C 536 13.21 0.94 -27.55
CA ASN C 536 13.27 -0.26 -26.72
C ASN C 536 11.87 -0.83 -26.50
N SER C 537 11.80 -2.15 -26.42
CA SER C 537 10.55 -2.87 -26.22
C SER C 537 9.52 -2.54 -27.31
N ARG D 245 -6.43 -5.34 -76.36
CA ARG D 245 -7.05 -6.52 -76.96
C ARG D 245 -6.00 -7.56 -77.31
N VAL D 246 -4.77 -7.12 -77.53
CA VAL D 246 -3.65 -7.98 -77.87
C VAL D 246 -2.60 -7.88 -76.77
N ASN D 247 -2.10 -9.02 -76.31
CA ASN D 247 -1.10 -9.03 -75.26
C ASN D 247 0.23 -8.51 -75.78
N ARG D 248 0.89 -7.69 -74.96
CA ARG D 248 2.17 -7.08 -75.32
C ARG D 248 3.27 -7.50 -74.35
N CYS D 249 3.07 -8.59 -73.62
CA CYS D 249 4.05 -9.09 -72.68
C CYS D 249 4.90 -10.16 -73.34
N ILE D 250 6.22 -10.05 -73.18
CA ILE D 250 7.12 -11.03 -73.78
C ILE D 250 6.95 -12.38 -73.09
N PHE D 251 6.59 -12.39 -71.81
CA PHE D 251 6.35 -13.62 -71.07
C PHE D 251 4.92 -14.13 -71.20
N ALA D 252 4.07 -13.43 -71.94
CA ALA D 252 2.71 -13.92 -72.15
C ALA D 252 2.67 -15.08 -73.14
N SER D 253 3.66 -15.18 -74.03
CA SER D 253 3.74 -16.28 -74.98
C SER D 253 4.50 -17.47 -74.40
N ILE D 254 4.05 -17.93 -73.24
CA ILE D 254 4.65 -19.07 -72.56
C ILE D 254 3.72 -20.27 -72.71
N VAL D 255 4.18 -21.29 -73.43
CA VAL D 255 3.42 -22.51 -73.64
C VAL D 255 4.34 -23.70 -73.39
N SER D 256 3.82 -24.71 -72.70
CA SER D 256 4.58 -25.94 -72.45
C SER D 256 4.32 -26.87 -73.62
N PHE D 257 5.20 -26.81 -74.62
CA PHE D 257 5.03 -27.62 -75.82
C PHE D 257 5.56 -29.03 -75.61
N ASP D 258 5.14 -29.67 -74.52
CA ASP D 258 5.40 -31.07 -74.28
C ASP D 258 4.23 -31.95 -74.72
N ALA D 259 3.17 -31.32 -75.21
CA ALA D 259 1.99 -31.93 -75.84
C ALA D 259 1.05 -32.60 -74.85
N CYS D 260 1.43 -32.74 -73.58
CA CYS D 260 0.53 -33.34 -72.61
C CYS D 260 0.45 -32.51 -71.32
N ILE D 261 1.49 -31.74 -71.03
CA ILE D 261 1.50 -30.88 -69.86
C ILE D 261 0.99 -29.50 -70.25
N THR D 262 0.31 -28.84 -69.31
CA THR D 262 -0.33 -27.57 -69.58
C THR D 262 0.59 -26.41 -69.24
N TYR D 263 0.08 -25.19 -69.41
CA TYR D 263 0.81 -23.97 -69.13
C TYR D 263 -0.15 -22.98 -68.47
N LYS D 264 0.30 -21.74 -68.31
CA LYS D 264 -0.53 -20.71 -67.69
C LYS D 264 -0.30 -19.38 -68.40
N SER D 265 -1.29 -18.49 -68.26
CA SER D 265 -1.19 -17.11 -68.74
C SER D 265 -1.58 -16.18 -67.59
N PRO D 266 -0.70 -16.03 -66.61
CA PRO D 266 -1.07 -15.28 -65.40
C PRO D 266 -0.86 -13.78 -65.52
N CYS D 267 -0.68 -13.27 -66.74
CA CYS D 267 -0.47 -11.84 -66.94
C CYS D 267 -1.66 -11.04 -66.45
N SER D 268 -1.37 -9.93 -65.78
CA SER D 268 -2.41 -9.01 -65.35
C SER D 268 -2.99 -8.29 -66.56
N PRO D 269 -4.19 -7.71 -66.43
CA PRO D 269 -4.80 -7.03 -67.58
C PRO D 269 -4.00 -5.85 -68.10
N ASP D 270 -3.05 -5.35 -67.33
CA ASP D 270 -2.22 -4.25 -67.81
C ASP D 270 -1.32 -4.65 -68.97
N ALA D 271 -1.16 -5.94 -69.25
CA ALA D 271 -0.34 -6.38 -70.37
C ALA D 271 -0.90 -5.88 -71.69
N TYR D 272 -2.23 -5.88 -71.83
CA TYR D 272 -2.84 -5.42 -73.06
C TYR D 272 -2.60 -3.94 -73.31
N HIS D 273 -2.48 -3.15 -72.24
CA HIS D 273 -2.25 -1.72 -72.39
C HIS D 273 -0.87 -1.46 -72.98
N ASP D 274 -0.81 -0.48 -73.88
CA ASP D 274 0.46 -0.07 -74.49
C ASP D 274 1.16 0.96 -73.62
N ASP D 275 1.48 0.54 -72.40
CA ASP D 275 2.11 1.42 -71.43
C ASP D 275 3.59 1.64 -71.70
N GLY D 276 4.20 0.85 -72.58
CA GLY D 276 5.63 0.95 -72.83
C GLY D 276 6.37 -0.26 -72.31
N TRP D 277 5.93 -0.79 -71.18
CA TRP D 277 6.50 -2.02 -70.65
C TRP D 277 6.05 -3.18 -71.52
N PHE D 278 7.00 -3.92 -72.09
CA PHE D 278 6.67 -5.12 -72.84
C PHE D 278 6.71 -6.37 -71.94
N ILE D 279 6.03 -6.27 -70.80
CA ILE D 279 5.95 -7.36 -69.84
C ILE D 279 4.79 -7.05 -68.89
N CYS D 280 4.03 -8.08 -68.56
CA CYS D 280 2.92 -7.89 -67.64
C CYS D 280 3.45 -7.77 -66.21
N ASN D 281 2.63 -7.16 -65.36
CA ASN D 281 3.06 -6.91 -63.98
C ASN D 281 3.30 -8.21 -63.23
N ASN D 282 2.49 -9.24 -63.48
CA ASN D 282 2.65 -10.50 -62.77
C ASN D 282 4.01 -11.13 -63.06
N HIS D 283 4.39 -11.20 -64.34
CA HIS D 283 5.72 -11.71 -64.67
C HIS D 283 6.82 -10.75 -64.24
N LEU D 284 6.56 -9.44 -64.31
CA LEU D 284 7.56 -8.47 -63.84
C LEU D 284 7.83 -8.66 -62.35
N ILE D 285 6.85 -9.14 -61.60
CA ILE D 285 7.05 -9.36 -60.18
C ILE D 285 7.65 -10.72 -59.91
N LYS D 286 7.17 -11.77 -60.60
CA LYS D 286 7.61 -13.12 -60.30
C LYS D 286 9.01 -13.40 -60.81
N ARG D 287 9.45 -12.69 -61.87
CA ARG D 287 10.79 -12.95 -62.38
C ARG D 287 11.80 -11.94 -61.85
N PHE D 288 11.57 -10.65 -62.07
CA PHE D 288 12.40 -9.61 -61.48
C PHE D 288 11.78 -9.13 -60.18
N LYS D 289 12.62 -8.62 -59.28
CA LYS D 289 12.13 -8.03 -58.03
C LYS D 289 11.62 -6.61 -58.31
N MET D 290 10.65 -6.54 -59.20
CA MET D 290 10.23 -5.27 -59.78
C MET D 290 8.72 -5.21 -59.86
N SER D 291 8.17 -4.04 -59.55
CA SER D 291 6.75 -3.77 -59.69
C SER D 291 6.57 -2.43 -60.40
N LYS D 292 5.39 -2.21 -60.96
CA LYS D 292 5.13 -1.03 -61.76
C LYS D 292 4.48 0.08 -60.93
N MET D 293 4.84 1.32 -61.27
CA MET D 293 4.16 2.50 -60.75
C MET D 293 4.16 3.58 -61.81
N VAL D 294 3.20 4.46 -61.71
CA VAL D 294 3.14 5.65 -62.53
C VAL D 294 3.64 6.83 -61.70
N LEU D 295 4.16 7.85 -62.36
CA LEU D 295 4.70 9.02 -61.68
C LEU D 295 4.20 10.29 -62.36
N PRO D 296 3.56 11.19 -61.62
CA PRO D 296 3.04 12.42 -62.22
C PRO D 296 4.03 13.56 -62.18
N ILE D 297 3.94 14.42 -63.20
CA ILE D 297 4.78 15.61 -63.31
C ILE D 297 3.85 16.79 -63.55
N PHE D 298 3.64 17.61 -62.52
CA PHE D 298 2.82 18.82 -62.65
C PHE D 298 3.73 20.00 -62.99
N ASP D 299 4.23 19.97 -64.22
CA ASP D 299 5.17 20.99 -64.70
C ASP D 299 4.40 22.25 -65.09
N GLU D 300 5.12 23.18 -65.74
CA GLU D 300 4.50 24.44 -66.16
C GLU D 300 3.41 24.24 -67.21
N ASP D 301 3.46 23.14 -67.95
CA ASP D 301 2.43 22.87 -68.95
C ASP D 301 1.07 22.57 -68.32
N ASP D 302 1.04 22.26 -67.03
CA ASP D 302 -0.18 21.93 -66.29
C ASP D 302 -0.89 20.73 -66.90
N ASN D 303 -0.17 19.91 -67.67
CA ASN D 303 -0.74 18.72 -68.28
C ASN D 303 -0.53 17.52 -67.37
N GLN D 304 -1.31 16.46 -67.62
CA GLN D 304 -1.27 15.26 -66.80
C GLN D 304 -0.16 14.34 -67.32
N PHE D 305 1.07 14.84 -67.22
CA PHE D 305 2.23 14.14 -67.76
C PHE D 305 2.62 13.00 -66.81
N LYS D 306 2.51 11.77 -67.30
CA LYS D 306 2.79 10.59 -66.50
C LYS D 306 3.96 9.82 -67.10
N MET D 307 4.94 9.50 -66.26
CA MET D 307 6.03 8.62 -66.63
C MET D 307 5.93 7.32 -65.85
N THR D 308 6.83 6.40 -66.13
CA THR D 308 6.81 5.07 -65.52
C THR D 308 8.01 4.89 -64.60
N ILE D 309 7.74 4.36 -63.41
CA ILE D 309 8.79 4.08 -62.43
C ILE D 309 8.56 2.67 -61.89
N ALA D 310 9.57 2.15 -61.20
CA ALA D 310 9.54 0.77 -60.74
C ALA D 310 9.63 0.72 -59.21
N ARG D 311 9.47 -0.50 -58.70
CA ARG D 311 9.40 -0.77 -57.27
C ARG D 311 10.22 -2.01 -56.94
N HIS D 312 11.03 -1.92 -55.87
CA HIS D 312 11.74 -3.07 -55.35
C HIS D 312 10.77 -4.09 -54.77
N LEU D 313 11.16 -5.37 -54.84
CA LEU D 313 10.49 -6.42 -54.10
C LEU D 313 11.45 -7.12 -53.14
N VAL D 314 12.55 -6.47 -52.80
CA VAL D 314 13.58 -7.03 -51.93
C VAL D 314 13.66 -6.20 -50.66
N GLY D 315 13.79 -6.88 -49.52
CA GLY D 315 13.86 -6.21 -48.23
C GLY D 315 15.27 -5.87 -47.80
N ASN D 316 15.69 -6.38 -46.64
CA ASN D 316 17.01 -6.07 -46.11
C ASN D 316 17.77 -7.35 -45.80
N LYS D 317 17.05 -8.42 -45.45
CA LYS D 317 17.70 -9.65 -45.03
C LYS D 317 18.50 -10.28 -46.16
N GLU D 318 17.94 -10.30 -47.37
CA GLU D 318 18.63 -10.91 -48.50
C GLU D 318 19.75 -10.00 -48.98
N ARG D 319 20.94 -10.58 -49.16
CA ARG D 319 22.13 -9.86 -49.59
C ARG D 319 22.69 -10.47 -50.85
N GLY D 320 23.64 -9.77 -51.45
CA GLY D 320 24.37 -10.31 -52.58
C GLY D 320 23.50 -10.46 -53.81
N ILE D 321 23.62 -11.63 -54.46
CA ILE D 321 22.92 -11.86 -55.73
C ILE D 321 21.41 -11.82 -55.55
N LYS D 322 20.92 -12.11 -54.35
CA LYS D 322 19.50 -12.00 -54.08
C LYS D 322 18.97 -10.58 -54.25
N ARG D 323 19.82 -9.57 -54.14
CA ARG D 323 19.40 -8.19 -54.25
C ARG D 323 19.34 -7.71 -55.70
N ILE D 324 19.77 -8.53 -56.66
CA ILE D 324 19.77 -8.10 -58.05
C ILE D 324 18.33 -7.96 -58.55
N LEU D 325 18.14 -7.05 -59.51
CA LEU D 325 16.86 -6.85 -60.15
C LEU D 325 16.88 -7.25 -61.61
N ILE D 326 17.84 -6.76 -62.37
CA ILE D 326 18.02 -7.19 -63.76
C ILE D 326 19.48 -7.57 -63.97
N PRO D 327 19.80 -8.86 -64.02
CA PRO D 327 21.20 -9.26 -64.22
C PRO D 327 21.65 -9.00 -65.64
N SER D 328 22.97 -8.85 -65.80
CA SER D 328 23.55 -8.69 -67.11
C SER D 328 23.66 -10.05 -67.80
N ALA D 329 24.15 -10.04 -69.04
CA ALA D 329 24.29 -11.27 -69.79
C ALA D 329 25.36 -12.18 -69.22
N THR D 330 26.26 -11.64 -68.39
CA THR D 330 27.37 -12.45 -67.88
C THR D 330 26.90 -13.42 -66.79
N ASN D 331 26.01 -12.98 -65.91
CA ASN D 331 25.71 -13.70 -64.68
C ASN D 331 24.21 -13.82 -64.46
N TYR D 332 23.46 -14.23 -65.48
CA TYR D 332 22.04 -14.49 -65.28
C TYR D 332 21.70 -15.97 -65.23
N GLN D 333 22.61 -16.86 -65.66
CA GLN D 333 22.36 -18.30 -65.54
C GLN D 333 22.08 -18.68 -64.09
N ASP D 334 22.94 -18.23 -63.17
CA ASP D 334 22.81 -18.64 -61.78
C ASP D 334 21.61 -18.01 -61.11
N VAL D 335 21.38 -16.71 -61.34
CA VAL D 335 20.31 -16.02 -60.63
C VAL D 335 18.94 -16.48 -61.14
N PHE D 336 18.80 -16.66 -62.46
CA PHE D 336 17.48 -17.02 -62.97
C PHE D 336 17.16 -18.50 -62.80
N ASN D 337 18.17 -19.35 -62.59
CA ASN D 337 17.97 -20.80 -62.47
C ASN D 337 17.17 -21.32 -63.66
N LEU D 338 17.81 -21.19 -64.84
CA LEU D 338 17.12 -21.44 -66.10
C LEU D 338 16.51 -22.83 -66.15
N ASN D 339 17.20 -23.82 -65.58
CA ASN D 339 16.72 -25.20 -65.67
C ASN D 339 15.36 -25.40 -65.03
N SER D 340 14.98 -24.56 -64.08
CA SER D 340 13.66 -24.68 -63.45
C SER D 340 12.54 -24.34 -64.43
N MET D 341 12.84 -23.53 -65.43
CA MET D 341 11.85 -22.96 -66.32
C MET D 341 11.48 -23.97 -67.41
N MET D 342 10.42 -23.64 -68.16
CA MET D 342 10.10 -24.41 -69.35
C MET D 342 10.88 -23.87 -70.55
N GLN D 343 11.02 -24.72 -71.58
CA GLN D 343 11.87 -24.38 -72.71
C GLN D 343 11.40 -23.13 -73.44
N ALA D 344 10.09 -22.90 -73.50
CA ALA D 344 9.61 -21.64 -74.03
C ALA D 344 10.23 -20.46 -73.28
N GLU D 345 10.30 -20.56 -71.95
CA GLU D 345 10.81 -19.46 -71.16
C GLU D 345 12.33 -19.36 -71.21
N GLN D 346 13.05 -20.50 -71.29
CA GLN D 346 14.49 -20.40 -71.53
C GLN D 346 14.78 -19.75 -72.87
N LEU D 347 14.04 -20.13 -73.91
CA LEU D 347 14.23 -19.52 -75.21
C LEU D 347 13.95 -18.02 -75.16
N ILE D 348 12.88 -17.63 -74.48
CA ILE D 348 12.57 -16.21 -74.36
C ILE D 348 13.69 -15.48 -73.65
N PHE D 349 14.19 -16.05 -72.55
CA PHE D 349 15.25 -15.39 -71.80
C PHE D 349 16.54 -15.27 -72.60
N HIS D 350 16.91 -16.32 -73.35
CA HIS D 350 18.11 -16.24 -74.17
C HIS D 350 17.95 -15.24 -75.30
N LEU D 351 16.75 -15.15 -75.88
CA LEU D 351 16.51 -14.13 -76.90
C LEU D 351 16.61 -12.74 -76.31
N ILE D 352 16.11 -12.55 -75.09
CA ILE D 352 16.24 -11.27 -74.40
C ILE D 352 17.71 -10.95 -74.17
N TYR D 353 18.50 -11.96 -73.83
CA TYR D 353 19.90 -11.76 -73.47
C TYR D 353 20.85 -12.04 -74.63
N ASN D 354 20.34 -12.32 -75.82
CA ASN D 354 21.15 -12.52 -77.02
C ASN D 354 22.18 -13.63 -76.82
N ASN D 355 21.71 -14.80 -76.41
CA ASN D 355 22.55 -15.99 -76.29
C ASN D 355 22.29 -16.87 -77.50
N GLU D 356 22.98 -16.54 -78.61
CA GLU D 356 22.78 -17.31 -79.84
C GLU D 356 23.20 -18.75 -79.67
N ASN D 357 24.26 -19.00 -78.90
CA ASN D 357 24.70 -20.38 -78.66
C ASN D 357 23.63 -21.18 -77.92
N ALA D 358 23.01 -20.57 -76.90
CA ALA D 358 21.97 -21.27 -76.15
C ALA D 358 20.77 -21.57 -77.03
N VAL D 359 20.38 -20.62 -77.88
CA VAL D 359 19.27 -20.85 -78.81
C VAL D 359 19.62 -21.97 -79.78
N ASN D 360 20.85 -21.98 -80.28
CA ASN D 360 21.26 -23.05 -81.19
C ASN D 360 21.20 -24.41 -80.50
N THR D 361 21.67 -24.48 -79.24
CA THR D 361 21.62 -25.75 -78.52
C THR D 361 20.19 -26.21 -78.29
N ILE D 362 19.31 -25.29 -77.86
CA ILE D 362 17.93 -25.69 -77.59
C ILE D 362 17.24 -26.11 -78.88
N CYS D 363 17.57 -25.46 -80.00
CA CYS D 363 16.94 -25.83 -81.26
C CYS D 363 17.44 -27.18 -81.78
N ASP D 364 18.75 -27.44 -81.70
CA ASP D 364 19.24 -28.69 -82.30
C ASP D 364 19.17 -29.87 -81.33
N ASN D 365 18.82 -29.65 -80.06
CA ASN D 365 18.51 -30.77 -79.19
C ASN D 365 17.01 -30.96 -78.98
N LEU D 366 16.20 -29.94 -79.29
CA LEU D 366 14.76 -30.09 -79.21
C LEU D 366 14.20 -30.94 -80.34
N LYS D 367 14.88 -30.96 -81.50
CA LYS D 367 14.42 -31.77 -82.63
C LYS D 367 14.49 -33.26 -82.33
N TYR D 368 15.24 -33.67 -81.30
CA TYR D 368 15.35 -35.08 -80.96
C TYR D 368 14.04 -35.65 -80.41
N THR D 369 13.14 -34.81 -79.91
CA THR D 369 11.92 -35.29 -79.31
C THR D 369 10.97 -35.85 -80.37
N GLU D 370 10.04 -36.69 -79.92
CA GLU D 370 9.06 -37.28 -80.82
C GLU D 370 7.86 -36.35 -80.99
N GLY D 371 7.20 -36.48 -82.14
CA GLY D 371 6.08 -35.59 -82.46
C GLY D 371 6.51 -34.17 -82.71
N PHE D 372 7.78 -33.94 -83.04
CA PHE D 372 8.28 -32.59 -83.22
C PHE D 372 7.62 -31.90 -84.40
N THR D 373 7.65 -32.55 -85.57
CA THR D 373 7.16 -31.92 -86.79
C THR D 373 5.64 -31.73 -86.75
N SER D 374 4.93 -32.53 -85.97
CA SER D 374 3.48 -32.45 -85.93
C SER D 374 3.02 -31.07 -85.50
N ASN D 375 3.35 -30.66 -84.28
CA ASN D 375 2.98 -29.35 -83.77
C ASN D 375 4.08 -28.62 -83.03
N THR D 376 5.17 -29.30 -82.63
CA THR D 376 6.22 -28.62 -81.89
C THR D 376 6.90 -27.56 -82.74
N GLN D 377 7.16 -27.87 -84.01
CA GLN D 377 7.75 -26.88 -84.91
C GLN D 377 6.84 -25.67 -85.06
N ARG D 378 5.55 -25.90 -85.25
CA ARG D 378 4.62 -24.78 -85.44
C ARG D 378 4.54 -23.92 -84.18
N VAL D 379 4.48 -24.55 -83.01
CA VAL D 379 4.34 -23.77 -81.78
C VAL D 379 5.63 -23.02 -81.44
N ILE D 380 6.79 -23.64 -81.69
CA ILE D 380 8.04 -22.92 -81.45
C ILE D 380 8.19 -21.80 -82.48
N HIS D 381 7.69 -22.01 -83.69
CA HIS D 381 7.66 -20.93 -84.67
C HIS D 381 6.83 -19.77 -84.18
N SER D 382 5.64 -20.06 -83.66
CA SER D 382 4.77 -18.99 -83.16
C SER D 382 5.42 -18.24 -82.01
N VAL D 383 5.97 -18.97 -81.04
CA VAL D 383 6.55 -18.30 -79.86
C VAL D 383 7.78 -17.49 -80.25
N TYR D 384 8.64 -18.04 -81.11
CA TYR D 384 9.83 -17.30 -81.52
C TYR D 384 9.46 -16.08 -82.33
N ALA D 385 8.46 -16.19 -83.19
CA ALA D 385 8.03 -15.06 -83.99
C ALA D 385 7.48 -13.94 -83.11
N THR D 386 6.61 -14.28 -82.15
CA THR D 386 6.05 -13.22 -81.31
C THR D 386 7.11 -12.63 -80.39
N THR D 387 8.06 -13.46 -79.92
CA THR D 387 9.15 -12.92 -79.10
C THR D 387 10.01 -11.96 -79.89
N LYS D 388 10.34 -12.29 -81.14
CA LYS D 388 11.12 -11.37 -81.96
C LYS D 388 10.33 -10.13 -82.31
N SER D 389 9.01 -10.27 -82.48
CA SER D 389 8.18 -9.08 -82.71
C SER D 389 8.22 -8.15 -81.52
N ILE D 390 8.17 -8.71 -80.30
CA ILE D 390 8.27 -7.88 -79.10
C ILE D 390 9.68 -7.28 -78.98
N LEU D 391 10.71 -8.04 -79.34
CA LEU D 391 12.08 -7.61 -79.12
C LEU D 391 12.50 -6.53 -80.11
N ASP D 392 12.14 -6.67 -81.38
CA ASP D 392 12.63 -5.76 -82.41
C ASP D 392 12.04 -4.37 -82.29
N THR D 393 10.79 -4.26 -81.84
CA THR D 393 10.20 -2.94 -81.66
C THR D 393 10.85 -2.15 -80.55
N THR D 394 11.67 -2.80 -79.71
CA THR D 394 12.42 -2.13 -78.66
C THR D 394 13.90 -2.03 -78.97
N ASN D 395 14.31 -2.35 -80.20
CA ASN D 395 15.73 -2.42 -80.56
C ASN D 395 16.38 -1.06 -80.35
N PRO D 396 17.58 -0.99 -79.75
CA PRO D 396 18.15 0.32 -79.42
C PRO D 396 18.68 1.10 -80.60
N ASN D 397 18.51 0.59 -81.83
CA ASN D 397 18.85 1.37 -83.01
C ASN D 397 17.98 2.60 -83.15
N THR D 398 18.58 3.79 -83.01
CA THR D 398 17.84 5.04 -82.83
C THR D 398 16.72 5.16 -83.86
N PHE D 399 15.60 5.69 -83.41
CA PHE D 399 14.40 5.71 -84.24
C PHE D 399 14.60 6.64 -85.43
N CYS D 400 14.21 6.15 -86.60
CA CYS D 400 14.33 6.86 -87.89
C CYS D 400 15.63 7.65 -88.02
N GLU D 407 14.82 13.22 -76.04
CA GLU D 407 15.06 12.23 -74.98
C GLU D 407 16.52 11.82 -74.95
N LEU D 408 17.18 12.04 -73.81
CA LEU D 408 18.57 11.64 -73.62
C LEU D 408 18.71 11.15 -72.20
N ARG D 409 19.04 9.87 -72.04
CA ARG D 409 19.07 9.23 -70.73
C ARG D 409 20.49 8.90 -70.31
N PHE D 410 20.82 9.21 -69.06
CA PHE D 410 22.10 8.88 -68.47
C PHE D 410 21.87 8.17 -67.14
N PHE D 411 22.85 7.36 -66.73
CA PHE D 411 22.75 6.61 -65.49
C PHE D 411 23.84 6.96 -64.50
N ASP D 412 24.59 8.04 -64.76
CA ASP D 412 25.64 8.49 -63.85
C ASP D 412 25.70 10.01 -63.90
N VAL D 413 26.18 10.60 -62.81
CA VAL D 413 26.28 12.05 -62.70
C VAL D 413 27.72 12.42 -63.02
N THR D 414 28.00 12.63 -64.30
CA THR D 414 29.33 13.05 -64.77
C THR D 414 29.09 14.05 -65.90
N ASN D 415 29.39 15.33 -65.63
CA ASN D 415 29.16 16.40 -66.59
C ASN D 415 27.69 16.41 -67.04
N ALA D 416 26.81 16.72 -66.08
CA ALA D 416 25.38 16.64 -66.33
C ALA D 416 24.96 17.50 -67.53
N ARG D 417 25.53 18.69 -67.65
CA ARG D 417 25.24 19.56 -68.79
C ARG D 417 26.12 19.21 -69.99
N ALA D 418 26.13 17.94 -70.35
CA ALA D 418 26.93 17.43 -71.47
C ALA D 418 26.48 16.01 -71.75
N LEU D 419 27.11 15.38 -72.74
CA LEU D 419 26.83 14.01 -73.12
C LEU D 419 27.70 13.00 -72.37
N ARG D 420 28.54 13.47 -71.46
CA ARG D 420 29.43 12.56 -70.72
C ARG D 420 28.62 11.64 -69.81
N GLY D 421 29.03 10.38 -69.74
CA GLY D 421 28.39 9.42 -68.88
C GLY D 421 29.41 8.48 -68.28
N GLY D 422 29.01 7.88 -67.16
CA GLY D 422 29.88 6.97 -66.44
C GLY D 422 29.93 5.59 -67.08
N ALA D 423 30.66 4.70 -66.41
CA ALA D 423 30.75 3.32 -66.89
C ALA D 423 29.39 2.63 -66.89
N GLY D 424 28.49 3.06 -66.00
CA GLY D 424 27.17 2.49 -65.97
C GLY D 424 26.42 2.67 -67.27
N ASP D 425 26.51 3.88 -67.86
CA ASP D 425 25.84 4.12 -69.14
C ASP D 425 26.41 3.25 -70.24
N GLN D 426 27.74 3.15 -70.33
CA GLN D 426 28.35 2.39 -71.42
C GLN D 426 28.10 0.90 -71.27
N LEU D 427 28.00 0.38 -70.03
CA LEU D 427 27.63 -1.01 -69.88
C LEU D 427 26.14 -1.22 -70.10
N PHE D 428 25.31 -0.23 -69.77
CA PHE D 428 23.87 -0.33 -70.03
C PHE D 428 23.57 -0.34 -71.52
N ASN D 429 24.39 0.35 -72.32
CA ASN D 429 24.23 0.26 -73.76
C ASN D 429 24.43 -1.15 -74.28
N ASN D 430 25.09 -2.02 -73.51
CA ASN D 430 25.37 -3.37 -73.97
C ASN D 430 24.17 -4.31 -73.85
N TYR D 431 23.14 -3.97 -73.07
CA TYR D 431 21.96 -4.82 -73.01
C TYR D 431 21.15 -4.73 -74.30
N SER D 432 20.34 -5.76 -74.52
CA SER D 432 19.53 -5.84 -75.72
C SER D 432 18.42 -4.80 -75.68
N GLY D 433 17.62 -4.79 -76.74
CA GLY D 433 16.57 -3.78 -76.86
C GLY D 433 15.52 -3.90 -75.78
N PHE D 434 15.03 -5.12 -75.53
CA PHE D 434 14.02 -5.30 -74.50
C PHE D 434 14.57 -4.97 -73.12
N LEU D 435 15.80 -5.39 -72.84
CA LEU D 435 16.39 -5.09 -71.53
C LEU D 435 16.57 -3.59 -71.35
N GLN D 436 17.05 -2.90 -72.39
CA GLN D 436 17.22 -1.45 -72.29
C GLN D 436 15.89 -0.75 -72.10
N ASN D 437 14.86 -1.18 -72.84
CA ASN D 437 13.54 -0.57 -72.69
C ASN D 437 12.98 -0.80 -71.29
N LEU D 438 13.12 -2.03 -70.78
CA LEU D 438 12.63 -2.32 -69.43
C LEU D 438 13.36 -1.50 -68.38
N ILE D 439 14.67 -1.37 -68.52
CA ILE D 439 15.43 -0.56 -67.57
C ILE D 439 15.01 0.89 -67.64
N ARG D 440 14.88 1.42 -68.87
CA ARG D 440 14.52 2.83 -69.04
C ARG D 440 13.13 3.12 -68.46
N ARG D 441 12.17 2.22 -68.70
CA ARG D 441 10.85 2.41 -68.12
C ARG D 441 10.83 2.15 -66.62
N ALA D 442 11.79 1.40 -66.10
CA ALA D 442 11.78 1.01 -64.69
C ALA D 442 12.35 2.12 -63.81
N VAL D 443 13.61 2.46 -63.99
CA VAL D 443 14.25 3.45 -63.14
C VAL D 443 13.92 4.85 -63.62
N ALA D 444 13.39 5.68 -62.73
CA ALA D 444 13.17 7.06 -63.13
C ALA D 444 14.36 7.91 -62.77
N PRO D 445 14.71 8.91 -63.58
CA PRO D 445 15.89 9.72 -63.29
C PRO D 445 15.63 10.65 -62.10
N GLU D 446 16.54 10.63 -61.13
CA GLU D 446 16.42 11.51 -59.99
C GLU D 446 16.59 12.98 -60.38
N TYR D 447 17.16 13.25 -61.55
CA TYR D 447 17.24 14.60 -62.09
C TYR D 447 16.61 14.61 -63.47
N LEU D 448 15.64 15.49 -63.68
CA LEU D 448 14.96 15.63 -64.96
C LEU D 448 15.15 17.04 -65.49
N GLN D 449 15.39 17.15 -66.77
CA GLN D 449 15.54 18.45 -67.43
C GLN D 449 14.41 18.60 -68.44
N ILE D 450 13.47 19.50 -68.14
CA ILE D 450 12.35 19.79 -69.03
C ILE D 450 12.60 21.18 -69.62
N ASP D 451 12.66 21.24 -70.95
CA ASP D 451 12.98 22.48 -71.66
C ASP D 451 14.33 23.01 -71.20
N THR D 452 14.32 23.94 -70.24
CA THR D 452 15.56 24.48 -69.71
C THR D 452 15.57 24.55 -68.18
N GLU D 453 14.66 23.83 -67.52
CA GLU D 453 14.55 23.83 -66.08
C GLU D 453 14.72 22.41 -65.54
N GLU D 454 15.00 22.32 -64.24
CA GLU D 454 15.41 21.07 -63.63
C GLU D 454 14.48 20.70 -62.47
N LEU D 455 14.12 19.42 -62.40
CA LEU D 455 13.31 18.88 -61.32
C LEU D 455 14.05 17.70 -60.68
N ARG D 456 14.14 17.71 -59.35
CA ARG D 456 14.79 16.65 -58.60
C ARG D 456 13.72 15.89 -57.82
N PHE D 457 13.41 14.67 -58.26
CA PHE D 457 12.38 13.89 -57.59
C PHE D 457 12.91 13.18 -56.36
N ARG D 458 14.13 12.67 -56.40
CA ARG D 458 14.72 11.94 -55.30
C ARG D 458 16.01 12.62 -54.87
N ASN D 459 16.22 12.68 -53.55
CA ASN D 459 17.41 13.32 -53.01
C ASN D 459 18.68 12.64 -53.50
N CYS D 460 18.71 11.31 -53.48
CA CYS D 460 19.89 10.56 -53.86
C CYS D 460 19.48 9.17 -54.30
N ALA D 461 20.30 8.59 -55.18
CA ALA D 461 19.89 7.41 -55.94
C ALA D 461 19.63 6.22 -55.03
N THR D 462 18.65 5.40 -55.43
CA THR D 462 18.25 4.23 -54.66
C THR D 462 18.96 2.96 -55.13
N CYS D 463 18.78 2.58 -56.39
CA CYS D 463 19.41 1.41 -56.95
C CYS D 463 20.80 1.76 -57.45
N ILE D 464 21.51 0.76 -57.98
CA ILE D 464 22.78 0.99 -58.64
C ILE D 464 22.90 0.12 -59.89
N ILE D 465 23.74 0.58 -60.80
CA ILE D 465 24.08 -0.14 -62.03
C ILE D 465 25.53 -0.58 -61.93
N ASP D 466 25.76 -1.88 -62.04
CA ASP D 466 27.11 -2.43 -62.05
C ASP D 466 27.25 -3.37 -63.23
N GLU D 467 28.44 -3.97 -63.36
CA GLU D 467 28.62 -5.00 -64.38
C GLU D 467 27.70 -6.19 -64.14
N THR D 468 27.30 -6.40 -62.88
CA THR D 468 26.34 -7.45 -62.57
C THR D 468 24.95 -7.09 -63.08
N GLY D 469 24.64 -5.81 -63.22
CA GLY D 469 23.39 -5.37 -63.79
C GLY D 469 22.74 -4.30 -62.94
N LEU D 470 21.42 -4.19 -63.08
CA LEU D 470 20.61 -3.37 -62.18
C LEU D 470 20.43 -4.13 -60.87
N VAL D 471 21.07 -3.64 -59.81
CA VAL D 471 20.98 -4.28 -58.50
C VAL D 471 20.52 -3.25 -57.48
N ALA D 472 19.59 -3.67 -56.62
CA ALA D 472 19.01 -2.78 -55.62
C ALA D 472 19.90 -2.68 -54.39
N SER D 473 21.17 -2.37 -54.60
CA SER D 473 22.12 -2.15 -53.51
C SER D 473 22.25 -0.65 -53.33
N VAL D 474 21.70 -0.14 -52.23
CA VAL D 474 21.72 1.30 -51.99
C VAL D 474 23.15 1.78 -51.85
N PRO D 475 23.54 2.89 -52.47
CA PRO D 475 24.90 3.40 -52.30
C PRO D 475 25.18 3.82 -50.86
N ASP D 476 26.44 3.68 -50.47
CA ASP D 476 27.06 4.15 -49.23
C ASP D 476 26.10 4.17 -48.04
N GLY D 477 25.54 3.00 -47.70
CA GLY D 477 24.70 2.90 -46.53
C GLY D 477 24.03 1.55 -46.40
N PRO D 478 23.42 1.30 -45.24
CA PRO D 478 22.67 0.06 -45.07
C PRO D 478 21.46 0.01 -45.98
N GLU D 479 21.02 -1.20 -46.27
CA GLU D 479 19.95 -1.40 -47.24
C GLU D 479 18.66 -0.75 -46.78
N LEU D 480 17.93 -0.15 -47.73
CA LEU D 480 16.69 0.54 -47.42
C LEU D 480 15.62 -0.44 -46.95
N TYR D 481 14.84 -0.01 -45.96
CA TYR D 481 13.77 -0.84 -45.43
C TYR D 481 12.67 -1.01 -46.49
N ASN D 482 12.18 -2.24 -46.61
CA ASN D 482 11.12 -2.55 -47.56
C ASN D 482 10.15 -3.55 -46.95
N PRO D 483 8.91 -3.14 -46.67
CA PRO D 483 7.96 -4.06 -46.03
C PRO D 483 7.50 -5.21 -46.90
N ILE D 484 7.79 -5.18 -48.20
CA ILE D 484 7.39 -6.22 -49.14
C ILE D 484 5.87 -6.35 -49.18
N ARG D 485 5.28 -6.80 -48.07
CA ARG D 485 3.83 -6.94 -47.92
C ARG D 485 3.36 -7.95 -48.96
N SER D 486 2.29 -7.67 -49.71
CA SER D 486 1.79 -8.60 -50.72
C SER D 486 2.65 -8.58 -51.97
N LEU D 516 -5.36 7.99 -36.05
CA LEU D 516 -4.29 8.19 -37.02
C LEU D 516 -4.72 7.71 -38.40
N SER D 517 -5.85 7.00 -38.45
CA SER D 517 -6.35 6.50 -39.72
C SER D 517 -6.88 7.61 -40.62
N GLY D 518 -7.14 8.80 -40.07
CA GLY D 518 -7.63 9.89 -40.89
C GLY D 518 -6.64 10.35 -41.93
N TYR D 519 -5.37 10.44 -41.55
CA TYR D 519 -4.33 10.86 -42.49
C TYR D 519 -4.12 9.78 -43.55
N GLU D 520 -3.77 10.22 -44.76
CA GLU D 520 -3.48 9.28 -45.83
C GLU D 520 -2.25 8.45 -45.51
N GLU D 521 -2.22 7.23 -46.06
CA GLU D 521 -1.25 6.23 -45.63
C GLU D 521 0.18 6.67 -45.91
N TYR D 522 0.42 7.27 -47.07
CA TYR D 522 1.77 7.52 -47.59
C TYR D 522 2.55 6.22 -47.55
N PRO D 523 2.30 5.30 -48.49
CA PRO D 523 3.00 4.02 -48.47
C PRO D 523 4.51 4.20 -48.57
N THR D 524 5.23 3.34 -47.84
CA THR D 524 6.68 3.42 -47.73
C THR D 524 7.39 2.55 -48.76
N TYR D 525 6.77 2.31 -49.90
CA TYR D 525 7.40 1.52 -50.95
C TYR D 525 8.63 2.25 -51.48
N VAL D 526 9.71 1.51 -51.70
CA VAL D 526 10.97 2.08 -52.18
C VAL D 526 10.98 2.02 -53.70
N PRO D 527 11.15 3.14 -54.39
CA PRO D 527 11.10 3.12 -55.86
C PRO D 527 12.46 2.92 -56.50
N LEU D 528 12.50 2.96 -57.83
CA LEU D 528 13.75 2.86 -58.59
C LEU D 528 14.07 4.25 -59.12
N PHE D 529 14.95 4.96 -58.43
CA PHE D 529 15.36 6.30 -58.81
C PHE D 529 16.86 6.30 -59.08
N LEU D 530 17.23 6.63 -60.31
CA LEU D 530 18.64 6.67 -60.68
C LEU D 530 18.77 7.39 -62.01
N GLY D 531 19.83 8.19 -62.14
CA GLY D 531 20.21 8.71 -63.44
C GLY D 531 19.92 10.17 -63.68
N TYR D 532 19.75 10.52 -64.96
CA TYR D 532 19.57 11.89 -65.41
C TYR D 532 18.86 11.84 -66.75
N GLN D 533 18.01 12.83 -67.00
CA GLN D 533 17.27 12.86 -68.26
C GLN D 533 17.26 14.26 -68.85
N ILE D 534 17.41 14.32 -70.17
CA ILE D 534 17.30 15.55 -70.93
C ILE D 534 16.09 15.41 -71.85
N ILE D 535 15.14 16.32 -71.71
CA ILE D 535 13.88 16.25 -72.46
C ILE D 535 13.71 17.56 -73.21
N ASN D 536 13.40 17.46 -74.50
CA ASN D 536 13.14 18.62 -75.34
C ASN D 536 11.68 18.68 -75.76
N SER D 537 11.15 19.89 -75.88
CA SER D 537 9.76 20.13 -76.25
C SER D 537 8.78 19.43 -75.29
N ARG E 245 -37.54 -9.39 66.44
CA ARG E 245 -38.89 -8.87 66.59
C ARG E 245 -38.88 -7.46 67.17
N VAL E 246 -37.82 -7.14 67.91
CA VAL E 246 -37.65 -5.83 68.53
C VAL E 246 -36.40 -5.18 67.96
N ASN E 247 -36.53 -3.91 67.59
CA ASN E 247 -35.41 -3.20 67.01
C ASN E 247 -34.35 -2.91 68.07
N ARG E 248 -33.08 -3.09 67.69
CA ARG E 248 -31.96 -2.88 68.59
C ARG E 248 -31.02 -1.79 68.08
N CYS E 249 -31.52 -0.94 67.19
CA CYS E 249 -30.72 0.16 66.64
C CYS E 249 -30.98 1.43 67.44
N ILE E 250 -29.91 2.11 67.81
CA ILE E 250 -30.06 3.35 68.57
C ILE E 250 -30.69 4.43 67.70
N PHE E 251 -30.47 4.39 66.40
CA PHE E 251 -31.06 5.36 65.47
C PHE E 251 -32.42 4.92 64.96
N ALA E 252 -32.92 3.76 65.40
CA ALA E 252 -34.26 3.35 65.01
C ALA E 252 -35.34 4.14 65.73
N SER E 253 -35.04 4.67 66.91
CA SER E 253 -35.98 5.49 67.66
C SER E 253 -35.90 6.96 67.27
N ILE E 254 -36.04 7.23 65.98
CA ILE E 254 -35.99 8.58 65.45
C ILE E 254 -37.41 8.98 65.06
N VAL E 255 -37.94 9.98 65.75
CA VAL E 255 -39.28 10.50 65.48
C VAL E 255 -39.20 12.02 65.46
N SER E 256 -39.88 12.62 64.49
CA SER E 256 -39.96 14.09 64.39
C SER E 256 -41.14 14.54 65.25
N PHE E 257 -40.85 14.87 66.50
CA PHE E 257 -41.91 15.27 67.42
C PHE E 257 -42.26 16.74 67.25
N ASP E 258 -42.50 17.16 66.01
CA ASP E 258 -43.02 18.48 65.71
C ASP E 258 -44.55 18.45 65.53
N ALA E 259 -45.15 17.26 65.65
CA ALA E 259 -46.58 17.00 65.68
C ALA E 259 -47.26 17.13 64.33
N CYS E 260 -46.57 17.62 63.30
CA CYS E 260 -47.19 17.70 61.98
C CYS E 260 -46.26 17.15 60.90
N ILE E 261 -44.96 17.17 61.13
CA ILE E 261 -43.99 16.63 60.17
C ILE E 261 -43.73 15.17 60.52
N THR E 262 -43.47 14.37 59.50
CA THR E 262 -43.31 12.93 59.66
C THR E 262 -41.84 12.57 59.87
N TYR E 263 -41.57 11.27 59.98
CA TYR E 263 -40.23 10.74 60.17
C TYR E 263 -40.11 9.48 59.32
N LYS E 264 -39.01 8.75 59.52
CA LYS E 264 -38.76 7.52 58.78
C LYS E 264 -38.11 6.49 59.68
N SER E 265 -38.25 5.22 59.30
CA SER E 265 -37.58 4.10 59.95
C SER E 265 -36.88 3.28 58.88
N PRO E 266 -35.77 3.79 58.33
CA PRO E 266 -35.14 3.12 57.19
C PRO E 266 -34.17 2.03 57.59
N CYS E 267 -34.23 1.56 58.84
CA CYS E 267 -33.32 0.51 59.29
C CYS E 267 -33.53 -0.77 58.49
N SER E 268 -32.42 -1.41 58.14
CA SER E 268 -32.47 -2.69 57.46
C SER E 268 -32.94 -3.77 58.45
N PRO E 269 -33.43 -4.91 57.93
CA PRO E 269 -33.92 -5.96 58.83
C PRO E 269 -32.88 -6.52 59.78
N ASP E 270 -31.58 -6.27 59.52
CA ASP E 270 -30.54 -6.74 60.43
C ASP E 270 -30.57 -6.05 61.79
N ALA E 271 -31.32 -4.95 61.92
CA ALA E 271 -31.42 -4.27 63.20
C ALA E 271 -32.06 -5.16 64.25
N TYR E 272 -33.07 -5.94 63.87
CA TYR E 272 -33.73 -6.83 64.82
C TYR E 272 -32.79 -7.92 65.32
N HIS E 273 -31.83 -8.34 64.50
CA HIS E 273 -30.90 -9.38 64.92
C HIS E 273 -30.00 -8.88 66.03
N ASP E 274 -29.73 -9.75 66.99
CA ASP E 274 -28.83 -9.42 68.10
C ASP E 274 -27.39 -9.75 67.72
N ASP E 275 -26.93 -9.06 66.67
CA ASP E 275 -25.59 -9.28 66.15
C ASP E 275 -24.50 -8.64 67.00
N GLY E 276 -24.87 -7.77 67.94
CA GLY E 276 -23.88 -7.06 68.73
C GLY E 276 -23.84 -5.58 68.39
N TRP E 277 -24.02 -5.27 67.10
CA TRP E 277 -24.11 -3.88 66.69
C TRP E 277 -25.44 -3.30 67.15
N PHE E 278 -25.40 -2.23 67.93
CA PHE E 278 -26.62 -1.55 68.33
C PHE E 278 -26.96 -0.42 67.37
N ILE E 279 -26.95 -0.74 66.08
CA ILE E 279 -27.26 0.22 65.02
C ILE E 279 -27.55 -0.58 63.75
N CYS E 280 -28.56 -0.15 63.01
CA CYS E 280 -28.88 -0.82 61.77
C CYS E 280 -27.88 -0.43 60.69
N ASN E 281 -27.78 -1.30 59.67
CA ASN E 281 -26.80 -1.07 58.62
C ASN E 281 -27.08 0.21 57.85
N ASN E 282 -28.35 0.55 57.63
CA ASN E 282 -28.68 1.75 56.87
C ASN E 282 -28.18 3.01 57.58
N HIS E 283 -28.45 3.12 58.89
CA HIS E 283 -27.91 4.26 59.63
C HIS E 283 -26.40 4.17 59.81
N LEU E 284 -25.86 2.96 59.94
CA LEU E 284 -24.41 2.81 60.02
C LEU E 284 -23.73 3.30 58.75
N ILE E 285 -24.43 3.23 57.62
CA ILE E 285 -23.86 3.70 56.37
C ILE E 285 -24.11 5.18 56.18
N LYS E 286 -25.32 5.65 56.48
CA LYS E 286 -25.65 7.04 56.19
C LYS E 286 -25.02 8.01 57.18
N ARG E 287 -24.70 7.55 58.40
CA ARG E 287 -24.08 8.46 59.35
C ARG E 287 -22.57 8.31 59.40
N PHE E 288 -22.08 7.10 59.67
CA PHE E 288 -20.66 6.81 59.60
C PHE E 288 -20.32 6.24 58.23
N LYS E 289 -19.07 6.42 57.81
CA LYS E 289 -18.60 5.83 56.57
C LYS E 289 -18.26 4.36 56.80
N MET E 290 -19.26 3.62 57.25
CA MET E 290 -19.07 2.28 57.78
C MET E 290 -20.15 1.35 57.27
N SER E 291 -19.74 0.12 56.94
CA SER E 291 -20.67 -0.93 56.56
C SER E 291 -20.30 -2.20 57.31
N LYS E 292 -21.24 -3.13 57.39
CA LYS E 292 -21.07 -4.34 58.18
C LYS E 292 -20.56 -5.50 57.32
N MET E 293 -19.73 -6.34 57.92
CA MET E 293 -19.33 -7.61 57.35
C MET E 293 -19.13 -8.62 58.46
N VAL E 294 -19.27 -9.87 58.12
CA VAL E 294 -18.94 -10.97 59.00
C VAL E 294 -17.58 -11.53 58.58
N LEU E 295 -16.89 -12.14 59.53
CA LEU E 295 -15.56 -12.68 59.28
C LEU E 295 -15.45 -14.07 59.87
N PRO E 296 -15.10 -15.08 59.07
CA PRO E 296 -15.00 -16.45 59.58
C PRO E 296 -13.61 -16.79 60.08
N ILE E 297 -13.58 -17.67 61.07
CA ILE E 297 -12.34 -18.16 61.67
C ILE E 297 -12.43 -19.68 61.68
N PHE E 298 -11.70 -20.33 60.77
CA PHE E 298 -11.64 -21.79 60.74
C PHE E 298 -10.45 -22.26 61.55
N ASP E 299 -10.58 -22.12 62.86
CA ASP E 299 -9.51 -22.46 63.79
C ASP E 299 -9.48 -23.96 64.04
N GLU E 300 -8.69 -24.39 65.03
CA GLU E 300 -8.57 -25.82 65.33
C GLU E 300 -9.87 -26.41 65.84
N ASP E 301 -10.76 -25.59 66.39
CA ASP E 301 -12.05 -26.10 66.87
C ASP E 301 -12.95 -26.55 65.72
N ASP E 302 -12.65 -26.16 64.49
CA ASP E 302 -13.43 -26.50 63.31
C ASP E 302 -14.87 -26.02 63.43
N ASN E 303 -15.12 -25.04 64.30
CA ASN E 303 -16.45 -24.49 64.48
C ASN E 303 -16.64 -23.27 63.56
N GLN E 304 -17.91 -22.91 63.36
CA GLN E 304 -18.26 -21.82 62.46
C GLN E 304 -18.18 -20.50 63.24
N PHE E 305 -16.97 -20.18 63.71
CA PHE E 305 -16.75 -19.01 64.55
C PHE E 305 -16.76 -17.75 63.68
N LYS E 306 -17.73 -16.89 63.92
CA LYS E 306 -17.91 -15.66 63.14
C LYS E 306 -17.73 -14.45 64.03
N MET E 307 -16.90 -13.52 63.61
CA MET E 307 -16.75 -12.23 64.26
C MET E 307 -17.28 -11.13 63.32
N THR E 308 -17.26 -9.90 63.81
CA THR E 308 -17.80 -8.77 63.08
C THR E 308 -16.68 -7.82 62.67
N ILE E 309 -16.71 -7.38 61.41
CA ILE E 309 -15.75 -6.44 60.88
C ILE E 309 -16.51 -5.36 60.11
N ALA E 310 -15.83 -4.27 59.81
CA ALA E 310 -16.45 -3.12 59.19
C ALA E 310 -15.82 -2.83 57.83
N ARG E 311 -16.44 -1.87 57.13
CA ARG E 311 -16.09 -1.51 55.77
C ARG E 311 -16.08 0.01 55.62
N HIS E 312 -15.03 0.53 54.98
CA HIS E 312 -14.98 1.94 54.63
C HIS E 312 -16.05 2.28 53.58
N LEU E 313 -16.52 3.52 53.62
CA LEU E 313 -17.32 4.08 52.55
C LEU E 313 -16.66 5.32 51.95
N VAL E 314 -15.36 5.48 52.16
CA VAL E 314 -14.61 6.64 51.68
C VAL E 314 -13.57 6.17 50.67
N GLY E 315 -13.42 6.94 49.59
CA GLY E 315 -12.50 6.60 48.54
C GLY E 315 -11.11 7.19 48.73
N ASN E 316 -10.66 7.99 47.77
CA ASN E 316 -9.33 8.58 47.85
C ASN E 316 -9.38 10.10 47.68
N LYS E 317 -10.38 10.59 46.94
CA LYS E 317 -10.46 12.01 46.65
C LYS E 317 -10.69 12.83 47.91
N GLU E 318 -11.58 12.37 48.79
CA GLU E 318 -11.87 13.12 50.00
C GLU E 318 -10.73 12.96 50.99
N ARG E 319 -10.28 14.09 51.54
CA ARG E 319 -9.17 14.14 52.48
C ARG E 319 -9.62 14.80 53.78
N GLY E 320 -8.76 14.70 54.79
CA GLY E 320 -8.98 15.42 56.03
C GLY E 320 -10.19 14.88 56.80
N ILE E 321 -11.02 15.81 57.27
CA ILE E 321 -12.14 15.44 58.13
C ILE E 321 -13.14 14.56 57.40
N LYS E 322 -13.18 14.65 56.07
CA LYS E 322 -14.05 13.78 55.29
C LYS E 322 -13.68 12.31 55.43
N ARG E 323 -12.44 12.01 55.79
CA ARG E 323 -12.00 10.62 55.91
C ARG E 323 -12.33 10.02 57.27
N ILE E 324 -12.87 10.80 58.20
CA ILE E 324 -13.15 10.28 59.52
C ILE E 324 -14.31 9.27 59.45
N LEU E 325 -14.29 8.31 60.36
CA LEU E 325 -15.35 7.32 60.48
C LEU E 325 -16.14 7.48 61.77
N ILE E 326 -15.46 7.55 62.90
CA ILE E 326 -16.11 7.82 64.17
C ILE E 326 -15.36 8.94 64.89
N PRO E 327 -15.89 10.16 64.89
CA PRO E 327 -15.20 11.26 65.56
C PRO E 327 -15.27 11.13 67.07
N SER E 328 -14.30 11.75 67.73
CA SER E 328 -14.31 11.79 69.18
C SER E 328 -15.29 12.86 69.67
N ALA E 329 -15.40 12.98 70.99
CA ALA E 329 -16.31 13.96 71.57
C ALA E 329 -15.84 15.38 71.34
N THR E 330 -14.56 15.58 71.01
CA THR E 330 -14.03 16.92 70.85
C THR E 330 -14.50 17.57 69.56
N ASN E 331 -14.54 16.82 68.47
CA ASN E 331 -14.69 17.39 67.14
C ASN E 331 -15.75 16.65 66.32
N TYR E 332 -16.92 16.42 66.92
CA TYR E 332 -18.01 15.83 66.15
C TYR E 332 -19.09 16.84 65.77
N GLN E 333 -19.12 18.01 66.40
CA GLN E 333 -20.07 19.05 66.00
C GLN E 333 -19.93 19.39 64.53
N ASP E 334 -18.70 19.63 64.07
CA ASP E 334 -18.49 20.07 62.71
C ASP E 334 -18.73 18.95 61.71
N VAL E 335 -18.23 17.74 62.01
CA VAL E 335 -18.33 16.65 61.04
C VAL E 335 -19.76 16.16 60.91
N PHE E 336 -20.50 16.07 62.03
CA PHE E 336 -21.85 15.54 61.93
C PHE E 336 -22.87 16.56 61.46
N ASN E 337 -22.55 17.86 61.54
CA ASN E 337 -23.47 18.92 61.17
C ASN E 337 -24.81 18.74 61.89
N LEU E 338 -24.74 18.85 63.21
CA LEU E 338 -25.87 18.49 64.07
C LEU E 338 -27.13 19.26 63.69
N ASN E 339 -26.98 20.53 63.31
CA ASN E 339 -28.16 21.36 63.02
C ASN E 339 -29.01 20.81 61.88
N SER E 340 -28.42 20.04 60.97
CA SER E 340 -29.19 19.45 59.87
C SER E 340 -30.18 18.41 60.37
N MET E 341 -29.89 17.80 61.52
CA MET E 341 -30.63 16.66 62.03
C MET E 341 -31.90 17.12 62.74
N MET E 342 -32.76 16.16 63.06
CA MET E 342 -33.90 16.43 63.92
C MET E 342 -33.49 16.30 65.38
N GLN E 343 -34.28 16.92 66.26
CA GLN E 343 -33.91 17.00 67.68
C GLN E 343 -33.81 15.62 68.31
N ALA E 344 -34.65 14.68 67.89
CA ALA E 344 -34.47 13.32 68.36
C ALA E 344 -33.06 12.82 68.07
N GLU E 345 -32.55 13.11 66.88
CA GLU E 345 -31.23 12.62 66.50
C GLU E 345 -30.11 13.42 67.15
N GLN E 346 -30.28 14.73 67.35
CA GLN E 346 -29.28 15.46 68.13
C GLN E 346 -29.22 14.93 69.56
N LEU E 347 -30.38 14.67 70.16
CA LEU E 347 -30.39 14.12 71.52
C LEU E 347 -29.71 12.75 71.56
N ILE E 348 -30.00 11.91 70.58
CA ILE E 348 -29.35 10.59 70.54
C ILE E 348 -27.85 10.74 70.42
N PHE E 349 -27.39 11.64 69.54
CA PHE E 349 -25.94 11.81 69.34
C PHE E 349 -25.28 12.35 70.60
N HIS E 350 -25.90 13.32 71.27
CA HIS E 350 -25.32 13.85 72.50
C HIS E 350 -25.29 12.79 73.60
N LEU E 351 -26.33 11.97 73.69
CA LEU E 351 -26.32 10.87 74.66
C LEU E 351 -25.21 9.88 74.34
N ILE E 352 -24.99 9.60 73.05
CA ILE E 352 -23.89 8.73 72.65
C ILE E 352 -22.55 9.34 73.05
N TYR E 353 -22.44 10.67 72.92
CA TYR E 353 -21.18 11.35 73.15
C TYR E 353 -21.10 11.98 74.54
N ASN E 354 -22.10 11.76 75.40
CA ASN E 354 -22.10 12.23 76.78
C ASN E 354 -21.91 13.75 76.85
N ASN E 355 -22.77 14.47 76.14
CA ASN E 355 -22.80 15.93 76.20
C ASN E 355 -23.97 16.34 77.08
N GLU E 356 -23.72 16.33 78.40
CA GLU E 356 -24.77 16.68 79.35
C GLU E 356 -25.24 18.11 79.16
N ASN E 357 -24.32 19.02 78.84
CA ASN E 357 -24.71 20.42 78.60
C ASN E 357 -25.65 20.53 77.41
N ALA E 358 -25.35 19.82 76.32
CA ALA E 358 -26.21 19.88 75.14
C ALA E 358 -27.59 19.32 75.43
N VAL E 359 -27.65 18.22 76.18
CA VAL E 359 -28.93 17.64 76.57
C VAL E 359 -29.71 18.63 77.43
N ASN E 360 -29.03 19.28 78.38
CA ASN E 360 -29.70 20.27 79.22
C ASN E 360 -30.26 21.41 78.38
N THR E 361 -29.48 21.90 77.41
CA THR E 361 -29.95 22.98 76.56
C THR E 361 -31.15 22.56 75.74
N ILE E 362 -31.10 21.37 75.13
CA ILE E 362 -32.21 20.94 74.30
C ILE E 362 -33.46 20.71 75.15
N CYS E 363 -33.29 20.23 76.38
CA CYS E 363 -34.43 20.01 77.24
C CYS E 363 -35.05 21.31 77.73
N ASP E 364 -34.24 22.30 78.12
CA ASP E 364 -34.83 23.51 78.69
C ASP E 364 -35.18 24.54 77.64
N ASN E 365 -34.81 24.32 76.37
CA ASN E 365 -35.35 25.16 75.31
C ASN E 365 -36.45 24.47 74.51
N LEU E 366 -36.56 23.14 74.60
CA LEU E 366 -37.66 22.44 73.96
C LEU E 366 -38.98 22.67 74.66
N LYS E 367 -38.97 22.92 75.98
CA LYS E 367 -40.19 23.17 76.72
C LYS E 367 -40.89 24.45 76.27
N TYR E 368 -40.19 25.34 75.58
CA TYR E 368 -40.78 26.59 75.12
C TYR E 368 -41.83 26.37 74.04
N THR E 369 -41.81 25.23 73.35
CA THR E 369 -42.74 24.99 72.26
C THR E 369 -44.14 24.75 72.78
N GLU E 370 -45.12 24.96 71.91
CA GLU E 370 -46.52 24.76 72.26
C GLU E 370 -46.91 23.29 72.08
N GLY E 371 -47.91 22.87 72.84
CA GLY E 371 -48.33 21.47 72.82
C GLY E 371 -47.31 20.53 73.41
N PHE E 372 -46.39 21.05 74.23
CA PHE E 372 -45.31 20.22 74.77
C PHE E 372 -45.86 19.13 75.69
N THR E 373 -46.66 19.52 76.68
CA THR E 373 -47.13 18.57 77.68
C THR E 373 -48.09 17.55 77.09
N SER E 374 -48.76 17.90 75.99
CA SER E 374 -49.74 16.99 75.40
C SER E 374 -49.11 15.66 75.01
N ASN E 375 -48.15 15.69 74.08
CA ASN E 375 -47.47 14.47 73.65
C ASN E 375 -45.97 14.62 73.50
N THR E 376 -45.43 15.84 73.47
CA THR E 376 -44.00 16.00 73.29
C THR E 376 -43.23 15.43 74.47
N GLN E 377 -43.71 15.67 75.70
CA GLN E 377 -43.07 15.09 76.86
C GLN E 377 -43.09 13.57 76.82
N ARG E 378 -44.23 12.98 76.46
CA ARG E 378 -44.32 11.52 76.41
C ARG E 378 -43.39 10.95 75.34
N VAL E 379 -43.33 11.57 74.16
CA VAL E 379 -42.51 11.01 73.10
C VAL E 379 -41.03 11.19 73.40
N ILE E 380 -40.64 12.33 73.99
CA ILE E 380 -39.23 12.50 74.35
C ILE E 380 -38.87 11.56 75.49
N HIS E 381 -39.82 11.28 76.38
CA HIS E 381 -39.62 10.27 77.41
C HIS E 381 -39.35 8.91 76.79
N SER E 382 -40.18 8.52 75.81
CA SER E 382 -39.99 7.22 75.16
C SER E 382 -38.64 7.14 74.47
N VAL E 383 -38.28 8.17 73.70
CA VAL E 383 -37.03 8.12 72.94
C VAL E 383 -35.83 8.13 73.88
N TYR E 384 -35.86 8.95 74.92
CA TYR E 384 -34.74 8.99 75.85
C TYR E 384 -34.61 7.68 76.60
N ALA E 385 -35.74 7.09 76.99
CA ALA E 385 -35.71 5.82 77.71
C ALA E 385 -35.12 4.71 76.85
N THR E 386 -35.56 4.61 75.59
CA THR E 386 -35.03 3.55 74.75
C THR E 386 -33.57 3.79 74.39
N THR E 387 -33.18 5.07 74.23
CA THR E 387 -31.78 5.37 73.96
C THR E 387 -30.90 4.99 75.15
N LYS E 388 -31.35 5.29 76.37
CA LYS E 388 -30.57 4.90 77.54
C LYS E 388 -30.56 3.39 77.73
N SER E 389 -31.65 2.72 77.35
CA SER E 389 -31.66 1.26 77.39
C SER E 389 -30.62 0.68 76.44
N ILE E 390 -30.51 1.26 75.25
CA ILE E 390 -29.49 0.80 74.31
C ILE E 390 -28.09 1.14 74.81
N LEU E 391 -27.93 2.30 75.44
CA LEU E 391 -26.62 2.77 75.83
C LEU E 391 -26.07 2.02 77.04
N ASP E 392 -26.91 1.75 78.04
CA ASP E 392 -26.43 1.18 79.30
C ASP E 392 -26.01 -0.27 79.14
N THR E 393 -26.68 -1.02 78.25
CA THR E 393 -26.27 -2.41 78.04
C THR E 393 -24.90 -2.52 77.38
N THR E 394 -24.37 -1.42 76.85
CA THR E 394 -23.03 -1.39 76.27
C THR E 394 -22.03 -0.66 77.15
N ASN E 395 -22.40 -0.32 78.37
CA ASN E 395 -21.57 0.50 79.25
C ASN E 395 -20.23 -0.19 79.48
N PRO E 396 -19.09 0.52 79.42
CA PRO E 396 -17.80 -0.16 79.50
C PRO E 396 -17.43 -0.64 80.91
N ASN E 397 -18.32 -0.50 81.88
CA ASN E 397 -18.09 -1.06 83.20
C ASN E 397 -18.06 -2.58 83.15
N THR E 398 -16.89 -3.17 83.41
CA THR E 398 -16.65 -4.58 83.14
C THR E 398 -17.77 -5.46 83.66
N PHE E 399 -18.10 -6.48 82.87
CA PHE E 399 -19.27 -7.29 83.16
C PHE E 399 -19.06 -8.08 84.46
N CYS E 400 -20.08 -8.06 85.32
CA CYS E 400 -20.08 -8.73 86.62
C CYS E 400 -18.75 -8.62 87.36
N GLU E 407 -11.46 -12.06 76.85
CA GLU E 407 -11.44 -11.00 75.85
C GLU E 407 -10.61 -9.81 76.33
N LEU E 408 -9.58 -9.47 75.57
CA LEU E 408 -8.73 -8.33 75.89
C LEU E 408 -8.36 -7.65 74.58
N ARG E 409 -8.78 -6.41 74.39
CA ARG E 409 -8.64 -5.71 73.13
C ARG E 409 -7.63 -4.57 73.26
N PHE E 410 -6.73 -4.47 72.28
CA PHE E 410 -5.77 -3.39 72.20
C PHE E 410 -5.83 -2.80 70.79
N PHE E 411 -5.43 -1.53 70.69
CA PHE E 411 -5.45 -0.82 69.42
C PHE E 411 -4.07 -0.34 69.00
N ASP E 412 -3.02 -0.81 69.66
CA ASP E 412 -1.65 -0.45 69.29
C ASP E 412 -0.76 -1.65 69.57
N VAL E 413 0.36 -1.72 68.85
CA VAL E 413 1.30 -2.82 68.98
C VAL E 413 2.44 -2.32 69.87
N THR E 414 2.26 -2.48 71.18
CA THR E 414 3.26 -2.13 72.18
C THR E 414 3.25 -3.21 73.25
N ASN E 415 4.28 -4.04 73.29
CA ASN E 415 4.37 -5.17 74.21
C ASN E 415 3.14 -6.07 74.07
N ALA E 416 3.05 -6.70 72.88
CA ALA E 416 1.88 -7.50 72.54
C ALA E 416 1.61 -8.59 73.59
N ARG E 417 2.67 -9.23 74.08
CA ARG E 417 2.50 -10.25 75.12
C ARG E 417 2.47 -9.61 76.51
N ALA E 418 1.61 -8.63 76.68
CA ALA E 418 1.46 -7.89 77.93
C ALA E 418 0.20 -7.05 77.84
N LEU E 419 -0.08 -6.30 78.90
CA LEU E 419 -1.23 -5.40 78.94
C LEU E 419 -0.89 -4.00 78.47
N ARG E 420 0.34 -3.76 78.03
CA ARG E 420 0.73 -2.43 77.58
C ARG E 420 -0.01 -2.04 76.32
N GLY E 421 -0.42 -0.77 76.25
CA GLY E 421 -1.10 -0.26 75.09
C GLY E 421 -0.67 1.17 74.79
N GLY E 422 -0.87 1.56 73.54
CA GLY E 422 -0.48 2.89 73.10
C GLY E 422 -1.48 3.95 73.53
N ALA E 423 -1.22 5.18 73.08
CA ALA E 423 -2.13 6.28 73.37
C ALA E 423 -3.49 6.05 72.74
N GLY E 424 -3.55 5.30 71.64
CA GLY E 424 -4.83 5.01 71.02
C GLY E 424 -5.77 4.25 71.96
N ASP E 425 -5.24 3.27 72.68
CA ASP E 425 -6.08 2.51 73.61
C ASP E 425 -6.60 3.41 74.74
N GLN E 426 -5.74 4.24 75.31
CA GLN E 426 -6.16 5.06 76.44
C GLN E 426 -7.14 6.15 76.01
N LEU E 427 -7.02 6.66 74.78
CA LEU E 427 -8.03 7.59 74.30
C LEU E 427 -9.32 6.87 73.90
N PHE E 428 -9.21 5.63 73.41
CA PHE E 428 -10.40 4.87 73.08
C PHE E 428 -11.20 4.50 74.32
N ASN E 429 -10.53 4.31 75.45
CA ASN E 429 -11.26 4.10 76.70
C ASN E 429 -12.13 5.30 77.07
N ASN E 430 -11.85 6.47 76.50
CA ASN E 430 -12.61 7.67 76.84
C ASN E 430 -13.97 7.75 76.15
N TYR E 431 -14.20 6.98 75.08
CA TYR E 431 -15.52 7.00 74.46
C TYR E 431 -16.55 6.30 75.33
N SER E 432 -17.82 6.62 75.08
CA SER E 432 -18.91 6.07 75.86
C SER E 432 -19.09 4.59 75.53
N GLY E 433 -20.08 3.98 76.19
CA GLY E 433 -20.30 2.56 76.02
C GLY E 433 -20.70 2.18 74.60
N PHE E 434 -21.66 2.92 74.03
CA PHE E 434 -22.09 2.62 72.67
C PHE E 434 -20.97 2.84 71.68
N LEU E 435 -20.21 3.93 71.84
CA LEU E 435 -19.10 4.19 70.92
C LEU E 435 -18.04 3.10 71.01
N GLN E 436 -17.71 2.70 72.24
CA GLN E 436 -16.71 1.64 72.42
C GLN E 436 -17.19 0.33 71.82
N ASN E 437 -18.46 -0.01 72.03
CA ASN E 437 -19.00 -1.25 71.47
C ASN E 437 -18.99 -1.20 69.94
N LEU E 438 -19.40 -0.07 69.36
CA LEU E 438 -19.40 0.06 67.91
C LEU E 438 -18.00 -0.06 67.34
N ILE E 439 -17.03 0.58 68.00
CA ILE E 439 -15.64 0.49 67.53
C ILE E 439 -15.14 -0.94 67.63
N ARG E 440 -15.41 -1.60 68.76
CA ARG E 440 -14.93 -2.96 68.96
C ARG E 440 -15.52 -3.91 67.94
N ARG E 441 -16.82 -3.79 67.67
CA ARG E 441 -17.45 -4.63 66.64
C ARG E 441 -17.02 -4.23 65.25
N ALA E 442 -16.56 -3.00 65.05
CA ALA E 442 -16.24 -2.53 63.71
C ALA E 442 -14.86 -2.98 63.26
N VAL E 443 -13.82 -2.55 63.97
CA VAL E 443 -12.46 -2.86 63.56
C VAL E 443 -12.09 -4.25 64.07
N ALA E 444 -11.64 -5.11 63.15
CA ALA E 444 -11.16 -6.39 63.63
C ALA E 444 -9.66 -6.36 63.86
N PRO E 445 -9.16 -7.06 64.87
CA PRO E 445 -7.73 -7.01 65.17
C PRO E 445 -6.93 -7.74 64.11
N GLU E 446 -5.90 -7.08 63.58
CA GLU E 446 -5.03 -7.72 62.61
C GLU E 446 -4.22 -8.84 63.22
N TYR E 447 -4.12 -8.90 64.55
CA TYR E 447 -3.48 -10.01 65.25
C TYR E 447 -4.47 -10.54 66.27
N LEU E 448 -4.75 -11.85 66.20
CA LEU E 448 -5.66 -12.52 67.12
C LEU E 448 -4.91 -13.61 67.85
N GLN E 449 -5.16 -13.73 69.16
CA GLN E 449 -4.57 -14.77 69.98
C GLN E 449 -5.70 -15.68 70.48
N ILE E 450 -5.74 -16.90 69.96
CA ILE E 450 -6.71 -17.90 70.38
C ILE E 450 -5.97 -18.95 71.20
N ASP E 451 -6.41 -19.13 72.44
CA ASP E 451 -5.75 -20.03 73.38
C ASP E 451 -4.29 -19.63 73.56
N THR E 452 -3.39 -20.26 72.79
CA THR E 452 -1.97 -19.92 72.87
C THR E 452 -1.34 -19.77 71.49
N GLU E 453 -2.15 -19.63 70.43
CA GLU E 453 -1.66 -19.51 69.08
C GLU E 453 -2.15 -18.20 68.46
N GLU E 454 -1.50 -17.80 67.37
CA GLU E 454 -1.68 -16.47 66.80
C GLU E 454 -2.10 -16.57 65.34
N LEU E 455 -3.07 -15.73 64.96
CA LEU E 455 -3.55 -15.62 63.59
C LEU E 455 -3.45 -14.17 63.13
N ARG E 456 -2.86 -13.96 61.96
CA ARG E 456 -2.72 -12.63 61.39
C ARG E 456 -3.61 -12.54 60.16
N PHE E 457 -4.70 -11.78 60.28
CA PHE E 457 -5.64 -11.66 59.17
C PHE E 457 -5.19 -10.62 58.15
N ARG E 458 -4.61 -9.51 58.61
CA ARG E 458 -4.18 -8.44 57.74
C ARG E 458 -2.69 -8.19 57.93
N ASN E 459 -2.00 -7.95 56.81
CA ASN E 459 -0.56 -7.72 56.86
C ASN E 459 -0.24 -6.50 57.72
N CYS E 460 -0.97 -5.42 57.52
CA CYS E 460 -0.70 -4.17 58.23
C CYS E 460 -1.96 -3.34 58.29
N ALA E 461 -2.06 -2.51 59.34
CA ALA E 461 -3.31 -1.89 59.71
C ALA E 461 -3.84 -0.96 58.62
N THR E 462 -5.17 -0.92 58.50
CA THR E 462 -5.84 -0.11 57.49
C THR E 462 -6.23 1.27 58.02
N CYS E 463 -7.07 1.30 59.05
CA CYS E 463 -7.52 2.54 59.64
C CYS E 463 -6.51 3.01 60.70
N ILE E 464 -6.79 4.15 61.32
CA ILE E 464 -5.99 4.62 62.45
C ILE E 464 -6.89 5.22 63.51
N ILE E 465 -6.38 5.22 64.74
CA ILE E 465 -7.03 5.83 65.90
C ILE E 465 -6.20 7.04 66.31
N ASP E 466 -6.81 8.22 66.32
CA ASP E 466 -6.16 9.43 66.78
C ASP E 466 -7.08 10.12 67.78
N GLU E 467 -6.62 11.27 68.28
CA GLU E 467 -7.48 12.08 69.15
C GLU E 467 -8.72 12.54 68.41
N THR E 468 -8.64 12.63 67.07
CA THR E 468 -9.82 12.97 66.29
C THR E 468 -10.81 11.82 66.25
N GLY E 469 -10.35 10.59 66.42
CA GLY E 469 -11.22 9.44 66.53
C GLY E 469 -10.74 8.32 65.64
N LEU E 470 -11.67 7.44 65.27
CA LEU E 470 -11.44 6.43 64.24
C LEU E 470 -11.49 7.10 62.89
N VAL E 471 -10.34 7.22 62.23
CA VAL E 471 -10.27 7.85 60.92
C VAL E 471 -9.60 6.88 59.95
N ALA E 472 -10.17 6.78 58.74
CA ALA E 472 -9.69 5.86 57.73
C ALA E 472 -8.51 6.45 56.96
N SER E 473 -7.51 6.91 57.69
CA SER E 473 -6.28 7.41 57.09
C SER E 473 -5.24 6.31 57.17
N VAL E 474 -4.92 5.72 56.02
CA VAL E 474 -3.98 4.59 56.01
C VAL E 474 -2.63 5.05 56.50
N PRO E 475 -1.94 4.30 57.36
CA PRO E 475 -0.61 4.70 57.80
C PRO E 475 0.39 4.70 56.66
N ASP E 476 1.38 5.59 56.77
CA ASP E 476 2.57 5.73 55.94
C ASP E 476 2.36 5.31 54.48
N GLY E 477 1.42 5.96 53.80
CA GLY E 477 1.21 5.72 52.39
C GLY E 477 0.00 6.44 51.84
N PRO E 478 -0.14 6.44 50.51
CA PRO E 478 -1.32 7.03 49.89
C PRO E 478 -2.57 6.24 50.25
N GLU E 479 -3.70 6.94 50.19
CA GLU E 479 -4.96 6.36 50.63
C GLU E 479 -5.34 5.15 49.80
N LEU E 480 -5.88 4.13 50.46
CA LEU E 480 -6.25 2.90 49.79
C LEU E 480 -7.40 3.13 48.81
N TYR E 481 -7.33 2.46 47.67
CA TYR E 481 -8.39 2.58 46.66
C TYR E 481 -9.68 1.95 47.17
N ASN E 482 -10.79 2.64 46.93
CA ASN E 482 -12.10 2.15 47.35
C ASN E 482 -13.12 2.49 46.27
N PRO E 483 -13.69 1.47 45.61
CA PRO E 483 -14.64 1.75 44.51
C PRO E 483 -15.97 2.30 44.98
N ILE E 484 -16.25 2.26 46.28
CA ILE E 484 -17.50 2.77 46.85
C ILE E 484 -18.69 1.99 46.28
N ARG E 485 -18.94 2.16 44.98
CA ARG E 485 -20.00 1.45 44.27
C ARG E 485 -21.33 1.86 44.89
N SER E 486 -22.23 0.92 45.20
CA SER E 486 -23.52 1.26 45.79
C SER E 486 -23.38 1.57 47.28
N LEU E 516 -13.39 -14.38 31.85
CA LEU E 516 -12.89 -14.05 33.18
C LEU E 516 -14.00 -14.09 34.22
N SER E 517 -15.24 -14.17 33.73
CA SER E 517 -16.39 -14.22 34.63
C SER E 517 -16.48 -15.54 35.39
N GLY E 518 -15.77 -16.57 34.95
CA GLY E 518 -15.82 -17.85 35.64
C GLY E 518 -15.25 -17.77 37.04
N TYR E 519 -14.13 -17.07 37.21
CA TYR E 519 -13.52 -16.93 38.52
C TYR E 519 -14.39 -16.07 39.43
N GLU E 520 -14.36 -16.38 40.72
CA GLU E 520 -15.12 -15.59 41.68
C GLU E 520 -14.58 -14.18 41.75
N GLU E 521 -15.47 -13.24 42.10
CA GLU E 521 -15.19 -11.82 41.95
C GLU E 521 -14.03 -11.38 42.83
N TYR E 522 -13.96 -11.88 44.06
CA TYR E 522 -13.04 -11.37 45.08
C TYR E 522 -13.21 -9.86 45.17
N PRO E 523 -14.28 -9.39 45.81
CA PRO E 523 -14.51 -7.95 45.90
C PRO E 523 -13.35 -7.23 46.60
N THR E 524 -13.05 -6.03 46.11
CA THR E 524 -11.92 -5.24 46.58
C THR E 524 -12.30 -4.25 47.67
N TYR E 525 -13.34 -4.58 48.44
CA TYR E 525 -13.74 -3.70 49.53
C TYR E 525 -12.65 -3.66 50.59
N VAL E 526 -12.38 -2.47 51.11
CA VAL E 526 -11.34 -2.26 52.11
C VAL E 526 -11.96 -2.40 53.50
N PRO E 527 -11.46 -3.29 54.35
CA PRO E 527 -12.07 -3.50 55.66
C PRO E 527 -11.46 -2.63 56.75
N LEU E 528 -11.93 -2.80 57.98
CA LEU E 528 -11.39 -2.10 59.15
C LEU E 528 -10.57 -3.11 59.94
N PHE E 529 -9.26 -3.08 59.73
CA PHE E 529 -8.33 -3.97 60.42
C PHE E 529 -7.36 -3.14 61.25
N LEU E 530 -7.38 -3.35 62.56
CA LEU E 530 -6.50 -2.62 63.46
C LEU E 530 -6.50 -3.29 64.82
N GLY E 531 -5.34 -3.34 65.46
CA GLY E 531 -5.27 -3.71 66.86
C GLY E 531 -4.72 -5.09 67.16
N TYR E 532 -5.16 -5.63 68.30
CA TYR E 532 -4.66 -6.89 68.82
C TYR E 532 -5.73 -7.44 69.76
N GLN E 533 -5.87 -8.77 69.80
CA GLN E 533 -6.88 -9.37 70.66
C GLN E 533 -6.30 -10.58 71.38
N ILE E 534 -6.68 -10.71 72.65
CA ILE E 534 -6.34 -11.86 73.47
C ILE E 534 -7.65 -12.56 73.82
N ILE E 535 -7.76 -13.83 73.44
CA ILE E 535 -8.99 -14.60 73.63
C ILE E 535 -8.65 -15.84 74.42
N ASN E 536 -9.43 -16.11 75.46
CA ASN E 536 -9.28 -17.31 76.28
C ASN E 536 -10.47 -18.24 76.11
N SER E 537 -10.19 -19.54 76.17
CA SER E 537 -11.20 -20.59 76.00
C SER E 537 -11.93 -20.46 74.66
N ARG F 245 -12.11 -23.76 23.04
CA ARG F 245 -12.18 -25.01 22.28
C ARG F 245 -10.82 -25.71 22.26
N VAL F 246 -9.75 -24.94 22.40
CA VAL F 246 -8.39 -25.45 22.40
C VAL F 246 -7.76 -25.14 23.75
N ASN F 247 -7.11 -26.14 24.33
CA ASN F 247 -6.48 -25.97 25.63
C ASN F 247 -5.26 -25.07 25.52
N ARG F 248 -5.10 -24.17 26.49
CA ARG F 248 -4.00 -23.22 26.52
C ARG F 248 -3.13 -23.40 27.76
N CYS F 249 -3.23 -24.56 28.40
CA CYS F 249 -2.45 -24.85 29.59
C CYS F 249 -1.18 -25.60 29.21
N ILE F 250 -0.05 -25.15 29.74
CA ILE F 250 1.21 -25.82 29.43
C ILE F 250 1.25 -27.21 30.04
N PHE F 251 0.56 -27.42 31.16
CA PHE F 251 0.49 -28.73 31.81
C PHE F 251 -0.65 -29.58 31.27
N ALA F 252 -1.43 -29.08 30.31
CA ALA F 252 -2.48 -29.90 29.72
C ALA F 252 -1.92 -30.94 28.77
N SER F 253 -0.74 -30.71 28.21
CA SER F 253 -0.10 -31.67 27.31
C SER F 253 0.76 -32.66 28.09
N ILE F 254 0.17 -33.31 29.07
CA ILE F 254 0.85 -34.30 29.90
C ILE F 254 0.36 -35.67 29.49
N VAL F 255 1.26 -36.49 28.95
CA VAL F 255 0.96 -37.85 28.53
C VAL F 255 2.07 -38.77 29.03
N SER F 256 1.69 -39.92 29.55
CA SER F 256 2.64 -40.92 30.00
C SER F 256 3.00 -41.79 28.80
N PHE F 257 4.07 -41.41 28.11
CA PHE F 257 4.46 -42.15 26.92
C PHE F 257 5.29 -43.39 27.27
N ASP F 258 4.78 -44.19 28.19
CA ASP F 258 5.35 -45.49 28.50
C ASP F 258 4.63 -46.61 27.74
N ALA F 259 3.61 -46.26 26.97
CA ALA F 259 2.87 -47.09 26.03
C ALA F 259 1.93 -48.08 26.71
N CYS F 260 1.96 -48.21 28.04
CA CYS F 260 1.01 -49.10 28.71
C CYS F 260 0.37 -48.42 29.90
N ILE F 261 1.02 -47.42 30.49
CA ILE F 261 0.47 -46.69 31.62
C ILE F 261 -0.28 -45.47 31.09
N THR F 262 -1.34 -45.09 31.79
CA THR F 262 -2.21 -44.02 31.34
C THR F 262 -1.78 -42.67 31.93
N TYR F 263 -2.53 -41.63 31.61
CA TYR F 263 -2.28 -40.28 32.09
C TYR F 263 -3.62 -39.65 32.44
N LYS F 264 -3.61 -38.35 32.72
CA LYS F 264 -4.81 -37.62 33.07
C LYS F 264 -4.78 -36.23 32.46
N SER F 265 -5.97 -35.64 32.30
CA SER F 265 -6.14 -34.26 31.87
C SER F 265 -7.06 -33.57 32.85
N PRO F 266 -6.58 -33.26 34.05
CA PRO F 266 -7.47 -32.73 35.09
C PRO F 266 -7.65 -31.22 35.03
N CYS F 267 -7.28 -30.60 33.92
CA CYS F 267 -7.43 -29.15 33.79
C CYS F 267 -8.89 -28.73 33.91
N SER F 268 -9.11 -27.64 34.63
CA SER F 268 -10.44 -27.07 34.74
C SER F 268 -10.85 -26.43 33.41
N PRO F 269 -12.14 -26.21 33.19
CA PRO F 269 -12.57 -25.63 31.91
C PRO F 269 -12.01 -24.24 31.64
N ASP F 270 -11.49 -23.56 32.65
CA ASP F 270 -10.89 -22.24 32.43
C ASP F 270 -9.63 -22.29 31.58
N ALA F 271 -9.06 -23.48 31.37
CA ALA F 271 -7.88 -23.60 30.53
C ALA F 271 -8.16 -23.16 29.10
N TYR F 272 -9.34 -23.51 28.58
CA TYR F 272 -9.70 -23.14 27.22
C TYR F 272 -9.82 -21.63 27.06
N HIS F 273 -10.22 -20.92 28.11
CA HIS F 273 -10.36 -19.48 28.04
C HIS F 273 -9.00 -18.82 27.86
N ASP F 274 -8.97 -17.78 27.02
CA ASP F 274 -7.74 -17.01 26.79
C ASP F 274 -7.63 -15.90 27.83
N ASP F 275 -7.56 -16.30 29.09
CA ASP F 275 -7.49 -15.37 30.20
C ASP F 275 -6.11 -14.74 30.36
N GLY F 276 -5.10 -15.27 29.70
CA GLY F 276 -3.74 -14.78 29.87
C GLY F 276 -2.86 -15.78 30.58
N TRP F 277 -3.43 -16.50 31.55
CA TRP F 277 -2.71 -17.57 32.21
C TRP F 277 -2.56 -18.74 31.25
N PHE F 278 -1.33 -19.15 30.99
CA PHE F 278 -1.09 -20.34 30.18
C PHE F 278 -0.96 -21.59 31.05
N ILE F 279 -1.93 -21.76 31.94
CA ILE F 279 -1.97 -22.90 32.85
C ILE F 279 -3.38 -23.00 33.42
N CYS F 280 -3.89 -24.21 33.53
CA CYS F 280 -5.22 -24.39 34.09
C CYS F 280 -5.16 -24.24 35.61
N ASN F 281 -6.32 -23.93 36.19
CA ASN F 281 -6.38 -23.70 37.63
C ASN F 281 -6.01 -24.94 38.43
N ASN F 282 -6.39 -26.13 37.95
CA ASN F 282 -6.09 -27.35 38.68
C ASN F 282 -4.59 -27.57 38.79
N HIS F 283 -3.86 -27.43 37.68
CA HIS F 283 -2.41 -27.55 37.75
C HIS F 283 -1.79 -26.37 38.47
N LEU F 284 -2.36 -25.17 38.33
CA LEU F 284 -1.85 -24.01 39.06
C LEU F 284 -1.95 -24.24 40.57
N ILE F 285 -2.94 -25.01 41.00
CA ILE F 285 -3.09 -25.28 42.42
C ILE F 285 -2.23 -26.46 42.86
N LYS F 286 -2.20 -27.53 42.06
CA LYS F 286 -1.49 -28.73 42.48
C LYS F 286 0.01 -28.59 42.38
N ARG F 287 0.51 -27.71 41.51
CA ARG F 287 1.96 -27.56 41.40
C ARG F 287 2.47 -26.36 42.20
N PHE F 288 1.96 -25.17 41.93
CA PHE F 288 2.27 -23.99 42.71
C PHE F 288 1.20 -23.81 43.79
N LYS F 289 1.59 -23.16 44.89
CA LYS F 289 0.63 -22.82 45.94
C LYS F 289 -0.16 -21.58 45.53
N MET F 290 -0.84 -21.69 44.38
CA MET F 290 -1.41 -20.54 43.71
C MET F 290 -2.80 -20.88 43.21
N SER F 291 -3.71 -19.92 43.34
CA SER F 291 -5.05 -20.03 42.78
C SER F 291 -5.38 -18.74 42.06
N LYS F 292 -6.38 -18.79 41.18
CA LYS F 292 -6.73 -17.67 40.32
C LYS F 292 -7.85 -16.84 40.94
N MET F 293 -7.78 -15.53 40.72
CA MET F 293 -8.87 -14.62 41.01
C MET F 293 -8.88 -13.50 39.99
N VAL F 294 -10.03 -12.91 39.81
CA VAL F 294 -10.20 -11.71 39.00
C VAL F 294 -10.28 -10.53 39.95
N LEU F 295 -9.91 -9.35 39.45
CA LEU F 295 -9.93 -8.14 40.26
C LEU F 295 -10.55 -6.99 39.46
N PRO F 296 -11.59 -6.36 39.98
CA PRO F 296 -12.25 -5.27 39.25
C PRO F 296 -11.65 -3.90 39.57
N ILE F 297 -11.70 -3.02 38.57
CA ILE F 297 -11.23 -1.65 38.70
C ILE F 297 -12.34 -0.75 38.20
N PHE F 298 -13.05 -0.10 39.12
CA PHE F 298 -14.10 0.86 38.77
C PHE F 298 -13.50 2.26 38.70
N ASP F 299 -12.69 2.46 37.67
CA ASP F 299 -11.98 3.72 37.48
C ASP F 299 -12.92 4.76 36.87
N GLU F 300 -12.35 5.90 36.45
CA GLU F 300 -13.14 6.98 35.88
C GLU F 300 -13.79 6.58 34.56
N ASP F 301 -13.25 5.58 33.86
CA ASP F 301 -13.84 5.13 32.61
C ASP F 301 -15.18 4.43 32.82
N ASP F 302 -15.49 4.02 34.05
CA ASP F 302 -16.72 3.33 34.40
C ASP F 302 -16.87 2.02 33.62
N ASN F 303 -15.77 1.50 33.09
CA ASN F 303 -15.79 0.25 32.35
C ASN F 303 -15.50 -0.93 33.28
N GLN F 304 -15.86 -2.12 32.81
CA GLN F 304 -15.73 -3.33 33.62
C GLN F 304 -14.30 -3.88 33.44
N PHE F 305 -13.34 -3.07 33.89
CA PHE F 305 -11.93 -3.40 33.71
C PHE F 305 -11.52 -4.47 34.72
N LYS F 306 -11.14 -5.64 34.24
CA LYS F 306 -10.78 -6.76 35.09
C LYS F 306 -9.32 -7.14 34.85
N MET F 307 -8.57 -7.26 35.94
CA MET F 307 -7.21 -7.77 35.91
C MET F 307 -7.16 -9.12 36.62
N THR F 308 -6.00 -9.74 36.62
CA THR F 308 -5.82 -11.07 37.20
C THR F 308 -4.93 -10.99 38.43
N ILE F 309 -5.35 -11.66 39.50
CA ILE F 309 -4.59 -11.74 40.74
C ILE F 309 -4.56 -13.19 41.19
N ALA F 310 -3.67 -13.48 42.14
CA ALA F 310 -3.45 -14.85 42.58
C ALA F 310 -3.77 -14.99 44.06
N ARG F 311 -3.73 -16.24 44.52
CA ARG F 311 -4.10 -16.64 45.87
C ARG F 311 -3.10 -17.64 46.43
N HIS F 312 -2.68 -17.40 47.67
CA HIS F 312 -1.85 -18.37 48.38
C HIS F 312 -2.63 -19.66 48.65
N LEU F 313 -1.89 -20.76 48.72
CA LEU F 313 -2.42 -22.02 49.23
C LEU F 313 -1.61 -22.51 50.43
N VAL F 314 -0.87 -21.62 51.07
CA VAL F 314 -0.02 -21.95 52.20
C VAL F 314 -0.52 -21.23 53.44
N GLY F 315 -0.53 -21.93 54.56
CA GLY F 315 -1.01 -21.38 55.81
C GLY F 315 0.06 -20.70 56.64
N ASN F 316 0.27 -21.17 57.87
CA ASN F 316 1.26 -20.56 58.75
C ASN F 316 2.23 -21.61 59.29
N LYS F 317 1.77 -22.85 59.40
CA LYS F 317 2.59 -23.91 60.00
C LYS F 317 3.82 -24.20 59.15
N GLU F 318 3.64 -24.29 57.83
CA GLU F 318 4.75 -24.60 56.95
C GLU F 318 5.66 -23.39 56.80
N ARG F 319 6.97 -23.62 56.98
CA ARG F 319 7.98 -22.57 56.92
C ARG F 319 9.01 -22.91 55.86
N GLY F 320 9.87 -21.93 55.57
CA GLY F 320 11.00 -22.18 54.70
C GLY F 320 10.59 -22.45 53.27
N ILE F 321 11.19 -23.49 52.68
CA ILE F 321 10.98 -23.80 51.27
C ILE F 321 9.53 -24.18 51.00
N LYS F 322 8.81 -24.68 52.01
CA LYS F 322 7.40 -24.99 51.86
C LYS F 322 6.57 -23.74 51.53
N ARG F 323 7.05 -22.56 51.89
CA ARG F 323 6.30 -21.34 51.65
C ARG F 323 6.51 -20.77 50.26
N ILE F 324 7.40 -21.37 49.46
CA ILE F 324 7.67 -20.84 48.12
C ILE F 324 6.46 -21.06 47.23
N LEU F 325 6.29 -20.16 46.27
CA LEU F 325 5.23 -20.26 45.27
C LEU F 325 5.77 -20.53 43.88
N ILE F 326 6.73 -19.74 43.43
CA ILE F 326 7.40 -20.00 42.15
C ILE F 326 8.91 -19.96 42.37
N PRO F 327 9.58 -21.11 42.43
CA PRO F 327 11.03 -21.11 42.63
C PRO F 327 11.77 -20.62 41.40
N SER F 328 12.98 -20.11 41.64
CA SER F 328 13.84 -19.72 40.55
C SER F 328 14.50 -20.95 39.92
N ALA F 329 15.29 -20.69 38.87
CA ALA F 329 15.97 -21.79 38.19
C ALA F 329 17.06 -22.42 39.05
N THR F 330 17.51 -21.73 40.10
CA THR F 330 18.60 -22.25 40.93
C THR F 330 18.14 -23.39 41.82
N ASN F 331 16.95 -23.27 42.42
CA ASN F 331 16.53 -24.13 43.51
C ASN F 331 15.12 -24.67 43.30
N TYR F 332 14.84 -25.18 42.10
CA TYR F 332 13.55 -25.82 41.88
C TYR F 332 13.63 -27.35 41.83
N GLN F 333 14.82 -27.92 41.68
CA GLN F 333 14.96 -29.37 41.73
C GLN F 333 14.42 -29.93 43.04
N ASP F 334 14.81 -29.34 44.17
CA ASP F 334 14.43 -29.88 45.46
C ASP F 334 12.96 -29.64 45.75
N VAL F 335 12.46 -28.44 45.46
CA VAL F 335 11.08 -28.11 45.83
C VAL F 335 10.09 -28.88 44.95
N PHE F 336 10.37 -28.99 43.65
CA PHE F 336 9.41 -29.65 42.77
C PHE F 336 9.48 -31.18 42.86
N ASN F 337 10.57 -31.73 43.35
CA ASN F 337 10.76 -33.18 43.41
C ASN F 337 10.51 -33.81 42.04
N LEU F 338 11.38 -33.43 41.10
CA LEU F 338 11.17 -33.74 39.69
C LEU F 338 11.01 -35.24 39.47
N ASN F 339 11.76 -36.06 40.22
CA ASN F 339 11.73 -37.51 40.00
C ASN F 339 10.35 -38.10 40.21
N SER F 340 9.50 -37.47 41.02
CA SER F 340 8.16 -37.99 41.24
C SER F 340 7.30 -37.88 39.99
N MET F 341 7.63 -36.94 39.10
CA MET F 341 6.82 -36.60 37.96
C MET F 341 7.06 -37.58 36.81
N MET F 342 6.21 -37.49 35.79
CA MET F 342 6.45 -38.22 34.56
C MET F 342 7.35 -37.41 33.64
N GLN F 343 7.99 -38.10 32.69
CA GLN F 343 9.00 -37.46 31.85
C GLN F 343 8.42 -36.32 31.02
N ALA F 344 7.17 -36.45 30.59
CA ALA F 344 6.52 -35.32 29.93
C ALA F 344 6.56 -34.08 30.83
N GLU F 345 6.28 -34.27 32.12
CA GLU F 345 6.23 -33.13 33.02
C GLU F 345 7.62 -32.64 33.41
N GLN F 346 8.61 -33.53 33.55
CA GLN F 346 9.97 -33.03 33.74
C GLN F 346 10.44 -32.22 32.54
N LEU F 347 10.15 -32.70 31.32
CA LEU F 347 10.52 -31.96 30.12
C LEU F 347 9.82 -30.60 30.09
N ILE F 348 8.54 -30.56 30.42
CA ILE F 348 7.83 -29.29 30.45
C ILE F 348 8.46 -28.34 31.46
N PHE F 349 8.77 -28.85 32.66
CA PHE F 349 9.36 -27.99 33.68
C PHE F 349 10.73 -27.47 33.27
N HIS F 350 11.57 -28.33 32.69
CA HIS F 350 12.88 -27.87 32.24
C HIS F 350 12.77 -26.86 31.11
N LEU F 351 11.81 -27.04 30.20
CA LEU F 351 11.59 -26.05 29.15
C LEU F 351 11.12 -24.72 29.75
N ILE F 352 10.27 -24.79 30.77
CA ILE F 352 9.85 -23.57 31.46
C ILE F 352 11.04 -22.89 32.11
N TYR F 353 11.97 -23.68 32.65
CA TYR F 353 13.09 -23.15 33.41
C TYR F 353 14.37 -23.06 32.58
N ASN F 354 14.30 -23.38 31.29
CA ASN F 354 15.44 -23.26 30.37
C ASN F 354 16.64 -24.07 30.86
N ASN F 355 16.42 -25.34 31.12
CA ASN F 355 17.49 -26.28 31.48
C ASN F 355 17.83 -27.09 30.24
N GLU F 356 18.68 -26.53 29.39
CA GLU F 356 19.06 -27.20 28.16
C GLU F 356 19.79 -28.51 28.44
N ASN F 357 20.62 -28.51 29.49
CA ASN F 357 21.34 -29.74 29.84
C ASN F 357 20.37 -30.85 30.25
N ALA F 358 19.35 -30.51 31.04
CA ALA F 358 18.39 -31.51 31.47
C ALA F 358 17.60 -32.06 30.28
N VAL F 359 17.22 -31.18 29.35
CA VAL F 359 16.52 -31.62 28.14
C VAL F 359 17.42 -32.54 27.32
N ASN F 360 18.70 -32.18 27.19
CA ASN F 360 19.62 -33.03 26.44
C ASN F 360 19.75 -34.40 27.09
N THR F 361 19.85 -34.44 28.42
CA THR F 361 19.96 -35.72 29.12
C THR F 361 18.71 -36.56 28.93
N ILE F 362 17.53 -35.95 29.07
CA ILE F 362 16.30 -36.73 28.94
C ILE F 362 16.13 -37.22 27.50
N CYS F 363 16.56 -36.42 26.52
CA CYS F 363 16.45 -36.84 25.14
C CYS F 363 17.41 -37.97 24.79
N ASP F 364 18.67 -37.88 25.24
CA ASP F 364 19.63 -38.89 24.82
C ASP F 364 19.63 -40.12 25.72
N ASN F 365 18.89 -40.10 26.84
CA ASN F 365 18.68 -41.33 27.58
C ASN F 365 17.29 -41.92 27.35
N LEU F 366 16.35 -41.13 26.82
CA LEU F 366 15.03 -41.67 26.47
C LEU F 366 15.09 -42.55 25.24
N LYS F 367 16.03 -42.29 24.32
CA LYS F 367 16.14 -43.11 23.12
C LYS F 367 16.54 -44.55 23.42
N TYR F 368 17.05 -44.82 24.62
CA TYR F 368 17.46 -46.17 24.98
C TYR F 368 16.26 -47.11 25.14
N THR F 369 15.06 -46.58 25.35
CA THR F 369 13.90 -47.43 25.58
C THR F 369 13.48 -48.12 24.28
N GLU F 370 12.74 -49.22 24.45
CA GLU F 370 12.24 -49.97 23.31
C GLU F 370 10.94 -49.38 22.80
N GLY F 371 10.67 -49.59 21.51
CA GLY F 371 9.49 -49.02 20.89
C GLY F 371 9.55 -47.52 20.75
N PHE F 372 10.75 -46.93 20.81
CA PHE F 372 10.89 -45.49 20.78
C PHE F 372 10.43 -44.91 19.45
N THR F 373 10.96 -45.43 18.35
CA THR F 373 10.66 -44.86 17.03
C THR F 373 9.21 -45.08 16.63
N SER F 374 8.56 -46.11 17.18
CA SER F 374 7.20 -46.43 16.80
C SER F 374 6.26 -45.24 17.07
N ASN F 375 6.13 -44.87 18.34
CA ASN F 375 5.27 -43.75 18.71
C ASN F 375 5.89 -42.81 19.74
N THR F 376 6.96 -43.20 20.43
CA THR F 376 7.54 -42.33 21.45
C THR F 376 8.10 -41.06 20.82
N GLN F 377 8.78 -41.19 19.68
CA GLN F 377 9.29 -40.01 19.00
C GLN F 377 8.17 -39.08 18.58
N ARG F 378 7.08 -39.64 18.02
CA ARG F 378 5.97 -38.78 17.58
C ARG F 378 5.31 -38.08 18.76
N VAL F 379 5.11 -38.79 19.87
CA VAL F 379 4.42 -38.18 21.01
C VAL F 379 5.31 -37.13 21.68
N ILE F 380 6.62 -37.40 21.79
CA ILE F 380 7.50 -36.40 22.37
C ILE F 380 7.62 -35.20 21.44
N HIS F 381 7.55 -35.43 20.13
CA HIS F 381 7.49 -34.34 19.17
C HIS F 381 6.27 -33.48 19.41
N SER F 382 5.10 -34.12 19.56
CA SER F 382 3.87 -33.37 19.78
C SER F 382 3.94 -32.56 21.08
N VAL F 383 4.39 -33.18 22.16
CA VAL F 383 4.41 -32.48 23.45
C VAL F 383 5.41 -31.34 23.44
N TYR F 384 6.61 -31.58 22.86
CA TYR F 384 7.61 -30.53 22.82
C TYR F 384 7.15 -29.38 21.93
N ALA F 385 6.50 -29.69 20.81
CA ALA F 385 6.01 -28.65 19.92
C ALA F 385 4.95 -27.78 20.60
N THR F 386 3.98 -28.42 21.27
CA THR F 386 2.94 -27.62 21.91
C THR F 386 3.50 -26.85 23.10
N THR F 387 4.47 -27.42 23.82
CA THR F 387 5.09 -26.69 24.92
C THR F 387 5.84 -25.47 24.41
N LYS F 388 6.58 -25.60 23.30
CA LYS F 388 7.27 -24.45 22.75
C LYS F 388 6.29 -23.44 22.18
N SER F 389 5.16 -23.90 21.64
CA SER F 389 4.14 -22.97 21.17
C SER F 389 3.59 -22.15 22.33
N ILE F 390 3.36 -22.79 23.48
CA ILE F 390 2.89 -22.07 24.66
C ILE F 390 3.98 -21.13 25.18
N LEU F 391 5.23 -21.57 25.12
CA LEU F 391 6.32 -20.79 25.73
C LEU F 391 6.68 -19.56 24.90
N ASP F 392 6.74 -19.71 23.58
CA ASP F 392 7.23 -18.62 22.73
C ASP F 392 6.26 -17.45 22.67
N THR F 393 4.96 -17.71 22.75
CA THR F 393 3.99 -16.61 22.74
C THR F 393 4.08 -15.76 24.00
N THR F 394 4.77 -16.23 25.04
CA THR F 394 4.98 -15.48 26.26
C THR F 394 6.41 -14.95 26.39
N ASN F 395 7.21 -15.06 25.33
CA ASN F 395 8.63 -14.73 25.39
C ASN F 395 8.79 -13.26 25.78
N PRO F 396 9.72 -12.92 26.70
CA PRO F 396 9.79 -11.54 27.19
C PRO F 396 10.39 -10.55 26.20
N ASN F 397 10.70 -10.99 24.98
CA ASN F 397 11.14 -10.06 23.93
C ASN F 397 10.03 -9.10 23.56
N THR F 398 10.22 -7.81 23.86
CA THR F 398 9.15 -6.82 23.80
C THR F 398 8.37 -6.92 22.50
N PHE F 399 7.05 -6.76 22.61
CA PHE F 399 6.18 -6.98 21.47
C PHE F 399 6.44 -5.94 20.38
N CYS F 400 6.54 -6.43 19.14
CA CYS F 400 6.80 -5.61 17.95
C CYS F 400 7.83 -4.50 18.19
N GLU F 407 2.20 -0.30 29.42
CA GLU F 407 2.40 -1.26 30.49
C GLU F 407 3.86 -1.27 30.96
N LEU F 408 4.07 -0.97 32.23
CA LEU F 408 5.42 -0.99 32.81
C LEU F 408 5.30 -1.55 34.23
N ARG F 409 5.91 -2.70 34.48
CA ARG F 409 5.75 -3.41 35.74
C ARG F 409 7.04 -3.37 36.55
N PHE F 410 6.90 -3.10 37.84
CA PHE F 410 8.01 -3.12 38.78
C PHE F 410 7.62 -3.95 39.99
N PHE F 411 8.63 -4.50 40.67
CA PHE F 411 8.39 -5.35 41.83
C PHE F 411 9.03 -4.79 43.08
N ASP F 412 9.49 -3.54 43.05
CA ASP F 412 10.07 -2.91 44.22
C ASP F 412 9.73 -1.43 44.19
N VAL F 413 9.70 -0.81 45.36
CA VAL F 413 9.36 0.61 45.50
C VAL F 413 10.68 1.37 45.62
N THR F 414 11.24 1.74 44.47
CA THR F 414 12.46 2.53 44.39
C THR F 414 12.29 3.52 43.25
N ASN F 415 12.12 4.80 43.58
CA ASN F 415 11.88 5.85 42.60
C ASN F 415 10.66 5.50 41.73
N ALA F 416 9.50 5.48 42.40
CA ALA F 416 8.26 5.05 41.75
C ALA F 416 7.98 5.85 40.49
N ARG F 417 8.21 7.16 40.53
CA ARG F 417 8.01 8.02 39.35
C ARG F 417 9.25 8.01 38.45
N ALA F 418 9.72 6.81 38.11
CA ALA F 418 10.90 6.62 37.28
C ALA F 418 10.96 5.16 36.87
N LEU F 419 12.00 4.81 36.11
CA LEU F 419 12.22 3.43 35.68
C LEU F 419 13.08 2.65 36.64
N ARG F 420 13.49 3.24 37.76
CA ARG F 420 14.34 2.56 38.72
C ARG F 420 13.60 1.39 39.36
N GLY F 421 14.32 0.28 39.54
CA GLY F 421 13.75 -0.89 40.19
C GLY F 421 14.78 -1.57 41.08
N GLY F 422 14.27 -2.33 42.03
CA GLY F 422 15.13 -3.04 42.97
C GLY F 422 15.73 -4.29 42.38
N ALA F 423 16.46 -5.01 43.23
CA ALA F 423 17.07 -6.27 42.80
C ALA F 423 16.00 -7.29 42.41
N GLY F 424 14.81 -7.18 43.01
CA GLY F 424 13.74 -8.10 42.66
C GLY F 424 13.36 -8.01 41.19
N ASP F 425 13.28 -6.80 40.65
CA ASP F 425 12.95 -6.64 39.24
C ASP F 425 14.02 -7.24 38.34
N GLN F 426 15.30 -6.97 38.64
CA GLN F 426 16.36 -7.45 37.78
C GLN F 426 16.52 -8.97 37.85
N LEU F 427 16.21 -9.57 39.00
CA LEU F 427 16.22 -11.03 39.05
C LEU F 427 14.98 -11.62 38.41
N PHE F 428 13.85 -10.91 38.48
CA PHE F 428 12.62 -11.37 37.82
C PHE F 428 12.76 -11.33 36.31
N ASN F 429 13.54 -10.39 35.78
CA ASN F 429 13.81 -10.40 34.35
C ASN F 429 14.54 -11.68 33.91
N ASN F 430 15.18 -12.39 34.84
CA ASN F 430 15.92 -13.59 34.49
C ASN F 430 15.05 -14.81 34.26
N TYR F 431 13.81 -14.82 34.71
CA TYR F 431 12.93 -15.95 34.43
C TYR F 431 12.53 -15.99 32.96
N SER F 432 12.13 -17.17 32.51
CA SER F 432 11.74 -17.37 31.14
C SER F 432 10.41 -16.67 30.84
N GLY F 433 9.97 -16.78 29.59
CA GLY F 433 8.75 -16.09 29.19
C GLY F 433 7.52 -16.57 29.92
N PHE F 434 7.35 -17.89 30.02
CA PHE F 434 6.18 -18.42 30.71
C PHE F 434 6.21 -18.06 32.18
N LEU F 435 7.38 -18.16 32.82
CA LEU F 435 7.48 -17.81 34.24
C LEU F 435 7.17 -16.34 34.46
N GLN F 436 7.72 -15.46 33.61
CA GLN F 436 7.45 -14.04 33.74
C GLN F 436 5.97 -13.74 33.53
N ASN F 437 5.35 -14.36 32.53
CA ASN F 437 3.92 -14.13 32.30
C ASN F 437 3.09 -14.63 33.47
N LEU F 438 3.41 -15.80 34.02
CA LEU F 438 2.66 -16.32 35.15
C LEU F 438 2.82 -15.42 36.36
N ILE F 439 4.03 -14.93 36.62
CA ILE F 439 4.24 -14.03 37.75
C ILE F 439 3.46 -12.73 37.54
N ARG F 440 3.53 -12.17 36.33
CA ARG F 440 2.87 -10.90 36.07
C ARG F 440 1.36 -11.04 36.22
N ARG F 441 0.78 -12.12 35.72
CA ARG F 441 -0.65 -12.35 35.88
C ARG F 441 -1.01 -12.72 37.31
N ALA F 442 -0.05 -13.22 38.09
CA ALA F 442 -0.35 -13.70 39.44
C ALA F 442 -0.39 -12.57 40.44
N VAL F 443 0.73 -11.88 40.63
CA VAL F 443 0.81 -10.83 41.64
C VAL F 443 0.25 -9.54 41.06
N ALA F 444 -0.71 -8.95 41.78
CA ALA F 444 -1.18 -7.66 41.31
C ALA F 444 -0.43 -6.54 42.01
N PRO F 445 -0.16 -5.43 41.33
CA PRO F 445 0.62 -4.36 41.95
C PRO F 445 -0.20 -3.63 43.00
N GLU F 446 0.37 -3.48 44.19
CA GLU F 446 -0.31 -2.75 45.25
C GLU F 446 -0.44 -1.27 44.93
N TYR F 447 0.32 -0.76 43.97
CA TYR F 447 0.17 0.59 43.47
C TYR F 447 -0.02 0.54 41.96
N LEU F 448 -1.10 1.14 41.48
CA LEU F 448 -1.42 1.19 40.06
C LEU F 448 -1.49 2.65 39.61
N GLN F 449 -0.93 2.93 38.44
CA GLN F 449 -0.98 4.26 37.85
C GLN F 449 -1.77 4.18 36.56
N ILE F 450 -2.96 4.76 36.57
CA ILE F 450 -3.83 4.82 35.40
C ILE F 450 -3.82 6.26 34.90
N ASP F 451 -3.42 6.44 33.65
CA ASP F 451 -3.27 7.77 33.05
C ASP F 451 -2.30 8.61 33.89
N THR F 452 -2.83 9.42 34.80
CA THR F 452 -1.99 10.24 35.66
C THR F 452 -2.44 10.18 37.12
N GLU F 453 -3.25 9.19 37.50
CA GLU F 453 -3.75 9.06 38.86
C GLU F 453 -3.35 7.70 39.41
N GLU F 454 -3.43 7.58 40.73
CA GLU F 454 -2.88 6.44 41.45
C GLU F 454 -3.96 5.76 42.29
N LEU F 455 -3.95 4.42 42.26
CA LEU F 455 -4.84 3.60 43.07
C LEU F 455 -4.02 2.61 43.89
N ARG F 456 -4.30 2.55 45.19
CA ARG F 456 -3.62 1.64 46.10
C ARG F 456 -4.61 0.57 46.54
N PHE F 457 -4.43 -0.65 46.03
CA PHE F 457 -5.34 -1.73 46.37
C PHE F 457 -5.01 -2.36 47.72
N ARG F 458 -3.73 -2.52 48.02
CA ARG F 458 -3.28 -3.16 49.25
C ARG F 458 -2.41 -2.20 50.04
N ASN F 459 -2.60 -2.19 51.36
CA ASN F 459 -1.84 -1.29 52.22
C ASN F 459 -0.35 -1.56 52.11
N CYS F 460 0.04 -2.83 52.14
CA CYS F 460 1.44 -3.21 52.13
C CYS F 460 1.58 -4.63 51.60
N ALA F 461 2.74 -4.90 50.98
CA ALA F 461 2.91 -6.08 50.15
C ALA F 461 2.73 -7.37 50.94
N THR F 462 2.18 -8.38 50.27
CA THR F 462 1.91 -9.67 50.90
C THR F 462 3.05 -10.66 50.67
N CYS F 463 3.34 -10.98 49.40
CA CYS F 463 4.40 -11.91 49.06
C CYS F 463 5.72 -11.16 48.97
N ILE F 464 6.79 -11.88 48.66
CA ILE F 464 8.09 -11.26 48.41
C ILE F 464 8.79 -11.98 47.25
N ILE F 465 9.69 -11.24 46.60
CA ILE F 465 10.53 -11.74 45.53
C ILE F 465 11.96 -11.78 46.05
N ASP F 466 12.58 -12.97 46.02
CA ASP F 466 13.97 -13.13 46.40
C ASP F 466 14.68 -13.92 45.30
N GLU F 467 15.98 -14.16 45.52
CA GLU F 467 16.71 -15.03 44.61
C GLU F 467 16.13 -16.43 44.59
N THR F 468 15.47 -16.84 45.67
CA THR F 468 14.80 -18.13 45.68
C THR F 468 13.55 -18.13 44.80
N GLY F 469 12.95 -16.95 44.58
CA GLY F 469 11.84 -16.82 43.68
C GLY F 469 10.71 -16.03 44.30
N LEU F 470 9.50 -16.26 43.78
CA LEU F 470 8.28 -15.77 44.40
C LEU F 470 7.96 -16.64 45.61
N VAL F 471 8.12 -16.08 46.81
CA VAL F 471 7.85 -16.82 48.04
C VAL F 471 6.86 -16.03 48.87
N ALA F 472 5.88 -16.74 49.44
CA ALA F 472 4.82 -16.13 50.22
C ALA F 472 5.27 -15.88 51.65
N SER F 473 6.41 -15.24 51.82
CA SER F 473 6.93 -14.86 53.14
C SER F 473 6.58 -13.40 53.35
N VAL F 474 5.63 -13.15 54.24
CA VAL F 474 5.17 -11.77 54.46
C VAL F 474 6.32 -10.95 55.01
N PRO F 475 6.54 -9.72 54.52
CA PRO F 475 7.61 -8.89 55.08
C PRO F 475 7.34 -8.52 56.53
N ASP F 476 8.44 -8.35 57.28
CA ASP F 476 8.53 -7.83 58.64
C ASP F 476 7.31 -8.16 59.51
N GLY F 477 7.02 -9.44 59.67
CA GLY F 477 5.96 -9.86 60.55
C GLY F 477 5.68 -11.35 60.49
N PRO F 478 4.87 -11.84 61.42
CA PRO F 478 4.47 -13.25 61.38
C PRO F 478 3.62 -13.54 60.15
N GLU F 479 3.64 -14.81 59.74
CA GLU F 479 2.98 -15.21 58.51
C GLU F 479 1.47 -14.97 58.57
N LEU F 480 0.92 -14.51 57.46
CA LEU F 480 -0.51 -14.20 57.40
C LEU F 480 -1.35 -15.46 57.54
N TYR F 481 -2.46 -15.33 58.26
CA TYR F 481 -3.37 -16.45 58.45
C TYR F 481 -4.03 -16.83 57.14
N ASN F 482 -4.11 -18.14 56.87
CA ASN F 482 -4.73 -18.63 55.66
C ASN F 482 -5.52 -19.90 55.98
N PRO F 483 -6.84 -19.87 55.87
CA PRO F 483 -7.65 -21.05 56.22
C PRO F 483 -7.51 -22.21 55.26
N ILE F 484 -6.90 -22.00 54.09
CA ILE F 484 -6.71 -23.04 53.08
C ILE F 484 -8.06 -23.56 52.60
N ARG F 485 -8.78 -24.23 53.50
CA ARG F 485 -10.12 -24.77 53.22
C ARG F 485 -9.99 -25.79 52.09
N SER F 486 -10.84 -25.74 51.06
CA SER F 486 -10.77 -26.69 49.97
C SER F 486 -9.62 -26.35 49.01
N LEU F 516 -26.01 -13.79 61.91
CA LEU F 516 -24.81 -13.24 61.28
C LEU F 516 -24.69 -13.70 59.84
N SER F 517 -25.51 -14.68 59.46
CA SER F 517 -25.49 -15.20 58.10
C SER F 517 -26.03 -14.21 57.09
N GLY F 518 -26.75 -13.18 57.55
CA GLY F 518 -27.29 -12.20 56.61
C GLY F 518 -26.20 -11.41 55.89
N TYR F 519 -25.17 -11.01 56.62
CA TYR F 519 -24.08 -10.26 56.02
C TYR F 519 -23.28 -11.15 55.08
N GLU F 520 -22.75 -10.55 54.02
CA GLU F 520 -21.93 -11.29 53.07
C GLU F 520 -20.66 -11.79 53.74
N GLU F 521 -20.13 -12.90 53.22
CA GLU F 521 -19.09 -13.65 53.92
C GLU F 521 -17.81 -12.83 54.06
N TYR F 522 -17.44 -12.09 53.01
CA TYR F 522 -16.12 -11.45 52.92
C TYR F 522 -15.04 -12.50 53.17
N PRO F 523 -14.77 -13.36 52.21
CA PRO F 523 -13.77 -14.42 52.43
C PRO F 523 -12.41 -13.84 52.77
N THR F 524 -11.71 -14.52 53.67
CA THR F 524 -10.43 -14.07 54.20
C THR F 524 -9.24 -14.64 53.43
N TYR F 525 -9.44 -14.94 52.14
CA TYR F 525 -8.34 -15.46 51.34
C TYR F 525 -7.27 -14.38 51.18
N VAL F 526 -6.01 -14.79 51.28
CA VAL F 526 -4.88 -13.87 51.18
C VAL F 526 -4.42 -13.81 49.73
N PRO F 527 -4.39 -12.63 49.11
CA PRO F 527 -4.02 -12.54 47.70
C PRO F 527 -2.53 -12.33 47.48
N LEU F 528 -2.13 -12.18 46.22
CA LEU F 528 -0.75 -11.88 45.83
C LEU F 528 -0.69 -10.42 45.42
N PHE F 529 -0.27 -9.56 46.35
CA PHE F 529 -0.17 -8.13 46.10
C PHE F 529 1.29 -7.72 46.27
N LEU F 530 1.88 -7.20 45.20
CA LEU F 530 3.27 -6.75 45.24
C LEU F 530 3.57 -5.93 44.01
N GLY F 531 4.35 -4.87 44.18
CA GLY F 531 4.92 -4.17 43.05
C GLY F 531 4.31 -2.82 42.73
N TYR F 532 4.41 -2.44 41.46
CA TYR F 532 3.99 -1.14 40.97
C TYR F 532 3.72 -1.27 39.48
N GLN F 533 2.74 -0.51 38.99
CA GLN F 533 2.40 -0.59 37.58
C GLN F 533 2.17 0.80 37.00
N ILE F 534 2.64 1.00 35.79
CA ILE F 534 2.42 2.21 35.01
C ILE F 534 1.61 1.82 33.79
N ILE F 535 0.43 2.43 33.65
CA ILE F 535 -0.50 2.10 32.57
C ILE F 535 -0.80 3.37 31.79
N ASN F 536 -0.70 3.29 30.47
CA ASN F 536 -1.03 4.40 29.59
C ASN F 536 -2.28 4.09 28.77
N SER F 537 -3.06 5.13 28.50
CA SER F 537 -4.30 5.01 27.74
C SER F 537 -5.26 4.01 28.37
N ARG G 245 -7.84 -26.65 7.84
CA ARG G 245 -8.88 -25.76 8.35
C ARG G 245 -8.29 -24.43 8.78
N VAL G 246 -7.02 -24.45 9.15
CA VAL G 246 -6.30 -23.25 9.59
C VAL G 246 -5.15 -22.99 8.62
N ASN G 247 -5.02 -21.73 8.20
CA ASN G 247 -3.98 -21.37 7.26
C ASN G 247 -2.61 -21.42 7.93
N ARG G 248 -1.63 -21.95 7.21
CA ARG G 248 -0.27 -22.10 7.71
C ARG G 248 0.73 -21.33 6.86
N CYS G 249 0.25 -20.35 6.10
CA CYS G 249 1.11 -19.53 5.25
C CYS G 249 1.48 -18.25 5.99
N ILE G 250 2.77 -17.91 5.97
CA ILE G 250 3.20 -16.69 6.65
C ILE G 250 2.68 -15.46 5.92
N PHE G 251 2.46 -15.55 4.61
CA PHE G 251 1.92 -14.45 3.84
C PHE G 251 0.40 -14.46 3.79
N ALA G 252 -0.25 -15.42 4.45
CA ALA G 252 -1.70 -15.42 4.51
C ALA G 252 -2.24 -14.35 5.46
N SER G 253 -1.45 -13.95 6.44
CA SER G 253 -1.85 -12.91 7.38
C SER G 253 -1.47 -11.52 6.86
N ILE G 254 -1.92 -11.21 5.66
CA ILE G 254 -1.66 -9.92 5.03
C ILE G 254 -2.96 -9.12 5.06
N VAL G 255 -2.95 -8.01 5.79
CA VAL G 255 -4.09 -7.12 5.90
C VAL G 255 -3.60 -5.68 5.74
N SER G 256 -4.35 -4.89 4.97
CA SER G 256 -4.03 -3.48 4.78
C SER G 256 -4.71 -2.71 5.91
N PHE G 257 -3.97 -2.50 7.00
CA PHE G 257 -4.53 -1.82 8.16
C PHE G 257 -4.50 -0.30 7.99
N ASP G 258 -4.98 0.18 6.85
CA ASP G 258 -5.17 1.60 6.60
C ASP G 258 -6.61 2.02 6.90
N ALA G 259 -7.46 1.07 7.29
CA ALA G 259 -8.83 1.23 7.76
C ALA G 259 -9.82 1.57 6.67
N CYS G 260 -9.38 1.86 5.45
CA CYS G 260 -10.32 2.13 4.37
C CYS G 260 -9.98 1.35 3.10
N ILE G 261 -8.71 0.98 2.93
CA ILE G 261 -8.29 0.19 1.78
C ILE G 261 -8.34 -1.28 2.15
N THR G 262 -8.65 -2.12 1.15
CA THR G 262 -8.86 -3.54 1.37
C THR G 262 -7.56 -4.31 1.15
N TYR G 263 -7.66 -5.63 1.30
CA TYR G 263 -6.53 -6.53 1.11
C TYR G 263 -7.03 -7.76 0.38
N LYS G 264 -6.18 -8.79 0.28
CA LYS G 264 -6.54 -10.02 -0.40
C LYS G 264 -5.95 -11.22 0.35
N SER G 265 -6.55 -12.37 0.12
CA SER G 265 -6.06 -13.66 0.63
C SER G 265 -5.99 -14.64 -0.53
N PRO G 266 -5.01 -14.47 -1.42
CA PRO G 266 -4.98 -15.28 -2.64
C PRO G 266 -4.28 -16.62 -2.47
N CYS G 267 -4.08 -17.05 -1.23
CA CYS G 267 -3.42 -18.33 -0.99
C CYS G 267 -4.22 -19.48 -1.59
N SER G 268 -3.51 -20.42 -2.20
CA SER G 268 -4.12 -21.62 -2.73
C SER G 268 -4.54 -22.52 -1.58
N PRO G 269 -5.47 -23.46 -1.82
CA PRO G 269 -5.94 -24.34 -0.74
C PRO G 269 -4.84 -25.18 -0.11
N ASP G 270 -3.70 -25.32 -0.75
CA ASP G 270 -2.60 -26.09 -0.18
C ASP G 270 -2.02 -25.44 1.08
N ALA G 271 -2.34 -24.17 1.34
CA ALA G 271 -1.85 -23.50 2.53
C ALA G 271 -2.35 -24.19 3.80
N TYR G 272 -3.60 -24.63 3.79
CA TYR G 272 -4.16 -25.30 4.96
C TYR G 272 -3.46 -26.63 5.24
N HIS G 273 -2.97 -27.30 4.21
CA HIS G 273 -2.29 -28.57 4.41
C HIS G 273 -0.98 -28.37 5.16
N ASP G 274 -0.68 -29.30 6.07
CA ASP G 274 0.57 -29.26 6.82
C ASP G 274 1.67 -29.99 6.05
N ASP G 275 1.96 -29.46 4.87
CA ASP G 275 2.96 -30.05 3.99
C ASP G 275 4.39 -29.77 4.42
N GLY G 276 4.59 -28.84 5.35
CA GLY G 276 5.92 -28.46 5.76
C GLY G 276 6.27 -27.06 5.30
N TRP G 277 5.81 -26.68 4.12
CA TRP G 277 5.98 -25.32 3.64
C TRP G 277 5.08 -24.39 4.43
N PHE G 278 5.67 -23.39 5.08
CA PHE G 278 4.87 -22.39 5.77
C PHE G 278 4.59 -21.19 4.87
N ILE G 279 4.10 -21.49 3.66
CA ILE G 279 3.77 -20.47 2.68
C ILE G 279 2.89 -21.13 1.61
N CYS G 280 1.86 -20.40 1.18
CA CYS G 280 1.00 -20.94 0.14
C CYS G 280 1.68 -20.84 -1.22
N ASN G 281 1.23 -21.68 -2.14
CA ASN G 281 1.85 -21.75 -3.46
C ASN G 281 1.72 -20.42 -4.21
N ASN G 282 0.59 -19.73 -4.05
CA ASN G 282 0.41 -18.47 -4.77
C ASN G 282 1.43 -17.43 -4.35
N HIS G 283 1.63 -17.26 -3.03
CA HIS G 283 2.65 -16.34 -2.57
C HIS G 283 4.06 -16.87 -2.86
N LEU G 284 4.25 -18.19 -2.80
CA LEU G 284 5.55 -18.75 -3.14
C LEU G 284 5.91 -18.46 -4.58
N ILE G 285 4.91 -18.31 -5.45
CA ILE G 285 5.18 -18.02 -6.85
C ILE G 285 5.31 -16.52 -7.07
N LYS G 286 4.43 -15.73 -6.46
CA LYS G 286 4.43 -14.29 -6.74
C LYS G 286 5.59 -13.58 -6.07
N ARG G 287 6.13 -14.12 -4.97
CA ARG G 287 7.24 -13.43 -4.31
C ARG G 287 8.58 -14.02 -4.71
N PHE G 288 8.77 -15.32 -4.50
CA PHE G 288 9.97 -16.02 -4.97
C PHE G 288 9.68 -16.65 -6.33
N LYS G 289 10.74 -16.84 -7.12
CA LYS G 289 10.61 -17.52 -8.40
C LYS G 289 10.58 -19.03 -8.16
N MET G 290 9.59 -19.45 -7.37
CA MET G 290 9.57 -20.80 -6.82
C MET G 290 8.16 -21.36 -6.91
N SER G 291 8.08 -22.65 -7.25
CA SER G 291 6.82 -23.38 -7.26
C SER G 291 7.04 -24.71 -6.56
N LYS G 292 5.94 -25.32 -6.12
CA LYS G 292 5.99 -26.55 -5.33
C LYS G 292 5.86 -27.78 -6.21
N MET G 293 6.57 -28.84 -5.82
CA MET G 293 6.39 -30.17 -6.39
C MET G 293 6.63 -31.21 -5.31
N VAL G 294 6.04 -32.36 -5.51
CA VAL G 294 6.30 -33.52 -4.66
C VAL G 294 7.25 -34.44 -5.42
N LEU G 295 8.01 -35.25 -4.68
CA LEU G 295 8.98 -36.15 -5.28
C LEU G 295 8.87 -37.53 -4.65
N PRO G 296 8.65 -38.57 -5.43
CA PRO G 296 8.51 -39.91 -4.86
C PRO G 296 9.83 -40.66 -4.77
N ILE G 297 9.92 -41.52 -3.76
CA ILE G 297 11.09 -42.36 -3.54
C ILE G 297 10.59 -43.79 -3.38
N PHE G 298 10.78 -44.60 -4.41
CA PHE G 298 10.41 -46.02 -4.36
C PHE G 298 11.62 -46.85 -3.90
N ASP G 299 11.94 -46.68 -2.62
CA ASP G 299 13.11 -47.33 -2.03
C ASP G 299 12.77 -48.78 -1.69
N GLU G 300 13.68 -49.43 -0.95
CA GLU G 300 13.48 -50.83 -0.59
C GLU G 300 12.29 -51.03 0.34
N ASP G 301 11.87 -49.99 1.06
CA ASP G 301 10.72 -50.10 1.94
C ASP G 301 9.41 -50.26 1.16
N ASP G 302 9.42 -49.96 -0.14
CA ASP G 302 8.24 -50.04 -1.00
C ASP G 302 7.11 -49.15 -0.50
N ASN G 303 7.43 -48.17 0.33
CA ASN G 303 6.43 -47.24 0.85
C ASN G 303 6.32 -46.01 -0.05
N GLN G 304 5.22 -45.30 0.10
CA GLN G 304 4.93 -44.13 -0.73
C GLN G 304 5.61 -42.90 -0.11
N PHE G 305 6.94 -42.96 -0.06
CA PHE G 305 7.73 -41.92 0.58
C PHE G 305 7.81 -40.70 -0.33
N LYS G 306 7.25 -39.59 0.11
CA LYS G 306 7.20 -38.36 -0.67
C LYS G 306 7.97 -37.26 0.03
N MET G 307 8.87 -36.61 -0.70
CA MET G 307 9.56 -35.43 -0.23
C MET G 307 9.11 -34.22 -1.03
N THR G 308 9.61 -33.05 -0.67
CA THR G 308 9.22 -31.80 -1.30
C THR G 308 10.38 -31.21 -2.09
N ILE G 309 10.08 -30.78 -3.32
CA ILE G 309 11.07 -30.14 -4.19
C ILE G 309 10.44 -28.89 -4.77
N ALA G 310 11.28 -28.03 -5.34
CA ALA G 310 10.85 -26.74 -5.84
C ALA G 310 11.09 -26.62 -7.34
N ARG G 311 10.58 -25.53 -7.90
CA ARG G 311 10.57 -25.26 -9.33
C ARG G 311 10.97 -23.81 -9.60
N HIS G 312 11.87 -23.61 -10.55
CA HIS G 312 12.20 -22.27 -11.02
C HIS G 312 11.01 -21.62 -11.71
N LEU G 313 10.95 -20.30 -11.63
CA LEU G 313 10.04 -19.51 -12.46
C LEU G 313 10.81 -18.51 -13.32
N VAL G 314 12.10 -18.75 -13.53
CA VAL G 314 12.96 -17.85 -14.30
C VAL G 314 13.46 -18.59 -15.53
N GLY G 315 13.48 -17.89 -16.66
CA GLY G 315 13.91 -18.47 -17.92
C GLY G 315 15.38 -18.30 -18.19
N ASN G 316 15.73 -17.67 -19.30
CA ASN G 316 17.13 -17.49 -19.68
C ASN G 316 17.45 -16.02 -19.93
N LYS G 317 16.46 -15.26 -20.37
CA LYS G 317 16.69 -13.87 -20.75
C LYS G 317 17.11 -13.03 -19.54
N GLU G 318 16.45 -13.22 -18.40
CA GLU G 318 16.76 -12.44 -17.22
C GLU G 318 18.06 -12.93 -16.60
N ARG G 319 18.95 -11.99 -16.30
CA ARG G 319 20.27 -12.28 -15.75
C ARG G 319 20.45 -11.54 -14.43
N GLY G 320 21.52 -11.90 -13.72
CA GLY G 320 21.89 -11.15 -12.53
C GLY G 320 20.89 -11.34 -11.41
N ILE G 321 20.53 -10.22 -10.77
CA ILE G 321 19.67 -10.25 -9.58
C ILE G 321 18.30 -10.79 -9.92
N LYS G 322 17.87 -10.68 -11.18
CA LYS G 322 16.60 -11.24 -11.60
C LYS G 322 16.56 -12.75 -11.46
N ARG G 323 17.72 -13.41 -11.46
CA ARG G 323 17.76 -14.86 -11.37
C ARG G 323 17.71 -15.36 -9.93
N ILE G 324 17.73 -14.47 -8.94
CA ILE G 324 17.73 -14.90 -7.55
C ILE G 324 16.38 -15.52 -7.21
N LEU G 325 16.40 -16.46 -6.27
CA LEU G 325 15.19 -17.10 -5.77
C LEU G 325 14.92 -16.73 -4.31
N ILE G 326 15.91 -16.89 -3.45
CA ILE G 326 15.79 -16.46 -2.05
C ILE G 326 17.00 -15.61 -1.70
N PRO G 327 16.87 -14.29 -1.63
CA PRO G 327 18.02 -13.45 -1.29
C PRO G 327 18.38 -13.57 0.18
N SER G 328 19.63 -13.28 0.48
CA SER G 328 20.10 -13.25 1.86
C SER G 328 19.66 -11.95 2.53
N ALA G 329 19.99 -11.82 3.81
CA ALA G 329 19.62 -10.63 4.56
C ALA G 329 20.39 -9.40 4.08
N THR G 330 21.50 -9.59 3.37
CA THR G 330 22.31 -8.45 2.97
C THR G 330 21.67 -7.67 1.82
N ASN G 331 21.09 -8.37 0.85
CA ASN G 331 20.69 -7.77 -0.41
C ASN G 331 19.28 -8.15 -0.81
N TYR G 332 18.33 -8.04 0.13
CA TYR G 332 16.94 -8.26 -0.23
C TYR G 332 16.12 -6.99 -0.35
N GLN G 333 16.62 -5.86 0.17
CA GLN G 333 15.93 -4.58 -0.01
C GLN G 333 15.69 -4.28 -1.49
N ASP G 334 16.74 -4.41 -2.30
CA ASP G 334 16.64 -4.03 -3.70
C ASP G 334 15.79 -5.02 -4.49
N VAL G 335 16.00 -6.31 -4.26
CA VAL G 335 15.30 -7.31 -5.07
C VAL G 335 13.82 -7.35 -4.72
N PHE G 336 13.47 -7.25 -3.43
CA PHE G 336 12.06 -7.36 -3.07
C PHE G 336 11.28 -6.08 -3.30
N ASN G 337 11.96 -4.94 -3.42
CA ASN G 337 11.31 -3.64 -3.58
C ASN G 337 10.25 -3.42 -2.49
N LEU G 338 10.77 -3.36 -1.26
CA LEU G 338 9.91 -3.39 -0.08
C LEU G 338 8.87 -2.28 -0.11
N ASN G 339 9.24 -1.10 -0.62
CA ASN G 339 8.32 0.03 -0.61
C ASN G 339 7.04 -0.22 -1.39
N SER G 340 7.07 -1.12 -2.38
CA SER G 340 5.87 -1.44 -3.15
C SER G 340 4.83 -2.16 -2.29
N MET G 341 5.28 -2.84 -1.24
CA MET G 341 4.44 -3.72 -0.45
C MET G 341 3.64 -2.92 0.57
N MET G 342 2.69 -3.59 1.21
CA MET G 342 1.99 -3.01 2.34
C MET G 342 2.77 -3.27 3.63
N GLN G 343 2.50 -2.45 4.65
CA GLN G 343 3.29 -2.51 5.87
C GLN G 343 3.20 -3.86 6.57
N ALA G 344 2.04 -4.51 6.48
CA ALA G 344 1.96 -5.88 6.98
C ALA G 344 3.01 -6.76 6.32
N GLU G 345 3.19 -6.62 5.01
CA GLU G 345 4.12 -7.47 4.30
C GLU G 345 5.57 -7.04 4.52
N GLN G 346 5.85 -5.74 4.65
CA GLN G 346 7.21 -5.35 5.04
C GLN G 346 7.56 -5.89 6.42
N LEU G 347 6.61 -5.81 7.37
CA LEU G 347 6.87 -6.35 8.70
C LEU G 347 7.11 -7.85 8.65
N ILE G 348 6.31 -8.57 7.86
CA ILE G 348 6.50 -10.01 7.73
C ILE G 348 7.88 -10.31 7.16
N PHE G 349 8.27 -9.57 6.11
CA PHE G 349 9.58 -9.83 5.49
C PHE G 349 10.72 -9.52 6.44
N HIS G 350 10.63 -8.42 7.19
CA HIS G 350 11.70 -8.10 8.14
C HIS G 350 11.77 -9.13 9.26
N LEU G 351 10.61 -9.63 9.72
CA LEU G 351 10.62 -10.68 10.72
C LEU G 351 11.24 -11.96 10.17
N ILE G 352 10.97 -12.27 8.90
CA ILE G 352 11.60 -13.42 8.26
C ILE G 352 13.10 -13.23 8.19
N TYR G 353 13.54 -12.00 7.93
CA TYR G 353 14.95 -11.71 7.72
C TYR G 353 15.63 -11.16 8.96
N ASN G 354 14.93 -11.09 10.10
CA ASN G 354 15.48 -10.65 11.37
C ASN G 354 16.11 -9.26 11.27
N ASN G 355 15.31 -8.31 10.80
CA ASN G 355 15.72 -6.90 10.74
C ASN G 355 15.04 -6.19 11.91
N GLU G 356 15.66 -6.27 13.08
CA GLU G 356 15.11 -5.66 14.27
C GLU G 356 15.02 -4.14 14.12
N ASN G 357 16.02 -3.53 13.47
CA ASN G 357 15.99 -2.09 13.25
C ASN G 357 14.80 -1.69 12.39
N ALA G 358 14.54 -2.44 11.31
CA ALA G 358 13.41 -2.11 10.44
C ALA G 358 12.09 -2.25 11.18
N VAL G 359 11.95 -3.30 12.00
CA VAL G 359 10.75 -3.47 12.80
C VAL G 359 10.58 -2.31 13.78
N ASN G 360 11.68 -1.90 14.42
CA ASN G 360 11.60 -0.78 15.35
C ASN G 360 11.16 0.49 14.62
N THR G 361 11.72 0.74 13.44
CA THR G 361 11.33 1.92 12.68
C THR G 361 9.86 1.89 12.28
N ILE G 362 9.39 0.74 11.79
CA ILE G 362 7.99 0.67 11.35
C ILE G 362 7.06 0.81 12.56
N CYS G 363 7.46 0.27 13.72
CA CYS G 363 6.62 0.39 14.90
C CYS G 363 6.58 1.82 15.44
N ASP G 364 7.72 2.51 15.50
CA ASP G 364 7.70 3.83 16.11
C ASP G 364 7.35 4.95 15.14
N ASN G 365 7.24 4.64 13.84
CA ASN G 365 6.65 5.61 12.92
C ASN G 365 5.21 5.29 12.54
N LEU G 366 4.77 4.05 12.78
CA LEU G 366 3.37 3.71 12.55
C LEU G 366 2.44 4.30 13.60
N LYS G 367 2.95 4.52 14.82
CA LYS G 367 2.13 5.11 15.87
C LYS G 367 1.71 6.54 15.56
N TYR G 368 2.39 7.19 14.61
CA TYR G 368 2.06 8.57 14.26
C TYR G 368 0.71 8.68 13.56
N THR G 369 0.21 7.60 12.98
CA THR G 369 -1.04 7.66 12.24
C THR G 369 -2.23 7.83 13.19
N GLU G 370 -3.33 8.33 12.63
CA GLU G 370 -4.55 8.54 13.40
C GLU G 370 -5.37 7.25 13.46
N GLY G 371 -6.16 7.13 14.52
CA GLY G 371 -6.94 5.92 14.72
C GLY G 371 -6.10 4.71 15.06
N PHE G 372 -4.87 4.93 15.52
CA PHE G 372 -3.96 3.81 15.77
C PHE G 372 -4.48 2.92 16.90
N THR G 373 -4.80 3.52 18.05
CA THR G 373 -5.18 2.74 19.22
C THR G 373 -6.52 2.05 19.03
N SER G 374 -7.37 2.58 18.15
CA SER G 374 -8.70 2.02 17.95
C SER G 374 -8.62 0.56 17.50
N ASN G 375 -8.04 0.32 16.32
CA ASN G 375 -7.89 -1.03 15.81
C ASN G 375 -6.53 -1.33 15.20
N THR G 376 -5.70 -0.32 14.92
CA THR G 376 -4.41 -0.59 14.31
C THR G 376 -3.51 -1.37 15.24
N GLN G 377 -3.51 -1.02 16.53
CA GLN G 377 -2.72 -1.78 17.51
C GLN G 377 -3.18 -3.23 17.58
N ARG G 378 -4.50 -3.45 17.62
CA ARG G 378 -5.00 -4.82 17.72
C ARG G 378 -4.66 -5.63 16.47
N VAL G 379 -4.79 -5.03 15.29
CA VAL G 379 -4.54 -5.78 14.07
C VAL G 379 -3.05 -6.05 13.90
N ILE G 380 -2.19 -5.08 14.25
CA ILE G 380 -0.75 -5.34 14.17
C ILE G 380 -0.34 -6.37 15.22
N HIS G 381 -1.02 -6.36 16.37
CA HIS G 381 -0.79 -7.40 17.36
C HIS G 381 -1.13 -8.77 16.80
N SER G 382 -2.29 -8.89 16.14
CA SER G 382 -2.68 -10.17 15.58
C SER G 382 -1.69 -10.64 14.52
N VAL G 383 -1.32 -9.75 13.60
CA VAL G 383 -0.42 -10.16 12.50
C VAL G 383 0.96 -10.52 13.04
N TYR G 384 1.49 -9.72 13.98
CA TYR G 384 2.80 -10.03 14.53
C TYR G 384 2.78 -11.33 15.31
N ALA G 385 1.70 -11.57 16.06
CA ALA G 385 1.59 -12.81 16.83
C ALA G 385 1.55 -14.03 15.92
N THR G 386 0.73 -13.97 14.86
CA THR G 386 0.65 -15.14 13.98
C THR G 386 1.95 -15.32 13.19
N THR G 387 2.60 -14.22 12.81
CA THR G 387 3.88 -14.34 12.13
C THR G 387 4.94 -14.97 13.02
N LYS G 388 4.99 -14.57 14.30
CA LYS G 388 5.95 -15.19 15.21
C LYS G 388 5.59 -16.64 15.49
N SER G 389 4.29 -16.96 15.52
CA SER G 389 3.88 -18.35 15.68
C SER G 389 4.37 -19.19 14.51
N ILE G 390 4.27 -18.67 13.29
CA ILE G 390 4.78 -19.38 12.12
C ILE G 390 6.29 -19.47 12.16
N LEU G 391 6.96 -18.41 12.62
CA LEU G 391 8.42 -18.36 12.56
C LEU G 391 9.06 -19.26 13.61
N ASP G 392 8.53 -19.27 14.83
CA ASP G 392 9.20 -19.98 15.92
C ASP G 392 9.12 -21.49 15.77
N THR G 393 8.04 -22.00 15.18
CA THR G 393 7.94 -23.44 14.97
C THR G 393 8.95 -23.94 13.94
N THR G 394 9.58 -23.05 13.19
CA THR G 394 10.62 -23.40 12.23
C THR G 394 12.01 -23.00 12.71
N ASN G 395 12.16 -22.59 13.96
CA ASN G 395 13.41 -22.06 14.48
C ASN G 395 14.51 -23.11 14.37
N PRO G 396 15.71 -22.76 13.90
CA PRO G 396 16.73 -23.80 13.65
C PRO G 396 17.35 -24.38 14.90
N ASN G 397 16.89 -23.99 16.09
CA ASN G 397 17.34 -24.63 17.33
C ASN G 397 16.93 -26.08 17.38
N THR G 398 17.91 -27.00 17.34
CA THR G 398 17.65 -28.41 17.10
C THR G 398 16.53 -28.93 18.01
N PHE G 399 15.70 -29.79 17.44
CA PHE G 399 14.50 -30.24 18.13
C PHE G 399 14.87 -31.06 19.36
N CYS G 400 14.21 -30.76 20.48
CA CYS G 400 14.42 -31.42 21.77
C CYS G 400 15.89 -31.72 22.06
N GLU G 407 18.30 -37.00 10.16
CA GLU G 407 18.31 -35.97 9.12
C GLU G 407 19.54 -35.09 9.24
N LEU G 408 20.35 -35.05 8.19
CA LEU G 408 21.55 -34.21 8.14
C LEU G 408 21.67 -33.66 6.73
N ARG G 409 21.58 -32.34 6.58
CA ARG G 409 21.52 -31.70 5.28
C ARG G 409 22.79 -30.91 5.01
N PHE G 410 23.33 -31.06 3.81
CA PHE G 410 24.49 -30.31 3.36
C PHE G 410 24.17 -29.70 2.00
N PHE G 411 24.86 -28.61 1.68
CA PHE G 411 24.64 -27.91 0.42
C PHE G 411 25.90 -27.85 -0.44
N ASP G 412 26.94 -28.62 -0.08
CA ASP G 412 28.16 -28.67 -0.86
C ASP G 412 28.72 -30.09 -0.78
N VAL G 413 29.48 -30.47 -1.79
CA VAL G 413 30.08 -31.79 -1.86
C VAL G 413 31.52 -31.66 -1.40
N THR G 414 31.71 -31.78 -0.08
CA THR G 414 33.04 -31.75 0.55
C THR G 414 33.04 -32.79 1.65
N ASN G 415 33.77 -33.89 1.44
CA ASN G 415 33.81 -35.00 2.39
C ASN G 415 32.40 -35.51 2.68
N ALA G 416 31.78 -36.07 1.64
CA ALA G 416 30.38 -36.49 1.72
C ALA G 416 30.15 -37.45 2.88
N ARG G 417 31.07 -38.39 3.09
CA ARG G 417 30.96 -39.33 4.21
C ARG G 417 31.54 -38.73 5.48
N ALA G 418 31.08 -37.53 5.82
CA ALA G 418 31.55 -36.81 7.01
C ALA G 418 30.61 -35.63 7.23
N LEU G 419 30.90 -34.85 8.26
CA LEU G 419 30.12 -33.66 8.58
C LEU G 419 30.68 -32.41 7.91
N ARG G 420 31.73 -32.53 7.10
CA ARG G 420 32.32 -31.38 6.46
C ARG G 420 31.37 -30.76 5.45
N GLY G 421 31.34 -29.43 5.41
CA GLY G 421 30.50 -28.73 4.46
C GLY G 421 31.21 -27.48 3.95
N GLY G 422 30.76 -27.03 2.78
CA GLY G 422 31.34 -25.87 2.15
C GLY G 422 30.86 -24.57 2.77
N ALA G 423 31.31 -23.47 2.17
CA ALA G 423 30.88 -22.15 2.63
C ALA G 423 29.39 -21.96 2.46
N GLY G 424 28.79 -22.65 1.50
CA GLY G 424 27.35 -22.55 1.31
C GLY G 424 26.57 -23.01 2.53
N ASP G 425 26.99 -24.11 3.15
CA ASP G 425 26.31 -24.60 4.34
C ASP G 425 26.44 -23.60 5.49
N GLN G 426 27.63 -23.06 5.71
CA GLN G 426 27.82 -22.17 6.85
C GLN G 426 27.12 -20.84 6.65
N LEU G 427 26.98 -20.38 5.40
CA LEU G 427 26.18 -19.17 5.18
C LEU G 427 24.69 -19.47 5.24
N PHE G 428 24.29 -20.69 4.84
CA PHE G 428 22.89 -21.07 4.93
C PHE G 428 22.43 -21.20 6.38
N ASN G 429 23.35 -21.60 7.28
CA ASN G 429 23.00 -21.60 8.70
C ASN G 429 22.66 -20.21 9.21
N ASN G 430 23.08 -19.15 8.50
CA ASN G 430 22.83 -17.79 8.96
C ASN G 430 21.40 -17.31 8.69
N TYR G 431 20.65 -17.96 7.82
CA TYR G 431 19.27 -17.55 7.61
C TYR G 431 18.39 -17.93 8.81
N SER G 432 17.27 -17.25 8.92
CA SER G 432 16.34 -17.46 10.02
C SER G 432 15.66 -18.82 9.89
N GLY G 433 14.80 -19.12 10.86
CA GLY G 433 14.15 -20.42 10.88
C GLY G 433 13.24 -20.63 9.67
N PHE G 434 12.41 -19.64 9.36
CA PHE G 434 11.51 -19.80 8.22
C PHE G 434 12.28 -19.89 6.91
N LEU G 435 13.33 -19.08 6.76
CA LEU G 435 14.12 -19.14 5.53
C LEU G 435 14.81 -20.49 5.40
N GLN G 436 15.37 -20.99 6.49
CA GLN G 436 16.04 -22.29 6.44
C GLN G 436 15.04 -23.40 6.13
N ASN G 437 13.86 -23.36 6.73
CA ASN G 437 12.84 -24.38 6.45
C ASN G 437 12.39 -24.31 4.99
N LEU G 438 12.17 -23.10 4.48
CA LEU G 438 11.76 -22.97 3.09
C LEU G 438 12.83 -23.48 2.14
N ILE G 439 14.09 -23.16 2.42
CA ILE G 439 15.17 -23.64 1.57
C ILE G 439 15.26 -25.16 1.62
N ARG G 440 15.17 -25.73 2.84
CA ARG G 440 15.30 -27.17 2.98
C ARG G 440 14.16 -27.89 2.27
N ARG G 441 12.93 -27.38 2.39
CA ARG G 441 11.81 -27.99 1.67
C ARG G 441 11.87 -27.72 0.17
N ALA G 442 12.59 -26.68 -0.25
CA ALA G 442 12.59 -26.30 -1.66
C ALA G 442 13.59 -27.12 -2.46
N VAL G 443 14.87 -27.04 -2.13
CA VAL G 443 15.90 -27.73 -2.90
C VAL G 443 16.00 -29.17 -2.42
N ALA G 444 15.88 -30.11 -3.36
CA ALA G 444 16.09 -31.49 -2.95
C ALA G 444 17.54 -31.89 -3.18
N PRO G 445 18.10 -32.73 -2.31
CA PRO G 445 19.51 -33.10 -2.45
C PRO G 445 19.70 -34.03 -3.64
N GLU G 446 20.67 -33.68 -4.51
CA GLU G 446 20.97 -34.54 -5.65
C GLU G 446 21.58 -35.86 -5.21
N TYR G 447 22.08 -35.96 -3.98
CA TYR G 447 22.54 -37.21 -3.41
C TYR G 447 21.81 -37.46 -2.11
N LEU G 448 21.17 -38.61 -1.98
CA LEU G 448 20.44 -38.99 -0.79
C LEU G 448 21.03 -40.28 -0.23
N GLN G 449 21.16 -40.33 1.09
CA GLN G 449 21.67 -41.51 1.79
C GLN G 449 20.55 -42.06 2.67
N ILE G 450 20.00 -43.19 2.28
CA ILE G 450 18.96 -43.87 3.05
C ILE G 450 19.59 -45.10 3.69
N ASP G 451 19.52 -45.18 5.02
CA ASP G 451 20.16 -46.25 5.77
C ASP G 451 21.65 -46.28 5.48
N THR G 452 22.06 -47.14 4.53
CA THR G 452 23.46 -47.23 4.15
C THR G 452 23.65 -47.26 2.64
N GLU G 453 22.63 -46.87 1.87
CA GLU G 453 22.69 -46.89 0.42
C GLU G 453 22.42 -45.48 -0.11
N GLU G 454 22.79 -45.27 -1.37
CA GLU G 454 22.83 -43.94 -1.98
C GLU G 454 21.96 -43.89 -3.23
N LEU G 455 21.21 -42.80 -3.36
CA LEU G 455 20.39 -42.54 -4.53
C LEU G 455 20.74 -41.18 -5.11
N ARG G 456 20.98 -41.13 -6.42
CA ARG G 456 21.32 -39.89 -7.11
C ARG G 456 20.15 -39.52 -8.02
N PHE G 457 19.41 -38.48 -7.64
CA PHE G 457 18.24 -38.08 -8.43
C PHE G 457 18.64 -37.21 -9.61
N ARG G 458 19.61 -36.32 -9.43
CA ARG G 458 20.04 -35.41 -10.48
C ARG G 458 21.52 -35.61 -10.76
N ASN G 459 21.87 -35.57 -12.05
CA ASN G 459 23.26 -35.77 -12.44
C ASN G 459 24.17 -34.71 -11.82
N CYS G 460 23.74 -33.45 -11.86
CA CYS G 460 24.56 -32.35 -11.38
C CYS G 460 23.67 -31.18 -11.01
N ALA G 461 24.14 -30.38 -10.06
CA ALA G 461 23.29 -29.42 -9.36
C ALA G 461 22.73 -28.37 -10.31
N THR G 462 21.49 -27.93 -10.04
CA THR G 462 20.82 -26.96 -10.87
C THR G 462 21.01 -25.53 -10.36
N CYS G 463 20.56 -25.27 -9.13
CA CYS G 463 20.70 -23.95 -8.52
C CYS G 463 22.07 -23.82 -7.85
N ILE G 464 22.34 -22.66 -7.27
CA ILE G 464 23.54 -22.47 -6.48
C ILE G 464 23.22 -21.63 -5.24
N ILE G 465 24.07 -21.79 -4.22
CA ILE G 465 24.01 -21.04 -2.99
C ILE G 465 25.23 -20.13 -2.94
N ASP G 466 25.00 -18.83 -2.82
CA ASP G 466 26.08 -17.87 -2.68
C ASP G 466 25.76 -16.95 -1.50
N GLU G 467 26.65 -15.99 -1.25
CA GLU G 467 26.37 -14.98 -0.24
C GLU G 467 25.14 -14.16 -0.61
N THR G 468 24.83 -14.08 -1.90
CA THR G 468 23.61 -13.40 -2.33
C THR G 468 22.37 -14.21 -1.98
N GLY G 469 22.50 -15.53 -1.85
CA GLY G 469 21.41 -16.37 -1.41
C GLY G 469 21.26 -17.58 -2.31
N LEU G 470 20.05 -18.13 -2.31
CA LEU G 470 19.66 -19.15 -3.27
C LEU G 470 19.38 -18.48 -4.60
N VAL G 471 20.25 -18.70 -5.58
CA VAL G 471 20.10 -18.10 -6.91
C VAL G 471 20.13 -19.21 -7.94
N ALA G 472 19.21 -19.11 -8.92
CA ALA G 472 19.07 -20.12 -9.96
C ALA G 472 20.07 -19.89 -11.08
N SER G 473 21.35 -19.75 -10.72
CA SER G 473 22.42 -19.62 -11.70
C SER G 473 23.07 -20.99 -11.85
N VAL G 474 22.84 -21.63 -12.99
CA VAL G 474 23.36 -22.98 -13.20
C VAL G 474 24.89 -22.94 -13.16
N PRO G 475 25.56 -23.88 -12.49
CA PRO G 475 27.02 -23.89 -12.51
C PRO G 475 27.57 -24.17 -13.90
N ASP G 476 28.76 -23.60 -14.15
CA ASP G 476 29.62 -23.82 -15.31
C ASP G 476 28.86 -24.13 -16.60
N GLY G 477 27.99 -23.22 -17.02
CA GLY G 477 27.29 -23.37 -18.27
C GLY G 477 26.22 -22.33 -18.50
N PRO G 478 25.69 -22.27 -19.72
CA PRO G 478 24.59 -21.35 -20.00
C PRO G 478 23.35 -21.74 -19.22
N GLU G 479 22.49 -20.74 -19.00
CA GLU G 479 21.33 -20.93 -18.15
C GLU G 479 20.37 -21.96 -18.75
N LEU G 480 19.80 -22.80 -17.87
CA LEU G 480 18.91 -23.86 -18.30
C LEU G 480 17.63 -23.29 -18.90
N TYR G 481 17.14 -23.93 -19.96
CA TYR G 481 15.92 -23.49 -20.61
C TYR G 481 14.73 -23.72 -19.69
N ASN G 482 13.84 -22.74 -19.65
CA ASN G 482 12.64 -22.82 -18.83
C ASN G 482 11.46 -22.19 -19.56
N PRO G 483 10.46 -22.97 -19.95
CA PRO G 483 9.34 -22.42 -20.73
C PRO G 483 8.43 -21.51 -19.92
N ILE G 484 8.57 -21.48 -18.59
CA ILE G 484 7.75 -20.64 -17.72
C ILE G 484 6.27 -21.02 -17.85
N ARG G 485 5.69 -20.78 -19.02
CA ARG G 485 4.30 -21.14 -19.34
C ARG G 485 3.41 -20.36 -18.37
N SER G 486 2.43 -21.00 -17.73
CA SER G 486 1.53 -20.31 -16.82
C SER G 486 2.21 -20.06 -15.47
N LEU G 516 2.01 -38.03 -31.88
CA LEU G 516 2.97 -37.88 -30.79
C LEU G 516 2.26 -37.61 -29.47
N SER G 517 0.96 -37.32 -29.56
CA SER G 517 0.19 -37.04 -28.36
C SER G 517 -0.04 -38.28 -27.50
N GLY G 518 0.17 -39.47 -28.06
CA GLY G 518 -0.02 -40.69 -27.28
C GLY G 518 0.96 -40.80 -26.12
N TYR G 519 2.22 -40.46 -26.36
CA TYR G 519 3.23 -40.52 -25.30
C TYR G 519 2.96 -39.46 -24.25
N GLU G 520 3.30 -39.78 -23.00
CA GLU G 520 3.14 -38.83 -21.92
C GLU G 520 4.05 -37.62 -22.12
N GLU G 521 3.60 -36.48 -21.60
CA GLU G 521 4.21 -35.20 -21.94
C GLU G 521 5.67 -35.13 -21.49
N TYR G 522 5.96 -35.64 -20.29
CA TYR G 522 7.26 -35.43 -19.65
C TYR G 522 7.56 -33.94 -19.61
N PRO G 523 6.92 -33.19 -18.72
CA PRO G 523 7.15 -31.74 -18.69
C PRO G 523 8.61 -31.41 -18.43
N THR G 524 9.07 -30.35 -19.07
CA THR G 524 10.47 -29.93 -19.03
C THR G 524 10.73 -28.90 -17.95
N TYR G 525 9.95 -28.90 -16.87
CA TYR G 525 10.17 -27.96 -15.79
C TYR G 525 11.50 -28.26 -15.11
N VAL G 526 12.23 -27.20 -14.79
CA VAL G 526 13.55 -27.32 -14.17
C VAL G 526 13.37 -27.29 -12.66
N PRO G 527 13.84 -28.31 -11.93
CA PRO G 527 13.63 -28.33 -10.47
C PRO G 527 14.77 -27.70 -9.69
N LEU G 528 14.67 -27.75 -8.36
CA LEU G 528 15.71 -27.26 -7.47
C LEU G 528 16.43 -28.46 -6.89
N PHE G 529 17.56 -28.81 -7.48
CA PHE G 529 18.36 -29.95 -7.03
C PHE G 529 19.73 -29.46 -6.60
N LEU G 530 20.07 -29.67 -5.33
CA LEU G 530 21.35 -29.24 -4.80
C LEU G 530 21.57 -29.89 -3.44
N GLY G 531 22.82 -30.30 -3.18
CA GLY G 531 23.20 -30.69 -1.85
C GLY G 531 23.39 -32.17 -1.61
N TYR G 532 23.20 -32.58 -0.37
CA TYR G 532 23.45 -33.94 0.09
C TYR G 532 22.62 -34.16 1.35
N GLN G 533 22.14 -35.39 1.53
CA GLN G 533 21.31 -35.68 2.69
C GLN G 533 21.72 -37.02 3.30
N ILE G 534 21.73 -37.05 4.63
CA ILE G 534 21.96 -38.26 5.40
C ILE G 534 20.68 -38.55 6.18
N ILE G 535 20.11 -39.72 5.95
CA ILE G 535 18.83 -40.10 6.56
C ILE G 535 19.02 -41.41 7.31
N ASN G 536 18.56 -41.45 8.55
CA ASN G 536 18.62 -42.63 9.38
C ASN G 536 17.22 -43.19 9.63
N SER G 537 17.13 -44.51 9.72
CA SER G 537 15.86 -45.20 9.94
C SER G 537 14.82 -44.86 8.88
N ARG H 245 -2.19 -47.47 -39.86
CA ARG H 245 -2.84 -48.62 -40.44
C ARG H 245 -1.82 -49.70 -40.81
N VAL H 246 -0.58 -49.27 -41.05
CA VAL H 246 0.51 -50.17 -41.41
C VAL H 246 1.59 -50.07 -40.35
N ASN H 247 2.06 -51.22 -39.89
CA ASN H 247 3.09 -51.25 -38.85
C ASN H 247 4.43 -50.76 -39.40
N ARG H 248 5.12 -49.95 -38.60
CA ARG H 248 6.40 -49.36 -38.98
C ARG H 248 7.51 -49.80 -38.03
N CYS H 249 7.30 -50.88 -37.30
CA CYS H 249 8.30 -51.40 -36.37
C CYS H 249 9.12 -52.49 -37.05
N ILE H 250 10.44 -52.40 -36.92
CA ILE H 250 11.30 -53.41 -37.53
C ILE H 250 11.12 -54.75 -36.83
N PHE H 251 10.78 -54.75 -35.55
CA PHE H 251 10.54 -55.98 -34.80
C PHE H 251 9.10 -56.45 -34.90
N ALA H 252 8.25 -55.74 -35.63
CA ALA H 252 6.88 -56.20 -35.81
C ALA H 252 6.80 -57.37 -36.78
N SER H 253 7.76 -57.48 -37.69
CA SER H 253 7.80 -58.59 -38.65
C SER H 253 8.54 -59.80 -38.08
N ILE H 254 8.12 -60.25 -36.91
CA ILE H 254 8.71 -61.40 -36.23
C ILE H 254 7.75 -62.57 -36.37
N VAL H 255 8.17 -63.61 -37.08
CA VAL H 255 7.39 -64.82 -37.28
C VAL H 255 8.28 -66.02 -37.04
N SER H 256 7.76 -67.01 -36.33
CA SER H 256 8.49 -68.26 -36.09
C SER H 256 8.20 -69.19 -37.26
N PHE H 257 9.06 -69.14 -38.28
CA PHE H 257 8.84 -69.95 -39.47
C PHE H 257 9.36 -71.37 -39.28
N ASP H 258 8.95 -72.00 -38.18
CA ASP H 258 9.20 -73.42 -37.93
C ASP H 258 8.00 -74.27 -38.34
N ALA H 259 6.92 -73.62 -38.81
CA ALA H 259 5.73 -74.21 -39.42
C ALA H 259 4.80 -74.86 -38.41
N CYS H 260 5.20 -75.01 -37.14
CA CYS H 260 4.31 -75.57 -36.15
C CYS H 260 4.27 -74.75 -34.87
N ILE H 261 5.33 -73.99 -34.60
CA ILE H 261 5.38 -73.13 -33.42
C ILE H 261 4.89 -71.74 -33.81
N THR H 262 4.24 -71.07 -32.87
CA THR H 262 3.61 -69.78 -33.12
C THR H 262 4.57 -68.63 -32.81
N TYR H 263 4.08 -67.42 -32.98
CA TYR H 263 4.85 -66.21 -32.71
C TYR H 263 3.91 -65.20 -32.04
N LYS H 264 4.38 -63.97 -31.89
CA LYS H 264 3.59 -62.91 -31.27
C LYS H 264 3.83 -61.59 -31.98
N SER H 265 2.87 -60.68 -31.83
CA SER H 265 2.97 -59.31 -32.31
C SER H 265 2.63 -58.37 -31.16
N PRO H 266 3.53 -58.22 -30.18
CA PRO H 266 3.19 -57.47 -28.97
C PRO H 266 3.43 -55.97 -29.11
N CYS H 267 3.60 -55.48 -30.34
CA CYS H 267 3.84 -54.06 -30.54
C CYS H 267 2.67 -53.23 -30.03
N SER H 268 3.00 -52.12 -29.37
CA SER H 268 1.99 -51.18 -28.92
C SER H 268 1.39 -50.44 -30.12
N PRO H 269 0.20 -49.86 -29.98
CA PRO H 269 -0.42 -49.16 -31.11
C PRO H 269 0.40 -47.99 -31.65
N ASP H 270 1.39 -47.50 -30.91
CA ASP H 270 2.24 -46.42 -31.40
C ASP H 270 3.10 -46.84 -32.58
N ALA H 271 3.21 -48.14 -32.85
CA ALA H 271 4.01 -48.60 -33.99
C ALA H 271 3.42 -48.10 -35.31
N TYR H 272 2.10 -48.07 -35.42
CA TYR H 272 1.47 -47.60 -36.64
C TYR H 272 1.73 -46.12 -36.88
N HIS H 273 1.89 -45.34 -35.82
CA HIS H 273 2.15 -43.92 -35.98
C HIS H 273 3.51 -43.68 -36.61
N ASP H 274 3.59 -42.70 -37.51
CA ASP H 274 4.84 -42.33 -38.15
C ASP H 274 5.58 -41.30 -37.30
N ASP H 275 5.92 -41.72 -36.07
CA ASP H 275 6.59 -40.85 -35.12
C ASP H 275 8.06 -40.65 -35.43
N GLY H 276 8.63 -41.47 -36.31
CA GLY H 276 10.06 -41.40 -36.59
C GLY H 276 10.79 -42.62 -36.09
N TRP H 277 10.36 -43.13 -34.94
CA TRP H 277 10.92 -44.38 -34.42
C TRP H 277 10.43 -45.54 -35.28
N PHE H 278 11.36 -46.29 -35.86
CA PHE H 278 10.98 -47.50 -36.60
C PHE H 278 11.02 -48.72 -35.70
N ILE H 279 10.36 -48.61 -34.55
CA ILE H 279 10.28 -49.70 -33.59
C ILE H 279 9.15 -49.37 -32.62
N CYS H 280 8.37 -50.38 -32.27
CA CYS H 280 7.29 -50.17 -31.31
C CYS H 280 7.85 -50.05 -29.91
N ASN H 281 7.06 -49.42 -29.03
CA ASN H 281 7.52 -49.18 -27.67
C ASN H 281 7.75 -50.48 -26.92
N ASN H 282 6.92 -51.49 -27.15
CA ASN H 282 7.07 -52.75 -26.43
C ASN H 282 8.40 -53.42 -26.76
N HIS H 283 8.77 -53.49 -28.04
CA HIS H 283 10.07 -54.03 -28.39
C HIS H 283 11.20 -53.09 -27.99
N LEU H 284 10.96 -51.78 -28.06
CA LEU H 284 11.99 -50.83 -27.61
C LEU H 284 12.30 -51.01 -26.14
N ILE H 285 11.31 -51.48 -25.35
CA ILE H 285 11.53 -51.69 -23.93
C ILE H 285 12.12 -53.07 -23.67
N LYS H 286 11.59 -54.10 -24.35
CA LYS H 286 12.02 -55.45 -24.05
C LYS H 286 13.41 -55.77 -24.61
N ARG H 287 13.84 -55.08 -25.66
CA ARG H 287 15.16 -55.36 -26.20
C ARG H 287 16.21 -54.36 -25.70
N PHE H 288 15.99 -53.08 -25.91
CA PHE H 288 16.86 -52.05 -25.35
C PHE H 288 16.27 -51.56 -24.02
N LYS H 289 17.14 -51.05 -23.15
CA LYS H 289 16.69 -50.45 -21.90
C LYS H 289 16.20 -49.03 -22.17
N MET H 290 15.21 -48.94 -23.04
CA MET H 290 14.80 -47.67 -23.62
C MET H 290 13.29 -47.57 -23.66
N SER H 291 12.77 -46.39 -23.35
CA SER H 291 11.35 -46.10 -23.47
C SER H 291 11.18 -44.76 -24.17
N LYS H 292 10.00 -44.51 -24.71
CA LYS H 292 9.74 -43.33 -25.52
C LYS H 292 9.14 -42.21 -24.67
N MET H 293 9.50 -40.98 -25.02
CA MET H 293 8.86 -39.79 -24.49
C MET H 293 8.86 -38.71 -25.57
N VAL H 294 7.92 -37.80 -25.43
CA VAL H 294 7.87 -36.61 -26.27
C VAL H 294 8.41 -35.45 -25.45
N LEU H 295 8.93 -34.44 -26.12
CA LEU H 295 9.50 -33.28 -25.45
C LEU H 295 9.03 -32.00 -26.12
N PRO H 296 8.42 -31.08 -25.38
CA PRO H 296 7.91 -29.85 -25.98
C PRO H 296 8.92 -28.72 -25.96
N ILE H 297 8.82 -27.86 -26.98
CA ILE H 297 9.69 -26.70 -27.12
C ILE H 297 8.77 -25.50 -27.33
N PHE H 298 8.60 -24.67 -26.30
CA PHE H 298 7.81 -23.45 -26.42
C PHE H 298 8.73 -22.28 -26.77
N ASP H 299 9.20 -22.32 -28.02
CA ASP H 299 10.15 -21.33 -28.52
C ASP H 299 9.41 -20.05 -28.91
N GLU H 300 10.12 -19.13 -29.57
CA GLU H 300 9.52 -17.87 -29.98
C GLU H 300 8.41 -18.05 -31.00
N ASP H 301 8.41 -19.16 -31.75
CA ASP H 301 7.37 -19.40 -32.72
C ASP H 301 6.02 -19.68 -32.07
N ASP H 302 6.00 -19.98 -30.77
CA ASP H 302 4.79 -20.29 -30.01
C ASP H 302 4.04 -21.48 -30.60
N ASN H 303 4.73 -22.30 -31.38
CA ASN H 303 4.13 -23.49 -31.97
C ASN H 303 4.34 -24.70 -31.06
N GLN H 304 3.53 -25.73 -31.31
CA GLN H 304 3.56 -26.94 -30.48
C GLN H 304 4.65 -27.88 -31.01
N PHE H 305 5.89 -27.39 -30.95
CA PHE H 305 7.02 -28.13 -31.51
C PHE H 305 7.40 -29.26 -30.56
N LYS H 306 7.26 -30.50 -31.04
CA LYS H 306 7.53 -31.69 -30.24
C LYS H 306 8.68 -32.47 -30.86
N MET H 307 9.66 -32.81 -30.04
CA MET H 307 10.75 -33.71 -30.43
C MET H 307 10.62 -35.02 -29.64
N THR H 308 11.51 -35.95 -29.94
CA THR H 308 11.48 -37.28 -29.33
C THR H 308 12.68 -37.46 -28.42
N ILE H 309 12.44 -38.00 -27.22
CA ILE H 309 13.49 -38.30 -26.26
C ILE H 309 13.24 -39.70 -25.71
N ALA H 310 14.25 -40.24 -25.06
CA ALA H 310 14.22 -41.61 -24.58
C ALA H 310 14.33 -41.66 -23.06
N ARG H 311 14.15 -42.87 -22.53
CA ARG H 311 14.10 -43.15 -21.11
C ARG H 311 14.91 -44.40 -20.78
N HIS H 312 15.75 -44.32 -19.74
CA HIS H 312 16.44 -45.49 -19.24
C HIS H 312 15.47 -46.49 -18.63
N LEU H 313 15.84 -47.76 -18.69
CA LEU H 313 15.16 -48.81 -17.93
C LEU H 313 16.12 -49.52 -16.99
N VAL H 314 17.24 -48.89 -16.67
CA VAL H 314 18.27 -49.47 -15.83
C VAL H 314 18.40 -48.63 -14.56
N GLY H 315 18.54 -49.31 -13.43
CA GLY H 315 18.64 -48.65 -12.14
C GLY H 315 20.07 -48.32 -11.74
N ASN H 316 20.49 -48.84 -10.59
CA ASN H 316 21.84 -48.56 -10.10
C ASN H 316 22.59 -49.85 -9.78
N LYS H 317 21.86 -50.90 -9.42
CA LYS H 317 22.49 -52.15 -9.00
C LYS H 317 23.25 -52.80 -10.15
N GLU H 318 22.66 -52.81 -11.35
CA GLU H 318 23.31 -53.43 -12.48
C GLU H 318 24.44 -52.55 -13.00
N ARG H 319 25.62 -53.15 -13.20
CA ARG H 319 26.81 -52.45 -13.64
C ARG H 319 27.34 -53.08 -14.93
N GLY H 320 28.29 -52.40 -15.54
CA GLY H 320 28.98 -52.96 -16.68
C GLY H 320 28.09 -53.09 -17.90
N ILE H 321 28.16 -54.26 -18.55
CA ILE H 321 27.45 -54.49 -19.80
C ILE H 321 25.94 -54.42 -19.59
N LYS H 322 25.47 -54.68 -18.37
CA LYS H 322 24.04 -54.55 -18.08
C LYS H 322 23.54 -53.13 -18.25
N ARG H 323 24.43 -52.13 -18.15
CA ARG H 323 24.01 -50.75 -18.27
C ARG H 323 23.94 -50.26 -19.71
N ILE H 324 24.33 -51.10 -20.68
CA ILE H 324 24.31 -50.67 -22.07
C ILE H 324 22.87 -50.50 -22.54
N LEU H 325 22.68 -49.60 -23.49
CA LEU H 325 21.38 -49.37 -24.11
C LEU H 325 21.37 -49.79 -25.58
N ILE H 326 22.34 -49.31 -26.36
CA ILE H 326 22.47 -49.75 -27.75
C ILE H 326 23.92 -50.16 -27.98
N PRO H 327 24.22 -51.45 -28.04
CA PRO H 327 25.60 -51.87 -28.26
C PRO H 327 26.04 -51.62 -29.70
N SER H 328 27.34 -51.51 -29.88
CA SER H 328 27.91 -51.37 -31.20
C SER H 328 27.97 -52.73 -31.89
N ALA H 329 28.44 -52.73 -33.14
CA ALA H 329 28.54 -53.97 -33.89
C ALA H 329 29.61 -54.90 -33.34
N THR H 330 30.53 -54.38 -32.53
CA THR H 330 31.63 -55.20 -32.03
C THR H 330 31.16 -56.15 -30.94
N ASN H 331 30.30 -55.69 -30.03
CA ASN H 331 30.02 -56.40 -28.79
C ASN H 331 28.52 -56.50 -28.54
N TYR H 332 27.75 -56.90 -29.55
CA TYR H 332 26.33 -57.13 -29.31
C TYR H 332 25.96 -58.60 -29.25
N GLN H 333 26.83 -59.51 -29.71
CA GLN H 333 26.57 -60.93 -29.58
C GLN H 333 26.31 -61.31 -28.12
N ASP H 334 27.18 -60.88 -27.22
CA ASP H 334 27.08 -61.29 -25.82
C ASP H 334 25.90 -60.62 -25.13
N VAL H 335 25.70 -59.32 -25.36
CA VAL H 335 24.65 -58.61 -24.64
C VAL H 335 23.27 -59.04 -25.11
N PHE H 336 23.09 -59.22 -26.42
CA PHE H 336 21.76 -59.57 -26.91
C PHE H 336 21.41 -61.03 -26.73
N ASN H 337 22.41 -61.90 -26.53
CA ASN H 337 22.18 -63.35 -26.41
C ASN H 337 21.35 -63.86 -27.58
N LEU H 338 21.96 -63.74 -28.76
CA LEU H 338 21.26 -63.98 -30.02
C LEU H 338 20.62 -65.36 -30.06
N ASN H 339 21.30 -66.37 -29.49
CA ASN H 339 20.79 -67.74 -29.57
C ASN H 339 19.43 -67.90 -28.91
N SER H 340 19.09 -67.06 -27.94
CA SER H 340 17.78 -67.14 -27.29
C SER H 340 16.65 -66.79 -28.24
N MET H 341 16.95 -65.99 -29.26
CA MET H 341 15.95 -65.41 -30.13
C MET H 341 15.54 -66.41 -31.21
N MET H 342 14.48 -66.07 -31.93
CA MET H 342 14.11 -66.83 -33.12
C MET H 342 14.88 -66.31 -34.33
N GLN H 343 14.97 -67.16 -35.37
CA GLN H 343 15.81 -66.84 -36.52
C GLN H 343 15.35 -65.58 -37.24
N ALA H 344 14.05 -65.33 -37.26
CA ALA H 344 13.58 -64.05 -37.80
C ALA H 344 14.24 -62.89 -37.07
N GLU H 345 14.33 -62.99 -35.74
CA GLU H 345 14.89 -61.89 -34.96
C GLU H 345 16.41 -61.83 -35.04
N GLN H 346 17.10 -62.97 -35.12
CA GLN H 346 18.54 -62.91 -35.39
C GLN H 346 18.81 -62.27 -36.75
N LEU H 347 18.04 -62.64 -37.77
CA LEU H 347 18.22 -62.03 -39.08
C LEU H 347 17.96 -60.53 -39.03
N ILE H 348 16.91 -60.11 -38.34
CA ILE H 348 16.63 -58.68 -38.21
C ILE H 348 17.78 -57.97 -37.52
N PHE H 349 18.30 -58.56 -36.43
CA PHE H 349 19.39 -57.92 -35.70
C PHE H 349 20.66 -57.82 -36.53
N HIS H 350 20.99 -58.88 -37.27
CA HIS H 350 22.18 -58.83 -38.12
C HIS H 350 22.02 -57.83 -39.25
N LEU H 351 20.81 -57.72 -39.82
CA LEU H 351 20.57 -56.70 -40.83
C LEU H 351 20.71 -55.30 -40.25
N ILE H 352 20.23 -55.11 -39.01
CA ILE H 352 20.40 -53.83 -38.33
C ILE H 352 21.88 -53.54 -38.13
N TYR H 353 22.66 -54.56 -37.81
CA TYR H 353 24.07 -54.38 -37.47
C TYR H 353 24.99 -54.68 -38.64
N ASN H 354 24.45 -54.96 -39.83
CA ASN H 354 25.24 -55.18 -41.05
C ASN H 354 26.25 -56.31 -40.87
N ASN H 355 25.75 -57.46 -40.44
CA ASN H 355 26.58 -58.67 -40.34
C ASN H 355 26.28 -59.55 -41.55
N GLU H 356 26.95 -59.25 -42.65
CA GLU H 356 26.72 -60.00 -43.89
C GLU H 356 27.11 -61.46 -43.71
N ASN H 357 28.18 -61.73 -42.97
CA ASN H 357 28.60 -63.11 -42.73
C ASN H 357 27.53 -63.89 -41.97
N ALA H 358 26.94 -63.27 -40.94
CA ALA H 358 25.90 -63.94 -40.17
C ALA H 358 24.67 -64.22 -41.02
N VAL H 359 24.29 -63.26 -41.86
CA VAL H 359 23.16 -63.47 -42.77
C VAL H 359 23.46 -64.60 -43.74
N ASN H 360 24.69 -64.64 -44.27
CA ASN H 360 25.05 -65.72 -45.19
C ASN H 360 24.98 -67.07 -44.48
N THR H 361 25.47 -67.15 -43.24
CA THR H 361 25.42 -68.41 -42.51
C THR H 361 23.98 -68.84 -42.25
N ILE H 362 23.13 -67.91 -41.81
CA ILE H 362 21.75 -68.29 -41.51
C ILE H 362 21.03 -68.70 -42.78
N CYS H 363 21.34 -68.06 -43.91
CA CYS H 363 20.69 -68.42 -45.16
C CYS H 363 21.15 -69.77 -45.68
N ASP H 364 22.45 -70.07 -45.63
CA ASP H 364 22.91 -71.32 -46.23
C ASP H 364 22.84 -72.50 -45.25
N ASN H 365 22.52 -72.26 -43.98
CA ASN H 365 22.20 -73.38 -43.10
C ASN H 365 20.70 -73.53 -42.86
N LEU H 366 19.90 -72.50 -43.16
CA LEU H 366 18.46 -72.62 -43.06
C LEU H 366 17.86 -73.47 -44.18
N LYS H 367 18.51 -73.50 -45.34
CA LYS H 367 18.03 -74.31 -46.45
C LYS H 367 18.07 -75.80 -46.15
N TYR H 368 18.82 -76.21 -45.13
CA TYR H 368 18.92 -77.62 -44.79
C TYR H 368 17.61 -78.17 -44.21
N THR H 369 16.74 -77.31 -43.70
CA THR H 369 15.51 -77.78 -43.08
C THR H 369 14.54 -78.31 -44.12
N GLU H 370 13.60 -79.14 -43.65
CA GLU H 370 12.59 -79.71 -44.53
C GLU H 370 11.41 -78.75 -44.68
N GLY H 371 10.72 -78.88 -45.81
CA GLY H 371 9.63 -77.97 -46.10
C GLY H 371 10.06 -76.55 -46.37
N PHE H 372 11.33 -76.36 -46.73
CA PHE H 372 11.86 -75.01 -46.91
C PHE H 372 11.19 -74.31 -48.09
N THR H 373 11.18 -74.97 -49.26
CA THR H 373 10.68 -74.33 -50.47
C THR H 373 9.16 -74.11 -50.41
N SER H 374 8.45 -74.90 -49.60
CA SER H 374 7.00 -74.79 -49.53
C SER H 374 6.57 -73.39 -49.10
N ASN H 375 6.95 -72.99 -47.89
CA ASN H 375 6.61 -71.67 -47.38
C ASN H 375 7.75 -70.96 -46.66
N THR H 376 8.82 -71.66 -46.29
CA THR H 376 9.91 -71.00 -45.56
C THR H 376 10.58 -69.95 -46.44
N GLN H 377 10.82 -70.28 -47.71
CA GLN H 377 11.41 -69.30 -48.62
C GLN H 377 10.51 -68.07 -48.76
N ARG H 378 9.20 -68.28 -48.92
CA ARG H 378 8.31 -67.14 -49.09
C ARG H 378 8.26 -66.28 -47.83
N VAL H 379 8.22 -66.90 -46.66
CA VAL H 379 8.12 -66.11 -45.42
C VAL H 379 9.43 -65.39 -45.13
N ILE H 380 10.57 -66.03 -45.39
CA ILE H 380 11.84 -65.33 -45.18
C ILE H 380 11.99 -64.22 -46.21
N HIS H 381 11.47 -64.42 -47.42
CA HIS H 381 11.44 -63.35 -48.40
C HIS H 381 10.63 -62.17 -47.90
N SER H 382 9.45 -62.43 -47.34
CA SER H 382 8.61 -61.35 -46.84
C SER H 382 9.30 -60.60 -45.70
N VAL H 383 9.86 -61.34 -44.74
CA VAL H 383 10.47 -60.68 -43.58
C VAL H 383 11.71 -59.89 -43.99
N TYR H 384 12.54 -60.46 -44.87
CA TYR H 384 13.73 -59.76 -45.30
C TYR H 384 13.37 -58.52 -46.10
N ALA H 385 12.34 -58.62 -46.95
CA ALA H 385 11.93 -57.48 -47.75
C ALA H 385 11.41 -56.35 -46.86
N THR H 386 10.57 -56.67 -45.88
CA THR H 386 10.04 -55.60 -45.04
C THR H 386 11.13 -55.02 -44.14
N THR H 387 12.07 -55.86 -43.68
CA THR H 387 13.18 -55.36 -42.88
C THR H 387 14.05 -54.41 -43.70
N LYS H 388 14.34 -54.76 -44.95
CA LYS H 388 15.14 -53.85 -45.79
C LYS H 388 14.35 -52.59 -46.13
N SER H 389 13.03 -52.70 -46.27
CA SER H 389 12.22 -51.51 -46.49
C SER H 389 12.31 -50.57 -45.30
N ILE H 390 12.27 -51.12 -44.08
CA ILE H 390 12.42 -50.29 -42.89
C ILE H 390 13.83 -49.72 -42.78
N LEU H 391 14.83 -50.51 -43.17
CA LEU H 391 16.22 -50.10 -42.98
C LEU H 391 16.64 -49.02 -43.98
N ASP H 392 16.25 -49.16 -45.25
CA ASP H 392 16.74 -48.28 -46.29
C ASP H 392 16.17 -46.87 -46.17
N THR H 393 14.94 -46.72 -45.69
CA THR H 393 14.37 -45.39 -45.50
C THR H 393 15.07 -44.62 -44.40
N THR H 394 15.90 -45.28 -43.58
CA THR H 394 16.67 -44.63 -42.55
C THR H 394 18.16 -44.56 -42.89
N ASN H 395 18.53 -44.89 -44.12
CA ASN H 395 19.93 -44.99 -44.52
C ASN H 395 20.62 -43.64 -44.32
N PRO H 396 21.83 -43.59 -43.75
CA PRO H 396 22.44 -42.29 -43.42
C PRO H 396 22.96 -41.52 -44.63
N ASN H 397 22.75 -42.02 -45.85
CA ASN H 397 23.08 -41.26 -47.04
C ASN H 397 22.23 -40.01 -47.16
N THR H 398 22.86 -38.84 -47.05
CA THR H 398 22.15 -37.58 -46.86
C THR H 398 21.01 -37.43 -47.86
N PHE H 399 19.90 -36.89 -47.39
CA PHE H 399 18.69 -36.83 -48.19
C PHE H 399 18.89 -35.92 -49.39
N CYS H 400 18.46 -36.40 -50.56
CA CYS H 400 18.57 -35.70 -51.84
C CYS H 400 19.88 -34.94 -52.00
N GLU H 407 19.41 -29.32 -40.02
CA GLU H 407 19.66 -30.30 -38.97
C GLU H 407 21.12 -30.75 -38.97
N LEU H 408 21.79 -30.53 -37.85
CA LEU H 408 23.18 -30.95 -37.67
C LEU H 408 23.36 -31.45 -36.26
N ARG H 409 23.67 -32.73 -36.10
CA ARG H 409 23.69 -33.38 -34.80
C ARG H 409 25.13 -33.73 -34.40
N PHE H 410 25.49 -33.42 -33.15
CA PHE H 410 26.77 -33.78 -32.59
C PHE H 410 26.54 -34.47 -31.26
N PHE H 411 27.51 -35.30 -30.86
CA PHE H 411 27.42 -36.05 -29.61
C PHE H 411 28.55 -35.71 -28.65
N ASP H 412 29.31 -34.65 -28.93
CA ASP H 412 30.38 -34.22 -28.04
C ASP H 412 30.48 -32.70 -28.10
N VAL H 413 30.98 -32.12 -27.02
CA VAL H 413 31.12 -30.66 -26.92
C VAL H 413 32.57 -30.33 -27.26
N THR H 414 32.83 -30.13 -28.55
CA THR H 414 34.14 -29.73 -29.05
C THR H 414 33.91 -28.74 -30.18
N ASN H 415 34.23 -27.46 -29.92
CA ASN H 415 34.00 -26.38 -30.88
C ASN H 415 32.53 -26.34 -31.31
N ALA H 416 31.67 -26.03 -30.33
CA ALA H 416 30.22 -26.07 -30.54
C ALA H 416 29.81 -25.21 -31.73
N ARG H 417 30.39 -24.03 -31.88
CA ARG H 417 30.10 -23.15 -33.01
C ARG H 417 30.96 -23.52 -34.22
N ALA H 418 30.93 -24.80 -34.58
CA ALA H 418 31.70 -25.32 -35.71
C ALA H 418 31.21 -26.74 -35.99
N LEU H 419 31.82 -27.38 -36.98
CA LEU H 419 31.50 -28.74 -37.35
C LEU H 419 32.36 -29.77 -36.62
N ARG H 420 33.23 -29.32 -35.72
CA ARG H 420 34.11 -30.24 -35.01
C ARG H 420 33.31 -31.14 -34.07
N GLY H 421 33.70 -32.41 -34.01
CA GLY H 421 33.06 -33.36 -33.13
C GLY H 421 34.07 -34.31 -32.54
N GLY H 422 33.68 -34.91 -31.41
CA GLY H 422 34.55 -35.83 -30.71
C GLY H 422 34.56 -37.21 -31.34
N ALA H 423 35.28 -38.11 -30.69
CA ALA H 423 35.34 -39.49 -31.17
C ALA H 423 33.97 -40.16 -31.13
N GLY H 424 33.10 -39.70 -30.23
CA GLY H 424 31.76 -40.25 -30.17
C GLY H 424 30.99 -40.06 -31.46
N ASP H 425 31.09 -38.87 -32.05
CA ASP H 425 30.39 -38.61 -33.31
C ASP H 425 30.93 -39.49 -34.44
N GLN H 426 32.26 -39.62 -34.54
CA GLN H 426 32.82 -40.39 -35.64
C GLN H 426 32.55 -41.88 -35.48
N LEU H 427 32.46 -42.38 -34.24
CA LEU H 427 32.08 -43.77 -34.07
C LEU H 427 30.58 -43.96 -34.26
N PHE H 428 29.77 -42.95 -33.93
CA PHE H 428 28.33 -43.02 -34.15
C PHE H 428 28.00 -43.03 -35.63
N ASN H 429 28.81 -42.36 -36.45
CA ASN H 429 28.62 -42.44 -37.90
C ASN H 429 28.78 -43.86 -38.41
N ASN H 430 29.45 -44.74 -37.65
CA ASN H 430 29.68 -46.10 -38.11
C ASN H 430 28.47 -47.02 -37.97
N TYR H 431 27.46 -46.64 -37.17
CA TYR H 431 26.28 -47.48 -37.08
C TYR H 431 25.45 -47.38 -38.35
N SER H 432 24.61 -48.40 -38.55
CA SER H 432 23.77 -48.46 -39.74
C SER H 432 22.68 -47.39 -39.68
N GLY H 433 21.85 -47.37 -40.73
CA GLY H 433 20.82 -46.35 -40.83
C GLY H 433 19.79 -46.45 -39.72
N PHE H 434 19.29 -47.65 -39.46
CA PHE H 434 18.30 -47.81 -38.41
C PHE H 434 18.88 -47.49 -37.04
N LEU H 435 20.11 -47.93 -36.78
CA LEU H 435 20.73 -47.64 -35.50
C LEU H 435 20.93 -46.14 -35.32
N GLN H 436 21.41 -45.47 -36.36
CA GLN H 436 21.61 -44.02 -36.29
C GLN H 436 20.30 -43.30 -36.07
N ASN H 437 19.24 -43.71 -36.78
CA ASN H 437 17.95 -43.07 -36.60
C ASN H 437 17.41 -43.29 -35.20
N LEU H 438 17.54 -44.51 -34.68
CA LEU H 438 17.06 -44.80 -33.33
C LEU H 438 17.83 -43.98 -32.30
N ILE H 439 19.14 -43.87 -32.45
CA ILE H 439 19.94 -43.09 -31.53
C ILE H 439 19.54 -41.61 -31.60
N ARG H 440 19.39 -41.09 -32.81
CA ARG H 440 19.06 -39.68 -32.98
C ARG H 440 17.69 -39.36 -32.38
N ARG H 441 16.70 -40.24 -32.60
CA ARG H 441 15.40 -40.02 -32.00
C ARG H 441 15.40 -40.28 -30.49
N ALA H 442 16.38 -41.05 -29.99
CA ALA H 442 16.37 -41.42 -28.59
C ALA H 442 16.98 -40.34 -27.71
N VAL H 443 18.25 -40.01 -27.93
CA VAL H 443 18.93 -39.03 -27.08
C VAL H 443 18.61 -37.63 -27.57
N ALA H 444 18.12 -36.79 -26.66
CA ALA H 444 17.90 -35.41 -27.07
C ALA H 444 19.13 -34.57 -26.72
N PRO H 445 19.48 -33.58 -27.55
CA PRO H 445 20.68 -32.79 -27.29
C PRO H 445 20.46 -31.86 -26.10
N GLU H 446 21.39 -31.90 -25.15
CA GLU H 446 21.31 -31.00 -24.00
C GLU H 446 21.50 -29.54 -24.40
N TYR H 447 22.04 -29.29 -25.58
CA TYR H 447 22.14 -27.94 -26.14
C TYR H 447 21.49 -27.92 -27.50
N LEU H 448 20.53 -27.02 -27.70
CA LEU H 448 19.82 -26.88 -28.96
C LEU H 448 20.03 -25.47 -29.49
N GLN H 449 20.26 -25.37 -30.79
CA GLN H 449 20.41 -24.08 -31.46
C GLN H 449 19.26 -23.90 -32.44
N ILE H 450 18.35 -23.00 -32.13
CA ILE H 450 17.22 -22.67 -32.99
C ILE H 450 17.48 -21.30 -33.60
N ASP H 451 17.52 -21.24 -34.93
CA ASP H 451 17.85 -20.01 -35.65
C ASP H 451 19.21 -19.51 -35.22
N THR H 452 19.24 -18.58 -34.26
CA THR H 452 20.50 -18.05 -33.75
C THR H 452 20.54 -17.98 -32.23
N GLU H 453 19.63 -18.68 -31.55
CA GLU H 453 19.56 -18.67 -30.10
C GLU H 453 19.71 -20.09 -29.56
N GLU H 454 20.02 -20.19 -28.27
CA GLU H 454 20.41 -21.44 -27.65
C GLU H 454 19.49 -21.79 -26.49
N LEU H 455 19.11 -23.06 -26.39
CA LEU H 455 18.32 -23.59 -25.30
C LEU H 455 19.04 -24.77 -24.67
N ARG H 456 19.17 -24.76 -23.34
CA ARG H 456 19.81 -25.84 -22.60
C ARG H 456 18.74 -26.57 -21.80
N PHE H 457 18.40 -27.78 -22.23
CA PHE H 457 17.36 -28.55 -21.53
C PHE H 457 17.91 -29.26 -20.31
N ARG H 458 19.12 -29.78 -20.38
CA ARG H 458 19.72 -30.53 -19.29
C ARG H 458 21.04 -29.88 -18.88
N ASN H 459 21.26 -29.82 -17.57
CA ASN H 459 22.47 -29.19 -17.05
C ASN H 459 23.72 -29.90 -17.57
N CYS H 460 23.71 -31.23 -17.54
CA CYS H 460 24.88 -32.00 -17.94
C CYS H 460 24.44 -33.39 -18.37
N ALA H 461 25.22 -33.99 -19.27
CA ALA H 461 24.79 -35.16 -20.01
C ALA H 461 24.51 -36.34 -19.09
N THR H 462 23.51 -37.14 -19.48
CA THR H 462 23.10 -38.31 -18.69
C THR H 462 23.78 -39.59 -19.17
N CYS H 463 23.57 -39.96 -20.42
CA CYS H 463 24.16 -41.16 -20.98
C CYS H 463 25.55 -40.84 -21.53
N ILE H 464 26.23 -41.85 -22.07
CA ILE H 464 27.50 -41.64 -22.76
C ILE H 464 27.57 -42.53 -24.00
N ILE H 465 28.40 -42.08 -24.93
CA ILE H 465 28.70 -42.80 -26.17
C ILE H 465 30.14 -43.27 -26.09
N ASP H 466 30.35 -44.57 -26.20
CA ASP H 466 31.69 -45.15 -26.23
C ASP H 466 31.78 -46.11 -27.42
N GLU H 467 32.95 -46.73 -27.58
CA GLU H 467 33.10 -47.76 -28.59
C GLU H 467 32.16 -48.93 -28.31
N THR H 468 31.78 -49.13 -27.05
CA THR H 468 30.81 -50.17 -26.73
C THR H 468 29.41 -49.79 -27.20
N GLY H 469 29.12 -48.50 -27.34
CA GLY H 469 27.87 -48.03 -27.89
C GLY H 469 27.27 -46.95 -27.02
N LEU H 470 25.94 -46.81 -27.14
CA LEU H 470 25.16 -45.97 -26.23
C LEU H 470 25.00 -46.73 -24.92
N VAL H 471 25.67 -46.25 -23.87
CA VAL H 471 25.59 -46.88 -22.56
C VAL H 471 25.17 -45.82 -21.54
N ALA H 472 24.26 -46.23 -20.65
CA ALA H 472 23.71 -45.32 -19.64
C ALA H 472 24.63 -45.24 -18.43
N SER H 473 25.90 -44.96 -18.67
CA SER H 473 26.87 -44.77 -17.60
C SER H 473 27.04 -43.26 -17.42
N VAL H 474 26.52 -42.75 -16.31
CA VAL H 474 26.57 -41.29 -16.08
C VAL H 474 28.02 -40.84 -15.97
N PRO H 475 28.41 -39.74 -16.60
CA PRO H 475 29.79 -39.26 -16.46
C PRO H 475 30.09 -38.84 -15.04
N ASP H 476 31.37 -39.00 -14.67
CA ASP H 476 32.02 -38.54 -13.44
C ASP H 476 31.08 -38.50 -12.23
N GLY H 477 30.50 -39.65 -11.87
CA GLY H 477 29.69 -39.73 -10.69
C GLY H 477 29.00 -41.07 -10.54
N PRO H 478 28.40 -41.30 -9.37
CA PRO H 478 27.63 -42.54 -9.17
C PRO H 478 26.40 -42.56 -10.06
N GLU H 479 25.93 -43.77 -10.34
CA GLU H 479 24.85 -43.95 -11.29
C GLU H 479 23.57 -43.28 -10.81
N LEU H 480 22.85 -42.66 -11.74
CA LEU H 480 21.62 -41.94 -11.41
C LEU H 480 20.54 -42.90 -10.91
N TYR H 481 19.79 -42.45 -9.91
CA TYR H 481 18.70 -43.26 -9.37
C TYR H 481 17.59 -43.42 -10.39
N ASN H 482 17.07 -44.64 -10.50
CA ASN H 482 15.99 -44.92 -11.43
C ASN H 482 15.02 -45.91 -10.79
N PRO H 483 13.78 -45.47 -10.51
CA PRO H 483 12.83 -46.36 -9.82
C PRO H 483 12.33 -47.51 -10.68
N ILE H 484 12.59 -47.49 -11.99
CA ILE H 484 12.16 -48.53 -12.93
C ILE H 484 10.64 -48.63 -12.93
N ARG H 485 10.06 -49.07 -11.81
CA ARG H 485 8.61 -49.17 -11.63
C ARG H 485 8.09 -50.17 -12.66
N SER H 486 7.02 -49.88 -13.38
CA SER H 486 6.48 -50.80 -14.38
C SER H 486 7.32 -50.80 -15.64
N LEU H 516 -0.04 -34.04 0.39
CA LEU H 516 1.01 -33.85 -0.61
C LEU H 516 0.55 -34.33 -1.99
N SER H 517 -0.60 -35.01 -2.02
CA SER H 517 -1.14 -35.52 -3.27
C SER H 517 -1.66 -34.40 -4.17
N GLY H 518 -1.89 -33.21 -3.61
CA GLY H 518 -2.39 -32.11 -4.42
C GLY H 518 -1.40 -31.67 -5.49
N TYR H 519 -0.12 -31.60 -5.13
CA TYR H 519 0.90 -31.21 -6.11
C TYR H 519 1.08 -32.28 -7.15
N GLU H 520 1.42 -31.86 -8.37
CA GLU H 520 1.65 -32.81 -9.45
C GLU H 520 2.88 -33.66 -9.15
N GLU H 521 2.87 -34.88 -9.69
CA GLU H 521 3.83 -35.90 -9.27
C GLU H 521 5.26 -35.50 -9.59
N TYR H 522 5.49 -34.90 -10.77
CA TYR H 522 6.83 -34.68 -11.29
C TYR H 522 7.60 -36.00 -11.28
N PRO H 523 7.31 -36.91 -12.21
CA PRO H 523 7.98 -38.21 -12.20
C PRO H 523 9.49 -38.05 -12.32
N THR H 524 10.21 -38.92 -11.61
CA THR H 524 11.66 -38.88 -11.53
C THR H 524 12.34 -39.76 -12.56
N TYR H 525 11.69 -39.99 -13.70
CA TYR H 525 12.29 -40.80 -14.75
C TYR H 525 13.52 -40.08 -15.32
N VAL H 526 14.58 -40.84 -15.56
CA VAL H 526 15.83 -40.30 -16.05
C VAL H 526 15.81 -40.37 -17.58
N PRO H 527 15.99 -39.25 -18.28
CA PRO H 527 15.92 -39.27 -19.74
C PRO H 527 17.26 -39.51 -20.41
N LEU H 528 17.27 -39.47 -21.74
CA LEU H 528 18.49 -39.60 -22.53
C LEU H 528 18.84 -38.22 -23.07
N PHE H 529 19.75 -37.53 -22.39
CA PHE H 529 20.18 -36.19 -22.78
C PHE H 529 21.67 -36.21 -23.08
N LEU H 530 22.02 -35.90 -24.33
CA LEU H 530 23.42 -35.89 -24.73
C LEU H 530 23.55 -35.18 -26.07
N GLY H 531 24.62 -34.41 -26.22
CA GLY H 531 24.97 -33.90 -27.53
C GLY H 531 24.71 -32.42 -27.76
N TYR H 532 24.51 -32.08 -29.04
CA TYR H 532 24.35 -30.70 -29.49
C TYR H 532 23.61 -30.74 -30.81
N GLN H 533 22.78 -29.74 -31.06
CA GLN H 533 22.02 -29.70 -32.30
C GLN H 533 22.02 -28.31 -32.89
N ILE H 534 22.15 -28.25 -34.21
CA ILE H 534 22.05 -27.02 -34.99
C ILE H 534 20.83 -27.14 -35.88
N ILE H 535 19.88 -26.21 -35.71
CA ILE H 535 18.62 -26.25 -36.44
C ILE H 535 18.45 -24.94 -37.19
N ASN H 536 18.11 -25.03 -38.47
CA ASN H 536 17.86 -23.87 -39.31
C ASN H 536 16.39 -23.80 -39.70
N SER H 537 15.88 -22.57 -39.81
CA SER H 537 14.49 -22.31 -40.17
C SER H 537 13.52 -22.99 -39.19
#